data_8QHL
#
_entry.id   8QHL
#
_cell.length_a   73.337
_cell.length_b   78.222
_cell.length_c   83.011
_cell.angle_alpha   88.750
_cell.angle_beta   64.703
_cell.angle_gamma   75.248
#
_symmetry.space_group_name_H-M   'P 1'
#
loop_
_entity.id
_entity.type
_entity.pdbx_description
1 polymer 'Angiotensin-converting enzyme'
2 polymer VAL-PRO-PRO
3 branched 2-acetamido-2-deoxy-beta-D-glucopyranose-(1-4)-2-acetamido-2-deoxy-beta-D-glucopyranose
4 branched beta-D-mannopyranose-(1-4)-2-acetamido-2-deoxy-beta-D-glucopyranose-(1-4)-[alpha-L-fucopyranose-(1-6)]2-acetamido-2-deoxy-beta-D-glucopyranose
5 branched beta-D-mannopyranose-(1-4)-2-acetamido-2-deoxy-beta-D-glucopyranose-(1-4)-2-acetamido-2-deoxy-beta-D-glucopyranose
6 branched alpha-L-fucopyranose-(1-6)-2-acetamido-2-deoxy-beta-D-glucopyranose
7 non-polymer 'ZINC ION'
8 non-polymer 'CHLORIDE ION'
9 non-polymer DI(HYDROXYETHYL)ETHER
10 non-polymer 1,2-ETHANEDIOL
11 non-polymer 'TETRAETHYLENE GLYCOL'
12 non-polymer 'TRIETHYLENE GLYCOL'
13 non-polymer BICINE
14 non-polymer 'MAGNESIUM ION'
15 non-polymer 'PENTAETHYLENE GLYCOL'
16 water water
#
loop_
_entity_poly.entity_id
_entity_poly.type
_entity_poly.pdbx_seq_one_letter_code
_entity_poly.pdbx_strand_id
1 'polypeptide(L)'
;LDPGLQPGQFSADEAGAQLFAQSYQSSAEQVLFQSVAASWAHDTNITAENARRQEEAALLSQEFAEAWGQKAKELYEPIW
QQFTDPQLRRIIGAVRTLGSANLPLAKRQQYNALLSQMSRIYSTAKVCLPQKTATCWSLDPDLTNILASSRSYAMLLFAW
EGWHNAAGIPLKPLYEDFTALSNEAYKQDGFTDTGAYWRSWYNSPTFEDDLEHLYQQLEPLYLNLHAFVRRALHRRYGDR
YINLRGPIPAHLLGDMWAQSWENIYDMVVPFPDKPNLDVTSTMLQQGWQATHMFRVAEEFFTSLELSPMPPEFWEGSMLE
KPADGREVVCHASAWDFYNRKDFRIKQCTRVTMDQLSTVHHEMGHIQYYLQYKDLPVSLRRGANPGFHEAIGDVLALSVS
TPEHLHKIGLLDRVTNDTESDINYLLKMALEKIAFLPFGYLVDQWRWGVFSGRTPPSRYNFDWWYLRTKYQGICPPVTRN
ETHFDAGAKFHVPNVTPYIRYFVSFVLQFQFHEALCKEAGYEGPLHQCDIYRSTKAGAKLRKVLRAGSSRPWQEVLKDMV
GLDALDAQPLLKYFQLVTQWLQEQNQQNGEVLGWPEYQWHPPLPDNYPEGIDLVTDEAEASKFVEEYD
;
B,A
2 'polypeptide(L)' VPP D,C
#
loop_
_chem_comp.id
_chem_comp.type
_chem_comp.name
_chem_comp.formula
1PE non-polymer 'PENTAETHYLENE GLYCOL' 'C10 H22 O6'
BCN non-polymer BICINE 'C6 H13 N O4'
BMA D-saccharide, beta linking beta-D-mannopyranose 'C6 H12 O6'
CL non-polymer 'CHLORIDE ION' 'Cl -1'
EDO non-polymer 1,2-ETHANEDIOL 'C2 H6 O2'
FUC L-saccharide, alpha linking alpha-L-fucopyranose 'C6 H12 O5'
MG non-polymer 'MAGNESIUM ION' 'Mg 2'
NAG D-saccharide, beta linking 2-acetamido-2-deoxy-beta-D-glucopyranose 'C8 H15 N O6'
PEG non-polymer DI(HYDROXYETHYL)ETHER 'C4 H10 O3'
PG4 non-polymer 'TETRAETHYLENE GLYCOL' 'C8 H18 O5'
PGE non-polymer 'TRIETHYLENE GLYCOL' 'C6 H14 O4'
ZN non-polymer 'ZINC ION' 'Zn 2'
#
# COMPACT_ATOMS: atom_id res chain seq x y z
N LEU A 1 -21.54 -31.79 -23.92
CA LEU A 1 -20.22 -32.50 -23.94
C LEU A 1 -20.42 -33.88 -24.59
N ASP A 2 -19.54 -34.25 -25.52
CA ASP A 2 -19.67 -35.53 -26.22
C ASP A 2 -19.82 -36.68 -25.21
N PRO A 3 -20.65 -37.72 -25.46
CA PRO A 3 -20.78 -38.82 -24.49
C PRO A 3 -19.43 -39.46 -24.11
N GLY A 4 -18.52 -39.62 -25.09
CA GLY A 4 -17.23 -40.23 -24.85
C GLY A 4 -16.39 -39.43 -23.84
N LEU A 5 -16.81 -38.19 -23.52
CA LEU A 5 -15.93 -37.28 -22.81
C LEU A 5 -16.45 -37.06 -21.40
N GLN A 6 -17.56 -37.69 -21.05
CA GLN A 6 -18.31 -37.41 -19.84
C GLN A 6 -17.88 -38.39 -18.73
N PRO A 7 -17.87 -38.02 -17.44
CA PRO A 7 -17.49 -38.98 -16.37
C PRO A 7 -18.49 -40.08 -16.11
N GLY A 8 -17.99 -41.28 -15.78
CA GLY A 8 -18.83 -42.39 -15.35
C GLY A 8 -18.91 -42.47 -13.84
N GLN A 9 -19.15 -43.65 -13.29
CA GLN A 9 -19.20 -43.89 -11.86
C GLN A 9 -17.93 -44.62 -11.41
N PHE A 10 -17.51 -44.31 -10.18
CA PHE A 10 -16.37 -44.91 -9.49
C PHE A 10 -16.79 -44.99 -8.03
N SER A 11 -16.13 -45.82 -7.22
CA SER A 11 -16.43 -45.85 -5.80
C SER A 11 -15.88 -44.61 -5.08
N ALA A 12 -16.39 -44.33 -3.88
CA ALA A 12 -15.94 -43.24 -3.04
C ALA A 12 -14.74 -43.68 -2.18
N ASP A 13 -13.53 -43.73 -2.78
CA ASP A 13 -12.37 -44.39 -2.20
C ASP A 13 -11.19 -44.32 -3.18
N GLU A 14 -10.00 -44.64 -2.68
CA GLU A 14 -8.75 -44.28 -3.35
C GLU A 14 -8.44 -45.15 -4.59
N ALA A 15 -8.95 -46.41 -4.57
CA ALA A 15 -8.78 -47.34 -5.69
C ALA A 15 -9.61 -46.81 -6.87
N GLY A 16 -10.79 -46.24 -6.56
CA GLY A 16 -11.63 -45.62 -7.59
C GLY A 16 -11.03 -44.34 -8.17
N ALA A 17 -10.46 -43.50 -7.31
CA ALA A 17 -9.89 -42.25 -7.76
C ALA A 17 -8.72 -42.52 -8.72
N GLN A 18 -8.05 -43.64 -8.53
CA GLN A 18 -6.98 -44.01 -9.44
C GLN A 18 -7.57 -44.26 -10.83
N LEU A 19 -8.65 -45.11 -10.87
CA LEU A 19 -9.43 -45.39 -12.07
C LEU A 19 -10.04 -44.08 -12.59
N PHE A 20 -10.60 -43.23 -11.70
CA PHE A 20 -11.09 -41.88 -12.07
C PHE A 20 -10.04 -41.07 -12.86
N ALA A 21 -8.82 -40.94 -12.28
CA ALA A 21 -7.78 -40.09 -12.83
C ALA A 21 -7.33 -40.67 -14.20
N GLN A 22 -7.24 -41.99 -14.34
CA GLN A 22 -6.87 -42.61 -15.61
C GLN A 22 -7.93 -42.30 -16.67
N SER A 23 -9.20 -42.47 -16.27
CA SER A 23 -10.32 -42.07 -17.10
C SER A 23 -10.29 -40.55 -17.45
N TYR A 24 -10.11 -39.67 -16.44
CA TYR A 24 -9.98 -38.23 -16.63
C TYR A 24 -8.90 -37.87 -17.66
N GLN A 25 -7.67 -38.43 -17.45
CA GLN A 25 -6.53 -38.09 -18.26
C GLN A 25 -6.83 -38.45 -19.71
N SER A 26 -7.44 -39.60 -19.84
CA SER A 26 -7.76 -40.10 -21.14
C SER A 26 -8.75 -39.14 -21.84
N SER A 27 -9.63 -38.49 -21.07
CA SER A 27 -10.57 -37.52 -21.65
C SER A 27 -9.92 -36.14 -21.82
N ALA A 28 -9.22 -35.70 -20.77
CA ALA A 28 -8.63 -34.35 -20.79
C ALA A 28 -7.68 -34.16 -21.97
N GLU A 29 -6.91 -35.21 -22.36
CA GLU A 29 -5.96 -35.07 -23.45
C GLU A 29 -6.63 -34.56 -24.71
N GLN A 30 -7.76 -35.19 -25.09
CA GLN A 30 -8.53 -34.76 -26.25
C GLN A 30 -9.04 -33.33 -26.08
N VAL A 31 -9.41 -32.92 -24.86
CA VAL A 31 -10.01 -31.59 -24.67
C VAL A 31 -8.94 -30.49 -24.77
N LEU A 32 -7.80 -30.73 -24.12
CA LEU A 32 -6.61 -29.90 -24.19
C LEU A 32 -6.13 -29.79 -25.63
N PHE A 33 -6.07 -30.92 -26.32
CA PHE A 33 -5.64 -30.86 -27.71
C PHE A 33 -6.50 -29.90 -28.52
N GLN A 34 -7.86 -30.06 -28.50
CA GLN A 34 -8.72 -29.16 -29.27
C GLN A 34 -8.60 -27.69 -28.80
N SER A 35 -8.51 -27.42 -27.48
CA SER A 35 -8.29 -26.03 -27.05
C SER A 35 -7.02 -25.41 -27.67
N VAL A 36 -5.88 -26.15 -27.55
CA VAL A 36 -4.58 -25.61 -27.87
C VAL A 36 -4.49 -25.44 -29.38
N ALA A 37 -5.06 -26.39 -30.15
CA ALA A 37 -5.14 -26.27 -31.60
C ALA A 37 -5.85 -24.97 -32.02
N ALA A 38 -7.06 -24.76 -31.47
CA ALA A 38 -7.83 -23.55 -31.79
C ALA A 38 -7.09 -22.29 -31.34
N SER A 39 -6.42 -22.30 -30.17
CA SER A 39 -5.62 -21.14 -29.80
C SER A 39 -4.47 -20.89 -30.79
N TRP A 40 -3.85 -21.98 -31.29
CA TRP A 40 -2.70 -21.83 -32.19
C TRP A 40 -3.18 -21.14 -33.48
N ALA A 41 -4.25 -21.70 -34.07
CA ALA A 41 -4.83 -21.20 -35.30
C ALA A 41 -5.18 -19.70 -35.17
N HIS A 42 -5.51 -19.24 -33.98
CA HIS A 42 -5.83 -17.84 -33.75
C HIS A 42 -4.57 -16.98 -33.57
N ASP A 43 -3.68 -17.44 -32.67
CA ASP A 43 -2.46 -16.70 -32.32
C ASP A 43 -1.49 -16.51 -33.52
N THR A 44 -1.50 -17.40 -34.51
CA THR A 44 -0.70 -17.27 -35.72
C THR A 44 -1.49 -16.62 -36.85
N ASN A 45 -2.75 -16.17 -36.59
CA ASN A 45 -3.63 -15.72 -37.67
C ASN A 45 -4.90 -15.12 -37.06
N ILE A 46 -4.79 -13.87 -36.60
CA ILE A 46 -5.86 -13.29 -35.81
C ILE A 46 -6.97 -12.88 -36.77
N THR A 47 -8.08 -13.60 -36.78
CA THR A 47 -9.26 -13.22 -37.56
C THR A 47 -10.47 -13.39 -36.64
N ALA A 48 -11.63 -12.85 -37.05
CA ALA A 48 -12.85 -12.95 -36.24
C ALA A 48 -13.32 -14.40 -36.23
N GLU A 49 -13.24 -15.05 -37.39
CA GLU A 49 -13.58 -16.46 -37.54
C GLU A 49 -12.70 -17.30 -36.59
N ASN A 50 -11.42 -16.96 -36.47
CA ASN A 50 -10.53 -17.79 -35.66
C ASN A 50 -10.85 -17.47 -34.19
N ALA A 51 -11.24 -16.22 -33.88
CA ALA A 51 -11.53 -15.97 -32.47
C ALA A 51 -12.81 -16.74 -32.04
N ARG A 52 -13.81 -16.77 -32.94
CA ARG A 52 -15.08 -17.45 -32.68
C ARG A 52 -14.79 -18.93 -32.37
N ARG A 53 -13.94 -19.55 -33.21
CA ARG A 53 -13.53 -20.94 -33.04
C ARG A 53 -12.88 -21.17 -31.67
N GLN A 54 -11.99 -20.27 -31.24
CA GLN A 54 -11.23 -20.43 -30.00
C GLN A 54 -12.21 -20.31 -28.83
N GLU A 55 -13.18 -19.41 -28.98
CA GLU A 55 -14.24 -19.30 -27.98
C GLU A 55 -15.10 -20.55 -27.85
N GLU A 56 -15.49 -21.20 -28.97
CA GLU A 56 -16.28 -22.43 -28.90
C GLU A 56 -15.42 -23.51 -28.21
N ALA A 57 -14.09 -23.53 -28.48
CA ALA A 57 -13.22 -24.48 -27.83
C ALA A 57 -13.16 -24.21 -26.33
N ALA A 58 -13.11 -22.96 -25.89
CA ALA A 58 -13.01 -22.69 -24.46
C ALA A 58 -14.31 -23.07 -23.72
N LEU A 59 -15.45 -23.00 -24.42
CA LEU A 59 -16.75 -23.40 -23.89
C LEU A 59 -16.77 -24.91 -23.67
N LEU A 60 -16.29 -25.65 -24.65
CA LEU A 60 -16.16 -27.10 -24.50
C LEU A 60 -15.32 -27.43 -23.26
N SER A 61 -14.13 -26.81 -23.14
N SER A 61 -14.15 -26.80 -23.11
CA SER A 61 -13.28 -27.00 -21.98
CA SER A 61 -13.27 -27.03 -21.98
C SER A 61 -14.02 -26.77 -20.68
C SER A 61 -13.91 -26.66 -20.64
N GLN A 62 -14.86 -25.71 -20.64
CA GLN A 62 -15.62 -25.35 -19.44
C GLN A 62 -16.66 -26.42 -19.10
N GLU A 63 -17.41 -26.94 -20.08
CA GLU A 63 -18.32 -28.01 -19.78
C GLU A 63 -17.57 -29.25 -19.26
N PHE A 64 -16.43 -29.61 -19.89
CA PHE A 64 -15.56 -30.70 -19.41
C PHE A 64 -15.18 -30.48 -17.95
N ALA A 65 -14.63 -29.30 -17.65
CA ALA A 65 -14.19 -28.92 -16.30
C ALA A 65 -15.29 -29.03 -15.25
N GLU A 66 -16.48 -28.55 -15.59
CA GLU A 66 -17.62 -28.63 -14.72
C GLU A 66 -18.02 -30.09 -14.48
N ALA A 67 -18.20 -30.87 -15.55
CA ALA A 67 -18.73 -32.22 -15.32
C ALA A 67 -17.77 -33.07 -14.44
N TRP A 68 -16.46 -33.02 -14.69
CA TRP A 68 -15.47 -33.83 -13.94
C TRP A 68 -15.19 -33.19 -12.59
N GLY A 69 -15.08 -31.84 -12.54
CA GLY A 69 -15.07 -31.07 -11.29
C GLY A 69 -16.13 -31.51 -10.30
N GLN A 70 -17.39 -31.51 -10.73
CA GLN A 70 -18.53 -31.87 -9.92
C GLN A 70 -18.49 -33.35 -9.59
N LYS A 71 -17.96 -34.18 -10.49
CA LYS A 71 -17.99 -35.60 -10.19
C LYS A 71 -16.93 -35.88 -9.13
N ALA A 72 -15.76 -35.22 -9.28
CA ALA A 72 -14.64 -35.37 -8.36
C ALA A 72 -15.03 -34.89 -6.95
N LYS A 73 -15.83 -33.84 -6.88
CA LYS A 73 -16.42 -33.45 -5.60
C LYS A 73 -17.37 -34.52 -5.10
N GLU A 74 -18.48 -34.71 -5.80
CA GLU A 74 -19.54 -35.63 -5.40
C GLU A 74 -18.99 -36.93 -4.81
N LEU A 75 -17.92 -37.52 -5.37
CA LEU A 75 -17.41 -38.81 -4.90
C LEU A 75 -16.29 -38.68 -3.86
N TYR A 76 -15.45 -37.65 -3.95
CA TYR A 76 -14.21 -37.72 -3.19
C TYR A 76 -14.01 -36.51 -2.27
N GLU A 77 -15.03 -35.65 -2.05
CA GLU A 77 -14.83 -34.42 -1.28
C GLU A 77 -14.19 -34.78 0.07
N PRO A 78 -14.83 -35.63 0.89
CA PRO A 78 -14.29 -35.95 2.23
C PRO A 78 -12.96 -36.70 2.36
N ILE A 79 -12.36 -37.24 1.28
CA ILE A 79 -11.39 -38.34 1.40
C ILE A 79 -10.11 -38.04 0.65
N TRP A 80 -10.17 -37.05 -0.25
CA TRP A 80 -9.16 -36.90 -1.26
C TRP A 80 -7.84 -36.48 -0.59
N GLN A 81 -7.98 -35.66 0.47
CA GLN A 81 -6.90 -35.04 1.24
C GLN A 81 -6.04 -36.08 1.98
N GLN A 82 -6.65 -37.26 2.26
CA GLN A 82 -6.11 -38.34 3.06
C GLN A 82 -5.56 -39.49 2.20
N PHE A 83 -5.68 -39.41 0.86
CA PHE A 83 -5.11 -40.43 -0.03
C PHE A 83 -3.65 -40.81 0.34
N THR A 84 -3.32 -42.09 0.14
CA THR A 84 -1.93 -42.56 0.27
C THR A 84 -1.05 -42.03 -0.87
N ASP A 85 -1.68 -41.86 -2.07
CA ASP A 85 -0.89 -41.62 -3.27
C ASP A 85 -0.69 -40.13 -3.37
N PRO A 86 0.54 -39.60 -3.14
CA PRO A 86 0.74 -38.14 -3.14
C PRO A 86 0.41 -37.51 -4.49
N GLN A 87 0.77 -38.19 -5.56
CA GLN A 87 0.56 -37.63 -6.90
C GLN A 87 -0.93 -37.60 -7.22
N LEU A 88 -1.65 -38.65 -6.78
CA LEU A 88 -3.11 -38.75 -6.87
C LEU A 88 -3.79 -37.66 -6.03
N ARG A 89 -3.23 -37.23 -4.87
CA ARG A 89 -3.86 -36.06 -4.23
C ARG A 89 -3.68 -34.79 -5.09
N ARG A 90 -2.51 -34.59 -5.67
CA ARG A 90 -2.39 -33.33 -6.44
C ARG A 90 -3.33 -33.40 -7.67
N ILE A 91 -3.49 -34.61 -8.27
CA ILE A 91 -4.33 -34.76 -9.43
C ILE A 91 -5.77 -34.33 -9.14
N ILE A 92 -6.34 -34.88 -8.05
CA ILE A 92 -7.69 -34.55 -7.61
C ILE A 92 -7.82 -33.09 -7.21
N GLY A 93 -6.77 -32.55 -6.59
CA GLY A 93 -6.77 -31.16 -6.15
C GLY A 93 -6.96 -30.24 -7.36
N ALA A 94 -6.19 -30.47 -8.44
CA ALA A 94 -6.37 -29.74 -9.70
C ALA A 94 -7.77 -29.93 -10.28
N VAL A 95 -8.27 -31.19 -10.35
CA VAL A 95 -9.52 -31.53 -11.04
C VAL A 95 -10.71 -30.88 -10.35
N ARG A 96 -10.62 -30.67 -9.05
CA ARG A 96 -11.77 -30.12 -8.33
C ARG A 96 -11.83 -28.57 -8.35
N THR A 97 -10.79 -27.89 -8.88
CA THR A 97 -10.74 -26.43 -8.99
C THR A 97 -11.51 -26.04 -10.26
N LEU A 98 -12.69 -25.38 -10.15
CA LEU A 98 -13.52 -25.12 -11.34
C LEU A 98 -13.13 -23.90 -12.17
N GLY A 99 -12.58 -22.85 -11.57
CA GLY A 99 -12.27 -21.60 -12.25
C GLY A 99 -13.50 -21.02 -12.96
N SER A 100 -13.27 -20.55 -14.21
CA SER A 100 -14.32 -19.95 -15.04
C SER A 100 -15.50 -20.91 -15.24
N ALA A 101 -15.25 -22.22 -15.02
CA ALA A 101 -16.38 -23.16 -15.14
C ALA A 101 -17.38 -22.98 -13.99
N ASN A 102 -17.06 -22.15 -12.99
CA ASN A 102 -18.06 -21.85 -11.98
C ASN A 102 -19.07 -20.85 -12.55
N LEU A 103 -18.74 -20.16 -13.65
CA LEU A 103 -19.69 -19.13 -14.13
C LEU A 103 -20.91 -19.74 -14.82
N PRO A 104 -22.13 -19.14 -14.74
CA PRO A 104 -23.21 -19.65 -15.58
C PRO A 104 -22.83 -19.41 -17.06
N LEU A 105 -23.58 -20.02 -17.99
CA LEU A 105 -23.23 -20.01 -19.43
C LEU A 105 -23.04 -18.59 -19.98
N ALA A 106 -24.01 -17.66 -19.78
CA ALA A 106 -23.92 -16.30 -20.28
C ALA A 106 -22.62 -15.63 -19.84
N LYS A 107 -22.17 -15.82 -18.59
CA LYS A 107 -20.96 -15.17 -18.16
C LYS A 107 -19.74 -15.95 -18.65
N ARG A 108 -19.92 -17.27 -18.96
CA ARG A 108 -18.78 -17.97 -19.57
C ARG A 108 -18.46 -17.36 -20.95
N GLN A 109 -19.52 -17.14 -21.76
CA GLN A 109 -19.42 -16.50 -23.08
C GLN A 109 -18.80 -15.09 -23.01
N GLN A 110 -19.29 -14.21 -22.11
CA GLN A 110 -18.72 -12.91 -21.86
C GLN A 110 -17.23 -12.98 -21.44
N TYR A 111 -16.89 -13.95 -20.61
CA TYR A 111 -15.49 -14.07 -20.17
C TYR A 111 -14.57 -14.48 -21.34
N ASN A 112 -15.02 -15.47 -22.12
CA ASN A 112 -14.21 -16.01 -23.22
C ASN A 112 -14.00 -14.92 -24.29
N ALA A 113 -15.06 -14.16 -24.60
CA ALA A 113 -15.04 -13.02 -25.52
C ALA A 113 -14.09 -11.90 -25.05
N LEU A 114 -14.08 -11.57 -23.74
CA LEU A 114 -13.17 -10.56 -23.22
C LEU A 114 -11.71 -11.00 -23.42
N LEU A 115 -11.42 -12.28 -23.12
CA LEU A 115 -10.04 -12.74 -23.39
C LEU A 115 -9.63 -12.53 -24.85
N SER A 116 -10.47 -12.93 -25.84
CA SER A 116 -10.22 -12.75 -27.27
C SER A 116 -9.96 -11.27 -27.61
N GLN A 117 -10.87 -10.39 -27.15
CA GLN A 117 -10.89 -8.99 -27.53
C GLN A 117 -9.66 -8.29 -26.94
N MET A 118 -9.31 -8.56 -25.66
CA MET A 118 -8.09 -7.97 -25.07
C MET A 118 -6.84 -8.44 -25.82
N SER A 119 -6.79 -9.71 -26.24
CA SER A 119 -5.58 -10.19 -26.93
C SER A 119 -5.44 -9.51 -28.30
N ARG A 120 -6.55 -9.37 -29.02
CA ARG A 120 -6.63 -8.73 -30.32
C ARG A 120 -6.16 -7.28 -30.21
N ILE A 121 -6.62 -6.54 -29.19
CA ILE A 121 -6.30 -5.12 -29.09
C ILE A 121 -4.79 -4.95 -28.90
N TYR A 122 -4.23 -5.67 -27.94
CA TYR A 122 -2.79 -5.59 -27.66
C TYR A 122 -1.95 -5.94 -28.89
N SER A 123 -2.26 -7.06 -29.57
CA SER A 123 -1.39 -7.58 -30.64
C SER A 123 -1.63 -6.91 -31.99
N THR A 124 -2.70 -6.08 -32.13
CA THR A 124 -2.90 -5.42 -33.41
C THR A 124 -2.88 -3.90 -33.27
N ALA A 125 -2.60 -3.35 -32.07
CA ALA A 125 -2.43 -1.87 -31.98
C ALA A 125 -1.24 -1.37 -32.81
N LYS A 126 -1.34 -0.16 -33.34
CA LYS A 126 -0.33 0.48 -34.19
C LYS A 126 -0.19 1.96 -33.80
N VAL A 127 1.00 2.56 -34.03
CA VAL A 127 1.23 3.99 -33.89
C VAL A 127 1.38 4.52 -35.32
N CYS A 128 0.57 5.48 -35.72
CA CYS A 128 0.61 5.99 -37.10
C CYS A 128 1.15 7.43 -37.12
N LEU A 129 1.84 7.82 -38.22
CA LEU A 129 2.21 9.16 -38.74
C LEU A 129 3.70 9.19 -39.14
N THR A 135 2.52 3.88 -43.26
CA THR A 135 2.51 5.05 -42.36
C THR A 135 2.18 4.64 -40.90
N CYS A 136 2.13 3.31 -40.55
CA CYS A 136 1.85 2.86 -39.18
C CYS A 136 2.86 1.86 -38.61
N TRP A 137 3.30 2.03 -37.36
CA TRP A 137 4.30 1.13 -36.79
C TRP A 137 3.67 0.12 -35.84
N SER A 138 4.07 -1.16 -35.90
CA SER A 138 3.65 -2.16 -34.94
C SER A 138 4.69 -2.18 -33.81
N LEU A 139 4.33 -2.82 -32.71
CA LEU A 139 5.22 -2.93 -31.57
C LEU A 139 6.48 -3.72 -31.94
N ASP A 140 6.25 -4.90 -32.54
CA ASP A 140 7.33 -5.80 -32.93
C ASP A 140 7.28 -5.97 -34.45
N PRO A 141 8.30 -5.56 -35.28
CA PRO A 141 9.58 -5.01 -34.80
C PRO A 141 9.76 -3.49 -34.67
N ASP A 142 8.83 -2.71 -35.24
CA ASP A 142 8.98 -1.28 -35.40
C ASP A 142 9.33 -0.52 -34.11
N LEU A 143 8.40 -0.47 -33.14
CA LEU A 143 8.61 0.34 -31.93
C LEU A 143 9.74 -0.24 -31.07
N THR A 144 9.87 -1.57 -31.06
CA THR A 144 11.00 -2.19 -30.41
C THR A 144 12.34 -1.58 -30.89
N ASN A 145 12.51 -1.47 -32.21
CA ASN A 145 13.74 -0.98 -32.82
C ASN A 145 13.97 0.47 -32.42
N ILE A 146 12.91 1.29 -32.43
CA ILE A 146 13.01 2.69 -32.02
C ILE A 146 13.52 2.79 -30.57
N LEU A 147 12.87 2.08 -29.62
CA LEU A 147 13.21 2.17 -28.21
C LEU A 147 14.67 1.72 -27.99
N ALA A 148 15.13 0.70 -28.76
CA ALA A 148 16.47 0.11 -28.66
C ALA A 148 17.60 0.94 -29.31
N SER A 149 17.35 1.67 -30.41
CA SER A 149 18.50 2.28 -31.07
C SER A 149 18.32 3.77 -31.44
N SER A 150 17.13 4.35 -31.27
CA SER A 150 17.03 5.80 -31.32
C SER A 150 17.59 6.40 -30.02
N ARG A 151 18.24 7.57 -30.17
CA ARG A 151 18.83 8.35 -29.09
C ARG A 151 18.29 9.78 -29.18
N SER A 152 17.17 9.90 -29.88
CA SER A 152 16.52 11.19 -29.99
C SER A 152 15.40 11.27 -28.95
N TYR A 153 15.55 12.20 -28.01
CA TYR A 153 14.63 12.35 -26.92
C TYR A 153 13.20 12.41 -27.49
N ALA A 154 13.02 13.17 -28.58
CA ALA A 154 11.72 13.48 -29.16
C ALA A 154 11.13 12.23 -29.79
N MET A 155 11.96 11.51 -30.56
CA MET A 155 11.55 10.32 -31.28
C MET A 155 11.10 9.26 -30.27
N LEU A 156 11.92 9.04 -29.25
CA LEU A 156 11.67 8.01 -28.25
C LEU A 156 10.39 8.35 -27.51
N LEU A 157 10.15 9.66 -27.27
CA LEU A 157 8.94 10.12 -26.62
C LEU A 157 7.73 9.79 -27.50
N PHE A 158 7.85 10.09 -28.79
CA PHE A 158 6.74 9.83 -29.71
C PHE A 158 6.35 8.34 -29.70
N ALA A 159 7.35 7.43 -29.70
CA ALA A 159 7.06 6.00 -29.72
C ALA A 159 6.47 5.54 -28.37
N TRP A 160 7.03 6.05 -27.25
CA TRP A 160 6.61 5.63 -25.90
C TRP A 160 5.13 6.04 -25.67
N GLU A 161 4.85 7.29 -25.95
CA GLU A 161 3.53 7.89 -25.76
C GLU A 161 2.51 7.24 -26.70
N GLY A 162 2.81 7.21 -28.01
CA GLY A 162 1.93 6.56 -28.98
C GLY A 162 1.54 5.14 -28.57
N TRP A 163 2.54 4.32 -28.14
CA TRP A 163 2.28 2.92 -27.83
C TRP A 163 1.31 2.82 -26.64
N HIS A 164 1.67 3.56 -25.56
CA HIS A 164 0.96 3.51 -24.27
C HIS A 164 -0.50 3.93 -24.50
N ASN A 165 -0.68 4.98 -25.33
CA ASN A 165 -2.00 5.55 -25.70
C ASN A 165 -2.81 4.55 -26.53
N ALA A 166 -2.19 3.95 -27.56
CA ALA A 166 -2.87 3.09 -28.52
C ALA A 166 -3.29 1.78 -27.85
N ALA A 167 -2.40 1.16 -27.04
CA ALA A 167 -2.68 -0.15 -26.48
C ALA A 167 -3.53 0.02 -25.22
N GLY A 168 -3.20 0.98 -24.35
CA GLY A 168 -3.80 1.00 -23.00
C GLY A 168 -5.24 1.55 -22.95
N ILE A 169 -5.50 2.67 -23.66
CA ILE A 169 -6.78 3.39 -23.46
C ILE A 169 -7.96 2.49 -23.81
N PRO A 170 -8.00 1.83 -24.99
CA PRO A 170 -9.15 0.98 -25.30
C PRO A 170 -9.30 -0.26 -24.42
N LEU A 171 -8.26 -0.71 -23.72
CA LEU A 171 -8.33 -1.92 -22.90
C LEU A 171 -9.04 -1.72 -21.57
N LYS A 172 -9.11 -0.47 -21.08
CA LYS A 172 -9.54 -0.22 -19.71
C LYS A 172 -10.94 -0.81 -19.41
N PRO A 173 -12.00 -0.52 -20.19
CA PRO A 173 -13.35 -1.01 -19.84
C PRO A 173 -13.42 -2.54 -19.81
N LEU A 174 -12.71 -3.19 -20.75
CA LEU A 174 -12.64 -4.64 -20.89
C LEU A 174 -11.95 -5.25 -19.63
N TYR A 175 -10.82 -4.62 -19.25
CA TYR A 175 -10.00 -5.06 -18.12
C TYR A 175 -10.84 -5.06 -16.83
N GLU A 176 -11.70 -4.04 -16.67
N GLU A 176 -11.69 -4.03 -16.67
CA GLU A 176 -12.57 -3.92 -15.53
CA GLU A 176 -12.54 -3.94 -15.51
C GLU A 176 -13.55 -5.08 -15.46
C GLU A 176 -13.56 -5.07 -15.45
N ASP A 177 -14.19 -5.38 -16.60
CA ASP A 177 -15.25 -6.40 -16.67
C ASP A 177 -14.64 -7.81 -16.47
N PHE A 178 -13.43 -8.02 -17.06
CA PHE A 178 -12.65 -9.26 -16.86
C PHE A 178 -12.34 -9.50 -15.38
N THR A 179 -11.91 -8.47 -14.63
CA THR A 179 -11.53 -8.61 -13.22
C THR A 179 -12.74 -9.04 -12.39
N ALA A 180 -13.92 -8.43 -12.64
CA ALA A 180 -15.11 -8.76 -11.85
C ALA A 180 -15.45 -10.22 -12.09
N LEU A 181 -15.45 -10.70 -13.37
CA LEU A 181 -15.86 -12.06 -13.75
C LEU A 181 -14.83 -13.09 -13.23
N SER A 182 -13.56 -12.74 -13.30
CA SER A 182 -12.53 -13.66 -12.81
C SER A 182 -12.72 -13.94 -11.31
N ASN A 183 -12.97 -12.87 -10.53
CA ASN A 183 -13.19 -12.92 -9.09
C ASN A 183 -14.46 -13.72 -8.75
N GLU A 184 -15.54 -13.48 -9.50
N GLU A 184 -15.52 -13.46 -9.51
CA GLU A 184 -16.77 -14.22 -9.26
CA GLU A 184 -16.77 -14.18 -9.39
C GLU A 184 -16.52 -15.72 -9.43
C GLU A 184 -16.52 -15.69 -9.44
N ALA A 185 -15.76 -16.11 -10.45
CA ALA A 185 -15.41 -17.52 -10.74
C ALA A 185 -14.59 -18.18 -9.61
N TYR A 186 -13.51 -17.53 -9.15
CA TYR A 186 -12.60 -18.16 -8.20
C TYR A 186 -13.16 -18.12 -6.78
N LYS A 187 -14.06 -17.16 -6.48
CA LYS A 187 -14.64 -17.06 -5.15
C LYS A 187 -15.56 -18.26 -4.88
N GLN A 188 -16.14 -18.87 -5.92
CA GLN A 188 -16.88 -20.12 -5.75
C GLN A 188 -15.94 -21.33 -5.64
N ASP A 189 -14.63 -21.15 -5.83
CA ASP A 189 -13.78 -22.27 -5.44
C ASP A 189 -13.30 -22.07 -4.00
N GLY A 190 -13.70 -21.01 -3.29
CA GLY A 190 -13.29 -20.74 -1.91
C GLY A 190 -12.13 -19.74 -1.71
N PHE A 191 -11.57 -19.11 -2.77
CA PHE A 191 -10.56 -18.08 -2.63
C PHE A 191 -11.24 -16.73 -2.45
N THR A 192 -10.60 -15.87 -1.67
CA THR A 192 -11.05 -14.48 -1.44
C THR A 192 -11.08 -13.63 -2.74
N ASP A 193 -10.23 -13.96 -3.74
CA ASP A 193 -10.04 -13.26 -5.01
C ASP A 193 -9.07 -14.05 -5.91
N THR A 194 -9.05 -13.70 -7.21
CA THR A 194 -8.20 -14.41 -8.15
C THR A 194 -6.70 -14.40 -7.75
N GLY A 195 -6.23 -13.26 -7.21
CA GLY A 195 -4.82 -13.15 -6.78
C GLY A 195 -4.47 -14.18 -5.68
N ALA A 196 -5.43 -14.47 -4.76
CA ALA A 196 -5.18 -15.48 -3.75
C ALA A 196 -5.01 -16.86 -4.40
N TYR A 197 -5.83 -17.12 -5.43
CA TYR A 197 -5.69 -18.36 -6.18
C TYR A 197 -4.32 -18.41 -6.87
N TRP A 198 -3.90 -17.34 -7.57
CA TRP A 198 -2.58 -17.37 -8.20
C TRP A 198 -1.46 -17.65 -7.20
N ARG A 199 -1.50 -16.97 -6.05
CA ARG A 199 -0.46 -17.08 -5.01
C ARG A 199 -0.43 -18.52 -4.45
N SER A 200 -1.57 -19.21 -4.41
CA SER A 200 -1.64 -20.51 -3.76
C SER A 200 -0.77 -21.54 -4.50
N TRP A 201 -0.39 -21.30 -5.76
CA TRP A 201 0.46 -22.25 -6.51
C TRP A 201 1.82 -22.44 -5.82
N TYR A 202 2.25 -21.54 -4.92
CA TYR A 202 3.61 -21.64 -4.38
C TYR A 202 3.55 -22.43 -3.09
N ASN A 203 2.31 -22.77 -2.66
CA ASN A 203 2.13 -23.61 -1.49
C ASN A 203 3.05 -23.17 -0.35
N SER A 204 2.92 -21.91 0.06
CA SER A 204 3.87 -21.38 1.02
C SER A 204 3.16 -20.38 1.93
N PRO A 205 2.97 -20.69 3.23
CA PRO A 205 2.20 -19.80 4.09
C PRO A 205 2.81 -18.39 4.20
N THR A 206 4.13 -18.24 4.07
CA THR A 206 4.74 -16.92 4.16
C THR A 206 5.28 -16.39 2.80
N PHE A 207 4.61 -16.69 1.68
CA PHE A 207 5.13 -16.25 0.37
C PHE A 207 5.44 -14.75 0.32
N GLU A 208 4.45 -13.89 0.67
CA GLU A 208 4.63 -12.45 0.51
C GLU A 208 5.82 -11.91 1.33
N ASP A 209 5.94 -12.35 2.57
CA ASP A 209 7.07 -12.05 3.45
C ASP A 209 8.40 -12.61 2.90
N ASP A 210 8.40 -13.83 2.37
CA ASP A 210 9.60 -14.41 1.75
C ASP A 210 10.08 -13.57 0.54
N LEU A 211 9.15 -13.06 -0.29
CA LEU A 211 9.52 -12.22 -1.44
C LEU A 211 10.08 -10.91 -0.92
N GLU A 212 9.43 -10.31 0.13
CA GLU A 212 9.90 -9.03 0.64
C GLU A 212 11.33 -9.13 1.21
N HIS A 213 11.64 -10.19 2.00
CA HIS A 213 12.96 -10.45 2.52
C HIS A 213 13.98 -10.57 1.37
N LEU A 214 13.64 -11.29 0.28
CA LEU A 214 14.54 -11.37 -0.88
C LEU A 214 14.82 -9.97 -1.45
N TYR A 215 13.74 -9.22 -1.75
CA TYR A 215 13.86 -7.86 -2.31
C TYR A 215 14.77 -6.95 -1.46
N GLN A 216 14.67 -7.00 -0.11
CA GLN A 216 15.54 -6.15 0.69
C GLN A 216 17.02 -6.44 0.51
N GLN A 217 17.40 -7.68 0.20
CA GLN A 217 18.81 -8.00 0.00
C GLN A 217 19.32 -7.55 -1.39
N LEU A 218 18.41 -7.47 -2.37
CA LEU A 218 18.70 -7.13 -3.77
C LEU A 218 18.67 -5.62 -3.99
N GLU A 219 17.81 -4.90 -3.22
CA GLU A 219 17.60 -3.48 -3.50
C GLU A 219 18.91 -2.65 -3.56
N PRO A 220 19.91 -2.77 -2.65
CA PRO A 220 21.15 -2.00 -2.81
C PRO A 220 21.84 -2.17 -4.17
N LEU A 221 21.79 -3.35 -4.77
CA LEU A 221 22.49 -3.54 -6.05
C LEU A 221 21.75 -2.72 -7.12
N TYR A 222 20.41 -2.82 -7.10
CA TYR A 222 19.61 -2.02 -8.03
C TYR A 222 19.86 -0.52 -7.84
N LEU A 223 19.86 -0.03 -6.58
CA LEU A 223 20.05 1.39 -6.35
C LEU A 223 21.41 1.83 -6.91
N ASN A 224 22.48 1.01 -6.75
CA ASN A 224 23.77 1.42 -7.31
C ASN A 224 23.82 1.40 -8.85
N LEU A 225 23.30 0.34 -9.51
CA LEU A 225 23.17 0.34 -10.98
C LEU A 225 22.46 1.60 -11.50
N HIS A 226 21.30 1.90 -10.90
CA HIS A 226 20.43 3.04 -11.24
C HIS A 226 21.22 4.35 -11.23
N ALA A 227 21.94 4.63 -10.14
CA ALA A 227 22.62 5.91 -10.03
C ALA A 227 23.71 6.07 -11.12
N PHE A 228 24.36 4.95 -11.47
CA PHE A 228 25.51 4.98 -12.36
C PHE A 228 25.02 5.21 -13.79
N VAL A 229 23.94 4.50 -14.12
CA VAL A 229 23.23 4.66 -15.38
C VAL A 229 22.63 6.06 -15.54
N ARG A 230 21.92 6.55 -14.51
CA ARG A 230 21.43 7.92 -14.50
C ARG A 230 22.56 8.91 -14.87
N ARG A 231 23.76 8.74 -14.28
CA ARG A 231 24.89 9.59 -14.60
C ARG A 231 25.28 9.47 -16.10
N ALA A 232 25.35 8.24 -16.65
CA ALA A 232 25.68 8.08 -18.05
C ALA A 232 24.69 8.86 -18.91
N LEU A 233 23.39 8.71 -18.61
CA LEU A 233 22.30 9.42 -19.30
C LEU A 233 22.42 10.94 -19.21
N HIS A 234 22.78 11.46 -18.01
CA HIS A 234 22.98 12.90 -17.82
C HIS A 234 24.05 13.45 -18.80
N ARG A 235 25.11 12.65 -19.04
CA ARG A 235 26.14 13.12 -19.94
C ARG A 235 25.67 13.23 -21.38
N ARG A 236 24.66 12.48 -21.84
CA ARG A 236 24.21 12.60 -23.23
C ARG A 236 23.03 13.55 -23.36
N TYR A 237 22.11 13.52 -22.40
CA TYR A 237 20.85 14.23 -22.53
C TYR A 237 20.91 15.54 -21.78
N GLY A 238 21.84 15.69 -20.83
CA GLY A 238 22.00 17.02 -20.24
C GLY A 238 20.98 17.30 -19.13
N ASP A 239 21.13 18.46 -18.50
CA ASP A 239 20.54 18.80 -17.23
C ASP A 239 19.04 19.07 -17.37
N ARG A 240 18.56 19.35 -18.59
CA ARG A 240 17.14 19.62 -18.76
C ARG A 240 16.31 18.31 -18.65
N TYR A 241 16.83 17.17 -19.14
CA TYR A 241 15.99 15.99 -19.23
C TYR A 241 16.46 14.89 -18.27
N ILE A 242 17.59 15.08 -17.56
CA ILE A 242 17.98 14.14 -16.52
C ILE A 242 18.21 14.92 -15.23
N ASN A 243 17.59 14.44 -14.14
CA ASN A 243 17.72 15.05 -12.81
C ASN A 243 18.54 14.06 -11.96
N LEU A 244 19.77 14.43 -11.59
CA LEU A 244 20.67 13.53 -10.88
C LEU A 244 20.11 13.14 -9.49
N ARG A 245 19.01 13.78 -9.04
CA ARG A 245 18.41 13.46 -7.73
C ARG A 245 16.96 12.97 -7.82
N GLY A 246 16.52 12.70 -9.06
CA GLY A 246 15.13 12.40 -9.42
C GLY A 246 15.01 11.08 -10.18
N PRO A 247 13.77 10.61 -10.47
CA PRO A 247 13.57 9.40 -11.24
C PRO A 247 14.00 9.64 -12.70
N ILE A 248 14.34 8.53 -13.40
CA ILE A 248 14.80 8.55 -14.80
C ILE A 248 13.56 8.56 -15.69
N PRO A 249 13.49 9.43 -16.75
CA PRO A 249 12.38 9.39 -17.71
C PRO A 249 12.22 7.97 -18.29
N ALA A 250 10.98 7.41 -18.34
CA ALA A 250 10.73 5.98 -18.57
C ALA A 250 11.02 5.52 -20.00
N HIS A 251 11.33 6.45 -20.91
CA HIS A 251 11.55 6.10 -22.30
C HIS A 251 13.05 6.02 -22.71
N LEU A 252 13.99 6.22 -21.77
CA LEU A 252 15.38 6.45 -22.14
C LEU A 252 16.26 5.21 -21.90
N LEU A 253 15.69 4.04 -21.55
CA LEU A 253 16.48 2.95 -20.99
C LEU A 253 16.60 1.78 -21.98
N GLY A 254 16.10 1.97 -23.22
CA GLY A 254 16.40 0.97 -24.24
C GLY A 254 15.26 0.02 -24.60
N ASP A 255 14.13 0.11 -23.85
CA ASP A 255 13.09 -0.91 -23.84
C ASP A 255 11.74 -0.23 -23.46
N MET A 256 10.64 -0.64 -24.09
CA MET A 256 9.37 0.12 -23.97
C MET A 256 8.93 0.18 -22.49
N TRP A 257 9.29 -0.83 -21.65
CA TRP A 257 8.81 -0.88 -20.26
C TRP A 257 9.95 -0.50 -19.29
N ALA A 258 11.10 -0.01 -19.83
CA ALA A 258 12.29 0.20 -19.00
C ALA A 258 12.62 -1.04 -18.15
N GLN A 259 12.32 -2.26 -18.64
CA GLN A 259 12.44 -3.41 -17.74
C GLN A 259 13.81 -4.12 -17.87
N SER A 260 14.51 -3.89 -18.99
CA SER A 260 15.88 -4.33 -18.97
C SER A 260 16.69 -3.41 -19.87
N TRP A 261 17.93 -3.16 -19.44
CA TRP A 261 18.68 -2.02 -19.97
C TRP A 261 19.83 -2.40 -20.90
N GLU A 262 19.90 -3.66 -21.38
CA GLU A 262 21.07 -4.09 -22.14
C GLU A 262 21.28 -3.24 -23.40
N ASN A 263 20.20 -2.70 -24.02
CA ASN A 263 20.40 -1.87 -25.21
C ASN A 263 21.11 -0.55 -24.97
N ILE A 264 21.23 -0.07 -23.72
CA ILE A 264 22.03 1.13 -23.63
C ILE A 264 23.44 0.80 -23.12
N TYR A 265 23.85 -0.46 -23.26
CA TYR A 265 25.25 -0.89 -22.97
C TYR A 265 26.34 0.03 -23.55
N ASP A 266 26.22 0.48 -24.82
CA ASP A 266 27.28 1.29 -25.43
C ASP A 266 27.47 2.61 -24.68
N MET A 267 26.44 3.09 -23.94
CA MET A 267 26.57 4.34 -23.20
C MET A 267 27.25 4.12 -21.86
N VAL A 268 27.16 2.90 -21.33
CA VAL A 268 27.63 2.71 -19.96
C VAL A 268 28.93 1.88 -19.88
N VAL A 269 29.44 1.33 -20.96
CA VAL A 269 30.55 0.37 -20.88
C VAL A 269 31.84 1.02 -20.31
N PRO A 270 32.34 0.64 -19.12
CA PRO A 270 33.57 1.26 -18.59
C PRO A 270 34.88 1.05 -19.31
N PHE A 271 35.13 -0.13 -19.85
CA PHE A 271 36.42 -0.35 -20.47
C PHE A 271 36.24 -0.59 -21.98
N PRO A 272 35.89 0.47 -22.78
CA PRO A 272 35.68 0.31 -24.23
C PRO A 272 36.77 -0.27 -25.13
N ASP A 273 38.03 -0.42 -24.66
CA ASP A 273 39.10 -1.00 -25.45
C ASP A 273 39.11 -2.54 -25.47
N LYS A 274 38.24 -3.16 -24.67
CA LYS A 274 38.25 -4.61 -24.52
C LYS A 274 37.37 -5.25 -25.60
N PRO A 275 37.38 -6.58 -25.81
CA PRO A 275 36.42 -7.16 -26.75
C PRO A 275 34.97 -6.65 -26.56
N ASN A 276 34.32 -6.37 -27.69
CA ASN A 276 32.98 -5.80 -27.68
C ASN A 276 31.97 -6.92 -27.40
N LEU A 277 31.26 -6.86 -26.27
CA LEU A 277 30.51 -8.02 -25.77
C LEU A 277 29.10 -8.11 -26.33
N ASP A 278 28.63 -7.06 -27.02
CA ASP A 278 27.36 -7.21 -27.73
C ASP A 278 27.69 -7.64 -29.16
N VAL A 279 27.33 -8.88 -29.50
CA VAL A 279 27.76 -9.54 -30.72
C VAL A 279 26.72 -9.42 -31.85
N THR A 280 25.63 -8.65 -31.62
CA THR A 280 24.60 -8.43 -32.65
C THR A 280 25.22 -8.04 -34.01
N SER A 281 26.09 -7.04 -33.99
CA SER A 281 26.60 -6.62 -35.30
C SER A 281 27.36 -7.74 -36.03
N THR A 282 28.01 -8.64 -35.27
CA THR A 282 28.71 -9.79 -35.81
C THR A 282 27.77 -10.81 -36.44
N MET A 283 26.68 -11.12 -35.71
CA MET A 283 25.58 -11.95 -36.21
C MET A 283 25.06 -11.48 -37.59
N LEU A 284 24.86 -10.16 -37.72
CA LEU A 284 24.37 -9.57 -38.97
C LEU A 284 25.39 -9.73 -40.10
N GLN A 285 26.61 -9.23 -39.83
CA GLN A 285 27.74 -9.41 -40.72
C GLN A 285 27.88 -10.86 -41.19
N GLN A 286 27.64 -11.87 -40.33
CA GLN A 286 27.86 -13.26 -40.74
C GLN A 286 26.65 -13.85 -41.48
N GLY A 287 25.53 -13.12 -41.49
CA GLY A 287 24.31 -13.62 -42.12
C GLY A 287 23.46 -14.59 -41.30
N TRP A 288 23.48 -14.52 -39.94
CA TRP A 288 22.63 -15.36 -39.10
C TRP A 288 21.15 -15.08 -39.41
N GLN A 289 20.33 -16.15 -39.46
CA GLN A 289 18.87 -16.09 -39.59
C GLN A 289 18.23 -16.76 -38.38
N ALA A 290 16.88 -16.65 -38.28
CA ALA A 290 16.14 -17.33 -37.23
C ALA A 290 16.54 -18.81 -37.14
N THR A 291 16.51 -19.53 -38.27
CA THR A 291 16.63 -20.96 -38.10
C THR A 291 18.07 -21.31 -37.65
N HIS A 292 19.05 -20.47 -37.92
CA HIS A 292 20.36 -20.83 -37.37
C HIS A 292 20.36 -20.68 -35.85
N MET A 293 19.60 -19.66 -35.37
CA MET A 293 19.61 -19.32 -33.96
C MET A 293 18.97 -20.50 -33.21
N PHE A 294 17.89 -21.09 -33.78
CA PHE A 294 17.15 -22.20 -33.17
C PHE A 294 18.06 -23.46 -33.19
N ARG A 295 18.84 -23.62 -34.25
CA ARG A 295 19.74 -24.77 -34.33
C ARG A 295 20.89 -24.68 -33.33
N VAL A 296 21.37 -23.46 -33.06
CA VAL A 296 22.54 -23.35 -32.22
C VAL A 296 22.07 -23.62 -30.78
N ALA A 297 20.85 -23.14 -30.51
CA ALA A 297 20.26 -23.37 -29.20
C ALA A 297 20.03 -24.86 -28.95
N GLU A 298 19.41 -25.56 -29.92
CA GLU A 298 19.19 -27.01 -29.86
C GLU A 298 20.50 -27.78 -29.56
N GLU A 299 21.59 -27.40 -30.28
CA GLU A 299 22.88 -28.03 -30.11
C GLU A 299 23.40 -27.92 -28.67
N PHE A 300 23.17 -26.79 -27.96
CA PHE A 300 23.57 -26.69 -26.55
C PHE A 300 22.84 -27.78 -25.71
N PHE A 301 21.54 -27.96 -25.91
CA PHE A 301 20.73 -28.95 -25.21
C PHE A 301 21.25 -30.35 -25.51
N THR A 302 21.47 -30.71 -26.78
CA THR A 302 21.97 -32.03 -27.07
C THR A 302 23.38 -32.25 -26.53
N SER A 303 24.18 -31.18 -26.35
CA SER A 303 25.55 -31.33 -25.82
C SER A 303 25.47 -31.84 -24.37
N LEU A 304 24.33 -31.57 -23.69
CA LEU A 304 24.07 -32.00 -22.33
C LEU A 304 23.44 -33.40 -22.29
N GLU A 305 23.27 -34.04 -23.46
CA GLU A 305 22.50 -35.26 -23.56
C GLU A 305 21.05 -35.03 -23.14
N LEU A 306 20.51 -33.83 -23.35
CA LEU A 306 19.05 -33.63 -23.40
C LEU A 306 18.48 -33.84 -24.81
N SER A 307 17.12 -33.76 -24.99
CA SER A 307 16.57 -34.17 -26.28
C SER A 307 16.75 -33.12 -27.38
N PRO A 308 16.90 -33.56 -28.66
CA PRO A 308 16.78 -32.66 -29.82
C PRO A 308 15.31 -32.25 -30.03
N MET A 309 15.07 -31.22 -30.84
CA MET A 309 13.71 -30.91 -31.25
C MET A 309 13.16 -31.96 -32.23
N PRO A 310 11.93 -32.53 -32.03
CA PRO A 310 11.39 -33.54 -32.94
C PRO A 310 11.02 -32.97 -34.32
N PRO A 311 10.85 -33.82 -35.37
CA PRO A 311 10.44 -33.33 -36.69
C PRO A 311 9.22 -32.42 -36.64
N GLU A 312 8.23 -32.78 -35.82
CA GLU A 312 6.97 -32.03 -35.73
C GLU A 312 7.17 -30.57 -35.27
N PHE A 313 8.18 -30.33 -34.40
CA PHE A 313 8.58 -28.98 -34.02
C PHE A 313 9.11 -28.14 -35.20
N TRP A 314 9.96 -28.73 -36.09
CA TRP A 314 10.49 -27.99 -37.24
C TRP A 314 9.42 -27.72 -38.30
N GLU A 315 8.55 -28.69 -38.57
CA GLU A 315 7.50 -28.58 -39.58
C GLU A 315 6.35 -27.69 -39.09
N GLY A 316 6.13 -27.58 -37.78
CA GLY A 316 4.92 -26.89 -37.30
C GLY A 316 5.17 -25.48 -36.72
N SER A 317 6.41 -25.12 -36.37
CA SER A 317 6.66 -23.90 -35.62
C SER A 317 6.54 -22.65 -36.49
N MET A 318 6.30 -21.47 -35.85
CA MET A 318 6.34 -20.19 -36.56
C MET A 318 7.56 -19.40 -36.02
N LEU A 319 8.68 -19.33 -36.79
CA LEU A 319 9.96 -18.84 -36.26
C LEU A 319 10.30 -17.44 -36.76
N GLU A 320 9.53 -16.88 -37.75
CA GLU A 320 9.62 -15.50 -38.21
C GLU A 320 8.21 -14.85 -38.22
N LYS A 321 8.10 -13.51 -38.06
CA LYS A 321 6.83 -12.86 -38.37
C LYS A 321 6.45 -13.10 -39.84
N PRO A 322 5.21 -13.56 -40.15
CA PRO A 322 4.74 -13.71 -41.54
C PRO A 322 4.80 -12.45 -42.40
N ALA A 323 5.09 -12.63 -43.68
CA ALA A 323 5.18 -11.57 -44.67
C ALA A 323 3.85 -11.42 -45.41
N ASP A 324 3.01 -12.46 -45.38
CA ASP A 324 1.84 -12.60 -46.24
C ASP A 324 0.73 -11.65 -45.79
N GLY A 325 1.04 -10.64 -44.96
CA GLY A 325 -0.04 -9.80 -44.43
C GLY A 325 -0.73 -10.23 -43.11
N ARG A 326 -0.85 -11.53 -42.79
CA ARG A 326 -1.63 -11.95 -41.64
C ARG A 326 -1.22 -11.15 -40.40
N GLU A 327 -2.13 -11.05 -39.41
CA GLU A 327 -1.84 -10.47 -38.10
C GLU A 327 -1.54 -11.61 -37.13
N VAL A 328 -0.54 -11.44 -36.25
CA VAL A 328 -0.12 -12.48 -35.32
C VAL A 328 0.14 -11.92 -33.92
N VAL A 329 0.10 -12.78 -32.89
CA VAL A 329 0.62 -12.40 -31.58
C VAL A 329 2.14 -12.56 -31.66
N CYS A 330 2.87 -11.44 -31.58
CA CYS A 330 4.31 -11.53 -31.78
C CYS A 330 5.07 -11.92 -30.51
N HIS A 331 4.56 -11.61 -29.30
CA HIS A 331 5.20 -11.98 -28.03
C HIS A 331 5.49 -13.49 -28.04
N ALA A 332 6.73 -13.92 -27.69
CA ALA A 332 7.11 -15.33 -27.92
C ALA A 332 6.36 -16.32 -27.00
N SER A 333 6.14 -17.58 -27.43
CA SER A 333 5.54 -18.61 -26.57
C SER A 333 5.86 -19.99 -27.13
N ALA A 334 5.82 -21.02 -26.23
CA ALA A 334 6.09 -22.43 -26.50
C ALA A 334 4.82 -23.23 -26.21
N TRP A 335 4.53 -24.24 -27.04
CA TRP A 335 3.22 -24.88 -27.13
C TRP A 335 3.32 -26.39 -26.96
N ASP A 336 2.58 -26.87 -25.95
CA ASP A 336 2.38 -28.29 -25.76
C ASP A 336 0.93 -28.62 -26.15
N PHE A 337 0.73 -29.52 -27.13
CA PHE A 337 -0.58 -29.87 -27.65
C PHE A 337 -1.21 -31.03 -26.89
N TYR A 338 -0.48 -31.59 -25.91
CA TYR A 338 -1.00 -32.61 -25.01
C TYR A 338 -1.23 -33.96 -25.69
N ASN A 339 -0.63 -34.20 -26.87
CA ASN A 339 -0.79 -35.50 -27.51
C ASN A 339 0.54 -36.24 -27.45
N ARG A 340 1.54 -35.65 -26.78
CA ARG A 340 2.85 -36.28 -26.64
C ARG A 340 3.65 -36.36 -27.96
N LYS A 341 3.27 -35.60 -29.00
CA LYS A 341 3.78 -35.72 -30.34
C LYS A 341 4.12 -34.32 -30.87
N ASP A 342 3.17 -33.36 -30.73
CA ASP A 342 3.36 -32.02 -31.26
C ASP A 342 3.73 -31.02 -30.17
N PHE A 343 4.80 -30.24 -30.47
CA PHE A 343 5.35 -29.21 -29.61
C PHE A 343 5.85 -28.09 -30.53
N ARG A 344 5.58 -26.80 -30.24
CA ARG A 344 5.95 -25.77 -31.20
C ARG A 344 6.41 -24.51 -30.48
N ILE A 345 7.13 -23.66 -31.24
CA ILE A 345 7.37 -22.31 -30.77
C ILE A 345 6.76 -21.34 -31.81
N LYS A 346 6.19 -20.25 -31.30
CA LYS A 346 5.77 -19.16 -32.16
C LYS A 346 6.56 -17.93 -31.69
N GLN A 347 7.46 -17.40 -32.54
CA GLN A 347 8.28 -16.23 -32.16
C GLN A 347 8.52 -15.37 -33.41
N CYS A 348 8.32 -14.02 -33.31
CA CYS A 348 8.69 -13.09 -34.38
C CYS A 348 10.19 -12.79 -34.27
N THR A 349 11.02 -13.81 -34.54
CA THR A 349 12.44 -13.76 -34.20
C THR A 349 13.16 -12.66 -34.99
N ARG A 350 13.90 -11.77 -34.32
CA ARG A 350 14.83 -10.86 -34.99
C ARG A 350 16.30 -11.26 -34.72
N VAL A 351 17.22 -10.96 -35.65
CA VAL A 351 18.63 -11.35 -35.52
C VAL A 351 19.40 -10.39 -34.60
N THR A 352 19.35 -10.66 -33.27
CA THR A 352 20.00 -9.85 -32.25
C THR A 352 20.49 -10.77 -31.11
N MET A 353 21.45 -10.29 -30.31
CA MET A 353 21.99 -11.09 -29.23
C MET A 353 20.91 -11.34 -28.14
N ASP A 354 20.07 -10.35 -27.78
CA ASP A 354 19.11 -10.65 -26.72
C ASP A 354 18.02 -11.59 -27.25
N GLN A 355 17.76 -11.55 -28.55
CA GLN A 355 16.84 -12.48 -29.17
C GLN A 355 17.43 -13.91 -29.18
N LEU A 356 18.77 -14.08 -29.36
CA LEU A 356 19.37 -15.40 -29.14
C LEU A 356 19.04 -15.92 -27.73
N SER A 357 19.18 -15.07 -26.68
CA SER A 357 18.74 -15.43 -25.33
C SER A 357 17.28 -15.87 -25.25
N THR A 358 16.35 -15.06 -25.77
CA THR A 358 14.93 -15.39 -25.87
C THR A 358 14.68 -16.74 -26.56
N VAL A 359 15.39 -17.06 -27.64
CA VAL A 359 15.36 -18.40 -28.27
C VAL A 359 15.61 -19.51 -27.23
N HIS A 360 16.67 -19.35 -26.44
CA HIS A 360 17.02 -20.34 -25.39
C HIS A 360 15.90 -20.41 -24.34
N HIS A 361 15.34 -19.23 -23.89
CA HIS A 361 14.24 -19.15 -22.95
C HIS A 361 13.09 -20.07 -23.38
N GLU A 362 12.64 -19.89 -24.62
CA GLU A 362 11.51 -20.62 -25.16
C GLU A 362 11.90 -22.09 -25.42
N MET A 363 13.11 -22.33 -25.90
CA MET A 363 13.45 -23.76 -26.04
C MET A 363 13.54 -24.50 -24.66
N GLY A 364 13.87 -23.79 -23.54
CA GLY A 364 13.82 -24.40 -22.21
C GLY A 364 12.40 -24.92 -21.85
N HIS A 365 11.35 -24.15 -22.19
CA HIS A 365 9.97 -24.62 -22.03
C HIS A 365 9.68 -25.91 -22.84
N ILE A 366 10.08 -25.92 -24.12
CA ILE A 366 9.96 -27.13 -24.93
C ILE A 366 10.63 -28.36 -24.28
N GLN A 367 11.86 -28.16 -23.78
CA GLN A 367 12.62 -29.27 -23.25
C GLN A 367 11.85 -29.84 -22.03
N TYR A 368 11.24 -28.94 -21.20
CA TYR A 368 10.42 -29.37 -20.04
C TYR A 368 9.26 -30.26 -20.51
N TYR A 369 8.50 -29.79 -21.53
CA TYR A 369 7.42 -30.59 -22.14
C TYR A 369 7.93 -31.94 -22.66
N LEU A 370 9.15 -32.00 -23.26
CA LEU A 370 9.62 -33.29 -23.80
C LEU A 370 9.93 -34.28 -22.68
N GLN A 371 10.45 -33.76 -21.56
CA GLN A 371 10.92 -34.64 -20.50
C GLN A 371 9.75 -35.20 -19.67
N TYR A 372 8.63 -34.46 -19.55
CA TYR A 372 7.57 -34.85 -18.62
C TYR A 372 6.33 -35.39 -19.35
N LYS A 373 6.44 -35.64 -20.67
CA LYS A 373 5.29 -35.92 -21.50
C LYS A 373 4.61 -37.26 -21.15
N ASP A 374 5.26 -38.08 -20.32
CA ASP A 374 4.66 -39.33 -19.88
C ASP A 374 4.00 -39.24 -18.49
N LEU A 375 4.03 -38.11 -17.81
CA LEU A 375 3.31 -38.03 -16.56
C LEU A 375 1.80 -37.88 -16.87
N PRO A 376 0.89 -38.24 -15.92
CA PRO A 376 -0.50 -37.81 -16.01
C PRO A 376 -0.63 -36.34 -16.32
N VAL A 377 -1.61 -36.00 -17.16
CA VAL A 377 -1.69 -34.68 -17.74
C VAL A 377 -1.68 -33.61 -16.64
N SER A 378 -2.33 -33.84 -15.46
CA SER A 378 -2.40 -32.79 -14.43
C SER A 378 -1.00 -32.40 -13.90
N LEU A 379 -0.03 -33.34 -13.94
CA LEU A 379 1.30 -33.11 -13.43
C LEU A 379 2.29 -32.55 -14.49
N ARG A 380 1.80 -32.27 -15.70
CA ARG A 380 2.64 -31.75 -16.79
C ARG A 380 2.74 -30.24 -16.64
N ARG A 381 3.50 -29.81 -15.61
CA ARG A 381 3.74 -28.40 -15.32
C ARG A 381 5.09 -28.29 -14.63
N GLY A 382 5.53 -27.06 -14.37
CA GLY A 382 6.78 -26.88 -13.66
C GLY A 382 6.55 -27.25 -12.17
N ALA A 383 7.61 -27.53 -11.42
CA ALA A 383 7.40 -27.75 -10.01
C ALA A 383 6.73 -26.51 -9.36
N ASN A 384 7.09 -25.30 -9.79
CA ASN A 384 6.22 -24.14 -9.68
C ASN A 384 6.34 -23.35 -10.98
N PRO A 385 5.56 -22.27 -11.22
CA PRO A 385 5.75 -21.51 -12.47
C PRO A 385 7.12 -20.84 -12.79
N GLY A 386 7.79 -20.33 -11.75
CA GLY A 386 9.15 -19.87 -11.74
C GLY A 386 10.19 -20.89 -12.26
N PHE A 387 10.04 -22.18 -11.91
CA PHE A 387 10.93 -23.22 -12.47
C PHE A 387 10.79 -23.26 -14.00
N HIS A 388 9.57 -23.24 -14.56
CA HIS A 388 9.40 -23.32 -16.01
C HIS A 388 10.05 -22.11 -16.69
N GLU A 389 9.89 -20.89 -16.13
CA GLU A 389 10.49 -19.70 -16.73
C GLU A 389 12.04 -19.71 -16.64
N ALA A 390 12.66 -20.50 -15.74
CA ALA A 390 14.09 -20.33 -15.47
C ALA A 390 14.98 -21.27 -16.33
N ILE A 391 14.40 -22.36 -16.87
CA ILE A 391 15.20 -23.43 -17.51
C ILE A 391 16.11 -22.84 -18.63
N GLY A 392 15.47 -22.20 -19.63
CA GLY A 392 16.20 -21.68 -20.78
C GLY A 392 17.20 -20.57 -20.42
N ASP A 393 16.81 -19.70 -19.47
CA ASP A 393 17.64 -18.65 -18.91
C ASP A 393 18.95 -19.22 -18.32
N VAL A 394 18.88 -20.33 -17.60
CA VAL A 394 20.10 -20.95 -17.06
C VAL A 394 21.10 -21.25 -18.19
N LEU A 395 20.66 -21.93 -19.25
CA LEU A 395 21.60 -22.22 -20.35
C LEU A 395 22.16 -20.94 -20.97
N ALA A 396 21.27 -19.92 -21.22
CA ALA A 396 21.64 -18.62 -21.77
C ALA A 396 22.72 -18.01 -20.90
N LEU A 397 22.81 -18.37 -19.59
CA LEU A 397 23.91 -17.77 -18.82
C LEU A 397 25.30 -18.31 -19.26
N SER A 398 25.38 -19.60 -19.65
CA SER A 398 26.62 -20.18 -20.18
C SER A 398 26.95 -19.61 -21.56
N VAL A 399 25.93 -19.53 -22.43
CA VAL A 399 26.05 -19.08 -23.81
C VAL A 399 26.69 -17.68 -23.91
N SER A 400 26.33 -16.76 -23.00
CA SER A 400 26.80 -15.40 -23.16
C SER A 400 28.19 -15.17 -22.54
N THR A 401 28.73 -16.12 -21.77
CA THR A 401 30.12 -15.93 -21.37
C THR A 401 31.03 -15.70 -22.60
N PRO A 402 32.02 -14.79 -22.46
CA PRO A 402 33.00 -14.55 -23.52
C PRO A 402 33.68 -15.80 -24.11
N GLU A 403 34.03 -16.77 -23.25
CA GLU A 403 34.64 -17.99 -23.79
C GLU A 403 33.69 -18.81 -24.68
N HIS A 404 32.41 -18.89 -24.29
CA HIS A 404 31.48 -19.67 -25.09
C HIS A 404 31.28 -18.96 -26.44
N LEU A 405 31.05 -17.64 -26.40
CA LEU A 405 30.86 -16.86 -27.62
C LEU A 405 32.03 -17.05 -28.59
N HIS A 406 33.26 -17.01 -28.08
CA HIS A 406 34.42 -17.34 -28.89
C HIS A 406 34.27 -18.74 -29.50
N LYS A 407 33.81 -19.76 -28.73
CA LYS A 407 33.78 -21.09 -29.34
C LYS A 407 32.78 -21.12 -30.51
N ILE A 408 31.72 -20.33 -30.46
CA ILE A 408 30.69 -20.46 -31.51
C ILE A 408 30.85 -19.41 -32.62
N GLY A 409 32.01 -18.77 -32.68
CA GLY A 409 32.48 -17.94 -33.80
C GLY A 409 31.97 -16.49 -33.74
N LEU A 410 31.54 -16.02 -32.56
CA LEU A 410 30.88 -14.71 -32.36
C LEU A 410 31.80 -13.71 -31.65
N LEU A 411 33.02 -14.13 -31.29
CA LEU A 411 33.89 -13.18 -30.59
C LEU A 411 35.29 -13.62 -30.92
N ASP A 412 36.10 -12.71 -31.47
CA ASP A 412 37.38 -13.15 -32.00
C ASP A 412 38.40 -13.35 -30.89
N ARG A 413 38.53 -12.39 -30.00
CA ARG A 413 39.60 -12.57 -29.03
C ARG A 413 38.93 -12.84 -27.69
N VAL A 414 39.63 -13.58 -26.82
CA VAL A 414 39.12 -13.62 -25.46
C VAL A 414 40.23 -13.20 -24.51
N THR A 415 39.82 -12.50 -23.46
CA THR A 415 40.72 -11.89 -22.49
C THR A 415 40.28 -12.45 -21.13
N ASN A 416 41.21 -12.61 -20.18
CA ASN A 416 40.76 -12.97 -18.85
C ASN A 416 41.38 -11.99 -17.85
N ASP A 417 40.72 -10.83 -17.55
CA ASP A 417 41.36 -9.82 -16.72
C ASP A 417 40.28 -9.02 -16.02
N THR A 418 40.65 -8.22 -15.01
CA THR A 418 39.56 -7.65 -14.21
C THR A 418 38.69 -6.64 -15.01
N GLU A 419 39.26 -5.88 -15.98
CA GLU A 419 38.43 -4.94 -16.74
C GLU A 419 37.39 -5.68 -17.58
N SER A 420 37.80 -6.81 -18.22
CA SER A 420 36.90 -7.60 -19.05
C SER A 420 35.79 -8.16 -18.21
N ASP A 421 36.11 -8.50 -16.94
CA ASP A 421 35.11 -9.05 -16.01
C ASP A 421 34.08 -8.00 -15.60
N ILE A 422 34.55 -6.76 -15.32
CA ILE A 422 33.64 -5.66 -14.99
C ILE A 422 32.67 -5.39 -16.15
N ASN A 423 33.21 -5.31 -17.39
CA ASN A 423 32.38 -5.09 -18.57
C ASN A 423 31.29 -6.14 -18.59
N TYR A 424 31.72 -7.41 -18.44
CA TYR A 424 30.83 -8.54 -18.59
C TYR A 424 29.73 -8.41 -17.55
N LEU A 425 30.15 -8.19 -16.28
CA LEU A 425 29.18 -8.25 -15.19
C LEU A 425 28.21 -7.04 -15.26
N LEU A 426 28.70 -5.90 -15.82
CA LEU A 426 27.85 -4.74 -15.99
C LEU A 426 26.81 -5.01 -17.07
N LYS A 427 27.22 -5.60 -18.20
CA LYS A 427 26.25 -5.96 -19.22
C LYS A 427 25.17 -6.91 -18.65
N MET A 428 25.59 -7.95 -17.91
CA MET A 428 24.65 -8.89 -17.32
C MET A 428 23.75 -8.21 -16.27
N ALA A 429 24.29 -7.28 -15.49
CA ALA A 429 23.49 -6.50 -14.53
C ALA A 429 22.37 -5.69 -15.24
N LEU A 430 22.66 -5.12 -16.43
CA LEU A 430 21.66 -4.33 -17.17
C LEU A 430 20.44 -5.20 -17.54
N GLU A 431 20.69 -6.48 -17.74
CA GLU A 431 19.72 -7.47 -18.14
C GLU A 431 19.05 -8.07 -16.88
N LYS A 432 19.83 -8.40 -15.83
CA LYS A 432 19.30 -9.19 -14.72
C LYS A 432 18.95 -8.35 -13.48
N ILE A 433 19.81 -7.40 -13.08
CA ILE A 433 19.58 -6.56 -11.90
C ILE A 433 18.50 -5.51 -12.18
N ALA A 434 18.60 -4.83 -13.34
CA ALA A 434 17.60 -3.81 -13.68
C ALA A 434 16.16 -4.35 -13.67
N PHE A 435 15.96 -5.61 -14.03
CA PHE A 435 14.65 -6.26 -14.13
C PHE A 435 13.95 -6.45 -12.76
N LEU A 436 14.74 -6.69 -11.70
CA LEU A 436 14.23 -7.16 -10.41
C LEU A 436 13.07 -6.30 -9.91
N PRO A 437 13.20 -4.95 -9.80
CA PRO A 437 12.09 -4.14 -9.32
C PRO A 437 10.82 -4.34 -10.15
N PHE A 438 10.93 -4.47 -11.50
CA PHE A 438 9.75 -4.61 -12.35
C PHE A 438 9.13 -5.99 -12.14
N GLY A 439 9.96 -7.04 -12.10
CA GLY A 439 9.46 -8.38 -11.84
C GLY A 439 8.66 -8.52 -10.52
N TYR A 440 9.02 -7.73 -9.51
CA TYR A 440 8.39 -7.74 -8.21
C TYR A 440 7.10 -6.91 -8.23
N LEU A 441 7.09 -5.77 -8.95
CA LEU A 441 5.99 -4.81 -8.83
C LEU A 441 4.72 -5.20 -9.60
N VAL A 442 4.85 -5.90 -10.75
CA VAL A 442 3.70 -6.02 -11.65
C VAL A 442 2.56 -6.73 -10.91
N ASP A 443 2.86 -7.84 -10.21
CA ASP A 443 1.75 -8.52 -9.51
C ASP A 443 1.38 -7.85 -8.18
N GLN A 444 2.26 -7.01 -7.58
CA GLN A 444 1.75 -6.21 -6.47
C GLN A 444 0.58 -5.33 -6.97
N TRP A 445 0.74 -4.77 -8.19
CA TRP A 445 -0.33 -3.95 -8.81
C TRP A 445 -1.57 -4.82 -9.03
N ARG A 446 -1.39 -5.98 -9.68
CA ARG A 446 -2.52 -6.81 -10.07
C ARG A 446 -3.21 -7.49 -8.88
N TRP A 447 -2.41 -7.87 -7.84
CA TRP A 447 -3.05 -8.38 -6.62
C TRP A 447 -3.91 -7.30 -5.95
N GLY A 448 -3.53 -6.01 -6.07
CA GLY A 448 -4.33 -4.97 -5.42
C GLY A 448 -5.64 -4.74 -6.18
N VAL A 449 -5.58 -4.90 -7.51
CA VAL A 449 -6.76 -4.77 -8.37
C VAL A 449 -7.70 -5.93 -8.03
N PHE A 450 -7.19 -7.17 -7.97
CA PHE A 450 -8.13 -8.27 -7.73
C PHE A 450 -8.76 -8.19 -6.32
N SER A 451 -8.00 -7.72 -5.33
CA SER A 451 -8.53 -7.63 -3.97
C SER A 451 -9.48 -6.44 -3.82
N GLY A 452 -9.57 -5.54 -4.83
CA GLY A 452 -10.39 -4.31 -4.65
C GLY A 452 -9.66 -3.15 -3.94
N ARG A 453 -8.40 -3.35 -3.49
CA ARG A 453 -7.65 -2.20 -2.95
C ARG A 453 -7.42 -1.11 -4.02
N THR A 454 -7.25 -1.52 -5.29
CA THR A 454 -7.09 -0.60 -6.42
C THR A 454 -8.36 -0.69 -7.31
N PRO A 455 -9.42 0.14 -7.11
CA PRO A 455 -10.57 0.15 -8.04
C PRO A 455 -10.18 0.76 -9.41
N PRO A 456 -11.00 0.63 -10.47
CA PRO A 456 -10.75 1.34 -11.74
C PRO A 456 -10.38 2.81 -11.64
N SER A 457 -10.88 3.50 -10.61
CA SER A 457 -10.57 4.93 -10.46
C SER A 457 -9.13 5.21 -10.02
N ARG A 458 -8.32 4.17 -9.67
CA ARG A 458 -6.92 4.41 -9.31
C ARG A 458 -5.97 3.47 -10.05
N TYR A 459 -6.44 2.86 -11.15
CA TYR A 459 -5.56 1.88 -11.85
C TYR A 459 -4.22 2.55 -12.26
N ASN A 460 -4.26 3.77 -12.82
CA ASN A 460 -3.03 4.40 -13.31
C ASN A 460 -2.25 5.06 -12.18
N PHE A 461 -2.95 5.71 -11.22
CA PHE A 461 -2.32 6.27 -10.03
C PHE A 461 -1.50 5.19 -9.29
N ASP A 462 -2.09 4.00 -9.06
CA ASP A 462 -1.46 2.94 -8.29
C ASP A 462 -0.29 2.35 -9.09
N TRP A 463 -0.46 2.28 -10.44
CA TRP A 463 0.57 1.76 -11.35
C TRP A 463 1.84 2.64 -11.28
N TRP A 464 1.64 3.98 -11.35
CA TRP A 464 2.80 4.87 -11.33
C TRP A 464 3.38 5.01 -9.94
N TYR A 465 2.56 4.84 -8.88
CA TYR A 465 3.12 4.88 -7.55
C TYR A 465 4.21 3.78 -7.46
N LEU A 466 3.85 2.56 -7.90
CA LEU A 466 4.71 1.38 -7.82
C LEU A 466 5.93 1.49 -8.78
N ARG A 467 5.70 1.96 -10.03
CA ARG A 467 6.79 2.21 -11.00
C ARG A 467 7.88 3.10 -10.40
N THR A 468 7.49 4.24 -9.84
CA THR A 468 8.37 5.17 -9.14
C THR A 468 9.00 4.52 -7.91
N LYS A 469 8.18 3.89 -7.04
CA LYS A 469 8.64 3.40 -5.74
C LYS A 469 9.79 2.39 -5.94
N TYR A 470 9.61 1.45 -6.89
CA TYR A 470 10.58 0.37 -7.08
C TYR A 470 11.60 0.71 -8.16
N GLN A 471 11.14 1.15 -9.33
CA GLN A 471 12.07 1.31 -10.47
C GLN A 471 12.78 2.64 -10.41
N GLY A 472 12.13 3.65 -9.76
CA GLY A 472 12.72 4.97 -9.78
C GLY A 472 12.71 5.59 -11.19
N ILE A 473 11.58 5.41 -11.92
CA ILE A 473 11.33 6.08 -13.20
C ILE A 473 10.07 6.94 -13.08
N CYS A 474 9.90 7.80 -14.08
CA CYS A 474 8.73 8.69 -14.14
C CYS A 474 8.22 8.67 -15.59
N PRO A 475 6.92 8.95 -15.85
CA PRO A 475 6.45 8.97 -17.23
C PRO A 475 6.96 10.28 -17.85
N PRO A 476 7.39 10.29 -19.14
CA PRO A 476 7.91 11.50 -19.77
C PRO A 476 6.86 12.52 -20.22
N VAL A 477 5.55 12.18 -20.15
CA VAL A 477 4.43 13.14 -20.40
C VAL A 477 3.39 12.92 -19.29
N THR A 478 2.52 13.92 -19.01
CA THR A 478 1.57 13.80 -17.89
C THR A 478 0.58 12.67 -18.16
N ARG A 479 0.19 11.87 -17.13
CA ARG A 479 -0.78 10.80 -17.37
C ARG A 479 -1.95 11.05 -16.44
N ASN A 480 -3.14 10.49 -16.76
CA ASN A 480 -4.34 10.65 -15.95
C ASN A 480 -5.11 9.33 -16.01
N GLU A 481 -6.30 9.24 -15.36
CA GLU A 481 -7.02 7.97 -15.26
C GLU A 481 -7.78 7.64 -16.56
N THR A 482 -7.71 8.48 -17.59
CA THR A 482 -8.07 7.98 -18.91
C THR A 482 -7.00 7.03 -19.47
N HIS A 483 -5.72 7.25 -19.16
CA HIS A 483 -4.64 6.35 -19.52
C HIS A 483 -4.70 5.06 -18.70
N PHE A 484 -4.29 3.91 -19.32
CA PHE A 484 -4.25 2.64 -18.62
C PHE A 484 -2.92 1.97 -19.00
N ASP A 485 -1.82 2.51 -18.44
CA ASP A 485 -0.45 2.17 -18.79
C ASP A 485 -0.09 0.70 -18.48
N ALA A 486 -0.67 0.11 -17.41
CA ALA A 486 -0.49 -1.30 -17.12
C ALA A 486 -0.96 -2.14 -18.33
N GLY A 487 -2.02 -1.71 -19.02
CA GLY A 487 -2.53 -2.53 -20.11
C GLY A 487 -1.65 -2.50 -21.37
N ALA A 488 -0.63 -1.65 -21.41
CA ALA A 488 0.27 -1.58 -22.57
C ALA A 488 1.46 -2.55 -22.40
N LYS A 489 1.38 -3.40 -21.38
CA LYS A 489 2.35 -4.48 -21.16
C LYS A 489 1.66 -5.81 -21.43
N PHE A 490 2.29 -6.68 -22.27
CA PHE A 490 1.72 -7.93 -22.78
C PHE A 490 0.90 -8.70 -21.73
N HIS A 491 1.53 -9.07 -20.61
CA HIS A 491 0.97 -10.01 -19.63
C HIS A 491 -0.37 -9.58 -18.97
N VAL A 492 -0.67 -8.28 -19.01
CA VAL A 492 -1.89 -7.77 -18.38
C VAL A 492 -3.10 -8.19 -19.23
N PRO A 493 -3.27 -7.70 -20.50
CA PRO A 493 -4.42 -8.12 -21.32
C PRO A 493 -4.38 -9.61 -21.68
N ASN A 494 -3.17 -10.22 -21.68
CA ASN A 494 -3.08 -11.63 -22.01
C ASN A 494 -3.21 -12.50 -20.74
N VAL A 495 -3.43 -11.88 -19.60
CA VAL A 495 -3.72 -12.59 -18.35
C VAL A 495 -2.63 -13.65 -18.03
N THR A 496 -1.33 -13.27 -18.13
CA THR A 496 -0.23 -14.15 -17.74
C THR A 496 0.32 -13.66 -16.41
N PRO A 497 0.31 -14.46 -15.29
CA PRO A 497 0.90 -14.01 -14.03
C PRO A 497 2.39 -13.65 -14.14
N TYR A 498 2.87 -12.72 -13.27
CA TYR A 498 4.17 -12.06 -13.40
C TYR A 498 5.16 -12.48 -12.32
N ILE A 499 4.69 -12.85 -11.09
CA ILE A 499 5.63 -13.05 -9.99
C ILE A 499 6.60 -14.19 -10.35
N ARG A 500 6.16 -15.14 -11.20
CA ARG A 500 7.04 -16.21 -11.71
C ARG A 500 8.41 -15.70 -12.23
N TYR A 501 8.48 -14.47 -12.78
CA TYR A 501 9.72 -13.96 -13.37
C TYR A 501 10.68 -13.46 -12.30
N PHE A 502 10.17 -12.83 -11.25
CA PHE A 502 11.01 -12.47 -10.09
C PHE A 502 11.56 -13.75 -9.45
N VAL A 503 10.70 -14.75 -9.24
CA VAL A 503 11.13 -16.06 -8.73
C VAL A 503 12.19 -16.67 -9.66
N SER A 504 11.91 -16.66 -10.97
N SER A 504 11.94 -16.65 -10.97
CA SER A 504 12.84 -17.20 -11.95
CA SER A 504 12.89 -17.28 -11.88
C SER A 504 14.21 -16.52 -11.89
C SER A 504 14.23 -16.52 -11.94
N PHE A 505 14.22 -15.19 -11.74
CA PHE A 505 15.50 -14.44 -11.77
C PHE A 505 16.36 -14.74 -10.54
N VAL A 506 15.72 -15.13 -9.42
CA VAL A 506 16.46 -15.62 -8.29
C VAL A 506 16.94 -17.08 -8.52
N LEU A 507 15.99 -17.98 -8.88
CA LEU A 507 16.20 -19.41 -9.02
C LEU A 507 17.30 -19.69 -10.07
N GLN A 508 17.32 -18.91 -11.16
CA GLN A 508 18.28 -19.27 -12.23
C GLN A 508 19.74 -19.25 -11.74
N PHE A 509 20.07 -18.32 -10.82
CA PHE A 509 21.43 -18.29 -10.27
C PHE A 509 21.65 -19.44 -9.28
N GLN A 510 20.58 -19.91 -8.60
CA GLN A 510 20.78 -21.07 -7.74
C GLN A 510 21.05 -22.30 -8.60
N PHE A 511 20.33 -22.41 -9.72
CA PHE A 511 20.50 -23.56 -10.61
C PHE A 511 21.93 -23.53 -11.19
N HIS A 512 22.33 -22.36 -11.69
CA HIS A 512 23.59 -22.13 -12.37
C HIS A 512 24.70 -22.62 -11.44
N GLU A 513 24.66 -22.15 -10.20
CA GLU A 513 25.70 -22.55 -9.24
C GLU A 513 25.70 -24.07 -9.04
N ALA A 514 24.51 -24.70 -8.90
CA ALA A 514 24.51 -26.14 -8.70
C ALA A 514 25.05 -26.90 -9.92
N LEU A 515 24.67 -26.50 -11.14
CA LEU A 515 25.10 -27.23 -12.34
C LEU A 515 26.60 -26.97 -12.64
N CYS A 516 27.10 -25.77 -12.29
CA CYS A 516 28.55 -25.53 -12.40
C CYS A 516 29.33 -26.40 -11.40
N LYS A 517 28.87 -26.44 -10.13
CA LYS A 517 29.55 -27.38 -9.21
C LYS A 517 29.50 -28.82 -9.77
N GLU A 518 28.37 -29.24 -10.34
CA GLU A 518 28.19 -30.62 -10.73
C GLU A 518 29.04 -30.94 -11.95
N ALA A 519 29.28 -29.94 -12.81
CA ALA A 519 30.11 -30.07 -14.00
C ALA A 519 31.59 -30.21 -13.64
N GLY A 520 31.95 -29.99 -12.37
CA GLY A 520 33.35 -29.92 -11.95
C GLY A 520 34.05 -28.58 -12.20
N TYR A 521 33.28 -27.50 -12.38
CA TYR A 521 33.91 -26.23 -12.75
C TYR A 521 34.46 -25.54 -11.50
N GLU A 522 35.66 -24.95 -11.52
CA GLU A 522 36.23 -24.49 -10.26
C GLU A 522 36.78 -23.06 -10.25
N GLY A 523 36.39 -22.18 -11.20
CA GLY A 523 36.74 -20.76 -11.14
C GLY A 523 35.54 -19.91 -10.78
N PRO A 524 35.62 -18.56 -11.02
CA PRO A 524 34.53 -17.65 -10.72
C PRO A 524 33.20 -18.10 -11.33
N LEU A 525 32.14 -17.97 -10.55
CA LEU A 525 30.81 -18.41 -10.98
C LEU A 525 30.41 -17.76 -12.31
N HIS A 526 30.80 -16.49 -12.55
CA HIS A 526 30.39 -15.79 -13.78
C HIS A 526 31.18 -16.22 -15.02
N GLN A 527 32.26 -17.04 -14.87
CA GLN A 527 32.98 -17.53 -16.04
C GLN A 527 32.57 -18.98 -16.38
N CYS A 528 31.64 -19.57 -15.65
CA CYS A 528 31.29 -20.97 -15.87
C CYS A 528 30.53 -21.13 -17.21
N ASP A 529 30.89 -22.17 -17.97
CA ASP A 529 30.17 -22.63 -19.16
C ASP A 529 29.84 -24.13 -18.98
N ILE A 530 28.57 -24.57 -18.85
CA ILE A 530 28.28 -26.00 -18.65
C ILE A 530 28.24 -26.81 -19.96
N TYR A 531 28.51 -26.17 -21.14
CA TYR A 531 28.42 -26.81 -22.45
C TYR A 531 29.13 -28.15 -22.43
N ARG A 532 28.50 -29.18 -23.00
CA ARG A 532 29.09 -30.52 -23.14
C ARG A 532 29.19 -31.27 -21.79
N SER A 533 28.58 -30.75 -20.70
CA SER A 533 28.72 -31.50 -19.44
C SER A 533 27.54 -32.44 -19.26
N THR A 534 27.79 -33.74 -19.45
CA THR A 534 26.72 -34.73 -19.35
C THR A 534 26.25 -34.91 -17.88
N LYS A 535 27.15 -34.75 -16.91
CA LYS A 535 26.80 -34.75 -15.49
C LYS A 535 25.83 -33.61 -15.15
N ALA A 536 26.13 -32.37 -15.63
CA ALA A 536 25.17 -31.25 -15.49
C ALA A 536 23.82 -31.55 -16.16
N GLY A 537 23.88 -32.20 -17.33
CA GLY A 537 22.67 -32.53 -18.07
C GLY A 537 21.77 -33.45 -17.25
N ALA A 538 22.36 -34.50 -16.66
CA ALA A 538 21.67 -35.51 -15.87
C ALA A 538 20.99 -34.89 -14.66
N LYS A 539 21.68 -33.98 -13.93
CA LYS A 539 21.10 -33.29 -12.79
C LYS A 539 19.92 -32.39 -13.23
N LEU A 540 20.08 -31.64 -14.35
CA LEU A 540 18.96 -30.85 -14.90
C LEU A 540 17.75 -31.71 -15.28
N ARG A 541 18.02 -32.86 -15.93
CA ARG A 541 16.99 -33.78 -16.39
C ARG A 541 16.14 -34.31 -15.23
N LYS A 542 16.75 -34.62 -14.07
CA LYS A 542 15.97 -35.09 -12.93
C LYS A 542 14.93 -34.02 -12.52
N VAL A 543 15.28 -32.73 -12.58
CA VAL A 543 14.29 -31.68 -12.33
C VAL A 543 13.17 -31.75 -13.37
N LEU A 544 13.51 -31.82 -14.68
CA LEU A 544 12.51 -31.68 -15.76
C LEU A 544 11.52 -32.86 -15.77
N ARG A 545 12.00 -34.05 -15.49
CA ARG A 545 11.23 -35.28 -15.50
C ARG A 545 10.20 -35.32 -14.37
N ALA A 546 10.37 -34.50 -13.30
CA ALA A 546 9.49 -34.53 -12.14
C ALA A 546 8.18 -33.80 -12.43
N GLY A 547 8.14 -32.81 -13.36
CA GLY A 547 6.92 -32.02 -13.51
C GLY A 547 6.48 -31.46 -12.14
N SER A 548 5.16 -31.50 -11.83
CA SER A 548 4.61 -30.96 -10.59
C SER A 548 4.22 -32.15 -9.72
N SER A 549 4.90 -33.25 -9.97
CA SER A 549 4.52 -34.45 -9.25
C SER A 549 4.92 -34.41 -7.77
N ARG A 550 5.88 -33.55 -7.37
CA ARG A 550 6.36 -33.46 -5.99
C ARG A 550 6.45 -31.99 -5.58
N PRO A 551 6.39 -31.67 -4.26
CA PRO A 551 6.50 -30.26 -3.84
C PRO A 551 7.77 -29.59 -4.37
N TRP A 552 7.65 -28.33 -4.85
CA TRP A 552 8.83 -27.69 -5.43
C TRP A 552 10.00 -27.55 -4.40
N GLN A 553 9.67 -27.43 -3.08
CA GLN A 553 10.69 -27.20 -2.05
C GLN A 553 11.61 -28.42 -1.97
N GLU A 554 11.05 -29.62 -2.23
CA GLU A 554 11.84 -30.86 -2.22
C GLU A 554 12.64 -31.08 -3.51
N VAL A 555 12.03 -30.74 -4.65
CA VAL A 555 12.74 -30.77 -5.92
C VAL A 555 13.96 -29.84 -5.83
N LEU A 556 13.76 -28.65 -5.26
CA LEU A 556 14.83 -27.67 -5.14
C LEU A 556 15.93 -28.22 -4.26
N LYS A 557 15.53 -28.83 -3.12
CA LYS A 557 16.56 -29.29 -2.20
C LYS A 557 17.45 -30.39 -2.81
N ASP A 558 16.86 -31.34 -3.55
CA ASP A 558 17.59 -32.36 -4.24
C ASP A 558 18.53 -31.73 -5.25
N MET A 559 18.14 -30.61 -5.85
CA MET A 559 18.97 -30.07 -6.92
C MET A 559 20.13 -29.24 -6.34
N VAL A 560 19.87 -28.34 -5.36
CA VAL A 560 20.81 -27.29 -4.98
C VAL A 560 21.23 -27.43 -3.53
N GLY A 561 20.51 -28.28 -2.80
CA GLY A 561 20.90 -28.56 -1.41
C GLY A 561 20.15 -27.69 -0.42
N LEU A 562 19.20 -26.84 -0.89
CA LEU A 562 18.37 -26.02 0.00
C LEU A 562 16.90 -26.15 -0.43
N ASP A 563 15.96 -25.99 0.51
CA ASP A 563 14.51 -26.07 0.23
C ASP A 563 13.86 -24.67 0.12
N ALA A 564 14.57 -23.60 -0.20
CA ALA A 564 13.98 -22.26 -0.19
C ALA A 564 14.64 -21.41 -1.29
N LEU A 565 13.90 -20.43 -1.82
CA LEU A 565 14.52 -19.39 -2.62
C LEU A 565 15.62 -18.72 -1.80
N ASP A 566 16.69 -18.27 -2.46
CA ASP A 566 17.89 -17.75 -1.79
C ASP A 566 18.61 -16.78 -2.74
N ALA A 567 18.86 -15.54 -2.29
CA ALA A 567 19.60 -14.51 -3.03
C ALA A 567 21.14 -14.73 -3.05
N GLN A 568 21.68 -15.55 -2.15
CA GLN A 568 23.14 -15.72 -2.10
C GLN A 568 23.77 -16.04 -3.46
N PRO A 569 23.27 -16.96 -4.28
CA PRO A 569 23.95 -17.24 -5.56
C PRO A 569 24.06 -16.08 -6.54
N LEU A 570 22.98 -15.31 -6.66
CA LEU A 570 22.96 -14.11 -7.47
C LEU A 570 23.94 -13.07 -6.92
N LEU A 571 24.00 -12.95 -5.59
CA LEU A 571 24.91 -11.98 -4.98
C LEU A 571 26.37 -12.43 -5.19
N LYS A 572 26.65 -13.72 -5.09
CA LYS A 572 28.03 -14.18 -5.33
C LYS A 572 28.45 -13.97 -6.81
N TYR A 573 27.52 -14.22 -7.73
CA TYR A 573 27.80 -14.08 -9.16
C TYR A 573 28.25 -12.64 -9.46
N PHE A 574 27.56 -11.65 -8.86
CA PHE A 574 27.67 -10.23 -9.16
C PHE A 574 28.72 -9.51 -8.29
N GLN A 575 29.26 -10.16 -7.25
CA GLN A 575 30.06 -9.55 -6.18
C GLN A 575 31.04 -8.48 -6.69
N LEU A 576 31.78 -8.80 -7.76
CA LEU A 576 32.86 -7.89 -8.21
C LEU A 576 32.28 -6.57 -8.73
N VAL A 577 31.16 -6.61 -9.47
CA VAL A 577 30.60 -5.37 -10.00
C VAL A 577 29.82 -4.59 -8.92
N THR A 578 29.18 -5.32 -7.99
CA THR A 578 28.56 -4.73 -6.83
C THR A 578 29.53 -3.80 -6.11
N GLN A 579 30.72 -4.35 -5.79
CA GLN A 579 31.75 -3.59 -5.11
C GLN A 579 32.23 -2.42 -6.00
N TRP A 580 32.44 -2.68 -7.30
CA TRP A 580 32.93 -1.61 -8.18
C TRP A 580 31.96 -0.42 -8.34
N LEU A 581 30.63 -0.70 -8.46
CA LEU A 581 29.66 0.35 -8.72
C LEU A 581 29.54 1.19 -7.44
N GLN A 582 29.57 0.57 -6.23
CA GLN A 582 29.53 1.37 -5.02
C GLN A 582 30.70 2.35 -5.01
N GLU A 583 31.93 1.83 -5.21
CA GLU A 583 33.09 2.69 -5.23
C GLU A 583 32.97 3.80 -6.27
N GLN A 584 32.52 3.50 -7.49
CA GLN A 584 32.37 4.56 -8.49
C GLN A 584 31.38 5.63 -8.00
N ASN A 585 30.22 5.22 -7.48
CA ASN A 585 29.19 6.21 -7.14
C ASN A 585 29.67 7.10 -6.00
N GLN A 586 30.44 6.54 -5.05
CA GLN A 586 31.03 7.29 -3.94
C GLN A 586 32.01 8.33 -4.46
N GLN A 587 32.93 7.90 -5.33
CA GLN A 587 33.88 8.83 -5.91
C GLN A 587 33.17 9.87 -6.78
N ASN A 588 31.98 9.60 -7.29
CA ASN A 588 31.40 10.63 -8.12
C ASN A 588 30.48 11.49 -7.29
N GLY A 589 30.36 11.21 -5.99
CA GLY A 589 29.43 11.95 -5.13
C GLY A 589 27.96 11.73 -5.50
N GLU A 590 27.57 10.51 -5.83
CA GLU A 590 26.21 10.40 -6.31
C GLU A 590 25.23 10.39 -5.13
N VAL A 591 23.97 10.69 -5.43
CA VAL A 591 22.90 10.42 -4.47
C VAL A 591 22.23 9.11 -4.87
N LEU A 592 22.22 8.12 -3.97
CA LEU A 592 21.52 6.86 -4.24
C LEU A 592 20.02 7.10 -4.07
N GLY A 593 19.21 6.55 -4.96
CA GLY A 593 17.77 6.76 -4.84
C GLY A 593 17.30 8.05 -5.52
N TRP A 594 16.05 8.45 -5.26
CA TRP A 594 15.45 9.52 -6.03
C TRP A 594 14.67 10.43 -5.09
N PRO A 595 15.33 11.20 -4.18
CA PRO A 595 14.57 11.99 -3.21
C PRO A 595 13.66 13.05 -3.85
N GLU A 596 13.96 13.48 -5.10
CA GLU A 596 13.13 14.45 -5.79
C GLU A 596 11.99 13.73 -6.54
N TYR A 597 11.15 13.02 -5.79
CA TYR A 597 10.21 12.03 -6.29
C TYR A 597 9.09 12.63 -7.15
N GLN A 598 8.83 13.94 -7.01
CA GLN A 598 7.74 14.56 -7.73
C GLN A 598 8.22 14.98 -9.13
N TRP A 599 9.55 14.91 -9.42
CA TRP A 599 10.07 15.54 -10.65
C TRP A 599 9.64 14.84 -11.94
N HIS A 600 9.32 15.62 -12.98
CA HIS A 600 9.03 15.07 -14.32
C HIS A 600 9.82 15.90 -15.36
N PRO A 601 10.29 15.40 -16.53
CA PRO A 601 11.08 16.24 -17.48
C PRO A 601 10.13 17.19 -18.23
N PRO A 602 10.58 18.32 -18.84
CA PRO A 602 9.66 19.16 -19.63
C PRO A 602 9.42 18.46 -20.97
N LEU A 603 8.39 18.91 -21.71
CA LEU A 603 8.19 18.49 -23.09
C LEU A 603 9.29 19.09 -23.97
N PRO A 604 9.80 18.46 -25.04
CA PRO A 604 10.61 19.21 -26.02
C PRO A 604 9.86 20.42 -26.64
N ASP A 605 10.62 21.40 -27.21
CA ASP A 605 10.00 22.61 -27.74
C ASP A 605 9.02 22.34 -28.90
N ASN A 606 9.35 21.37 -29.76
CA ASN A 606 8.57 21.15 -30.96
C ASN A 606 7.56 20.01 -30.86
N TYR A 607 7.05 19.71 -29.66
CA TYR A 607 6.36 18.44 -29.47
C TYR A 607 4.88 18.52 -29.89
N PRO A 608 4.33 17.55 -30.68
CA PRO A 608 5.11 16.66 -31.56
C PRO A 608 5.06 17.19 -32.99
N VAL B 1 7.22 -18.05 -22.22
CA VAL B 1 6.69 -16.68 -22.57
C VAL B 1 7.64 -15.75 -21.86
N PRO B 2 8.36 -14.87 -22.61
CA PRO B 2 9.42 -14.03 -22.04
C PRO B 2 8.81 -12.99 -21.08
N PRO B 3 9.60 -12.52 -20.07
CA PRO B 3 9.20 -11.38 -19.25
C PRO B 3 8.91 -10.16 -20.15
N LEU C 1 14.72 3.58 42.34
CA LEU C 1 13.31 3.69 42.79
C LEU C 1 13.22 3.36 44.29
N ASP C 2 12.44 4.18 45.00
CA ASP C 2 11.98 3.94 46.35
C ASP C 2 11.56 2.48 46.59
N PRO C 3 12.15 1.85 47.64
CA PRO C 3 11.70 0.57 48.18
C PRO C 3 10.19 0.39 48.45
N GLY C 4 9.60 1.33 49.21
CA GLY C 4 8.17 1.50 49.38
C GLY C 4 7.32 1.48 48.11
N LEU C 5 7.92 1.61 46.91
CA LEU C 5 7.22 1.51 45.64
C LEU C 5 7.52 0.17 44.93
N GLN C 6 8.45 -0.63 45.49
CA GLN C 6 8.82 -1.90 44.90
C GLN C 6 7.93 -3.04 45.37
N PRO C 7 7.75 -4.12 44.56
CA PRO C 7 6.66 -5.08 44.78
C PRO C 7 6.98 -6.05 45.91
N GLY C 8 5.95 -6.52 46.62
CA GLY C 8 6.18 -7.43 47.74
C GLY C 8 6.09 -8.90 47.33
N GLN C 9 5.84 -9.76 48.30
CA GLN C 9 5.61 -11.17 48.03
C GLN C 9 4.12 -11.37 47.73
N PHE C 10 3.85 -12.26 46.77
CA PHE C 10 2.50 -12.77 46.53
C PHE C 10 2.54 -14.18 45.97
N SER C 11 1.46 -14.95 46.27
CA SER C 11 1.34 -16.31 45.72
C SER C 11 0.94 -16.27 44.23
N ALA C 12 1.20 -17.42 43.58
CA ALA C 12 1.14 -17.62 42.15
C ALA C 12 -0.19 -18.24 41.73
N ASP C 13 -1.28 -17.46 41.91
CA ASP C 13 -2.66 -17.90 41.71
C ASP C 13 -3.55 -16.69 41.85
N GLU C 14 -4.84 -16.88 41.53
CA GLU C 14 -5.79 -15.82 41.26
C GLU C 14 -6.04 -14.95 42.49
N ALA C 15 -5.96 -15.59 43.66
CA ALA C 15 -6.06 -14.99 44.99
C ALA C 15 -4.87 -14.05 45.30
N GLY C 16 -3.63 -14.56 44.90
CA GLY C 16 -2.42 -13.71 44.89
C GLY C 16 -2.56 -12.54 43.89
N ALA C 17 -2.97 -12.86 42.65
CA ALA C 17 -3.00 -11.81 41.65
C ALA C 17 -4.02 -10.72 42.01
N GLN C 18 -5.00 -11.00 42.91
CA GLN C 18 -6.00 -10.01 43.34
C GLN C 18 -5.33 -8.98 44.26
N LEU C 19 -4.58 -9.51 45.26
CA LEU C 19 -3.81 -8.73 46.22
C LEU C 19 -2.72 -7.94 45.48
N PHE C 20 -2.06 -8.57 44.49
CA PHE C 20 -0.95 -8.04 43.71
C PHE C 20 -1.46 -6.79 43.00
N ALA C 21 -2.63 -6.95 42.38
CA ALA C 21 -3.15 -5.83 41.64
C ALA C 21 -3.55 -4.67 42.58
N GLN C 22 -4.10 -4.95 43.77
CA GLN C 22 -4.35 -3.86 44.72
C GLN C 22 -3.05 -3.12 45.07
N SER C 23 -2.04 -3.85 45.52
CA SER C 23 -0.75 -3.29 45.84
C SER C 23 -0.15 -2.51 44.65
N TYR C 24 -0.30 -3.03 43.42
CA TYR C 24 0.20 -2.31 42.25
C TYR C 24 -0.37 -0.89 42.17
N GLN C 25 -1.64 -0.73 42.53
CA GLN C 25 -2.41 0.44 42.11
C GLN C 25 -2.26 1.62 43.09
N SER C 26 -2.12 1.32 44.38
CA SER C 26 -1.65 2.25 45.40
C SER C 26 -0.32 2.92 45.02
N SER C 27 0.68 2.10 44.67
CA SER C 27 2.02 2.57 44.37
C SER C 27 2.03 3.38 43.08
N ALA C 28 1.08 3.02 42.22
CA ALA C 28 1.07 3.57 40.88
C ALA C 28 0.50 5.00 40.90
N GLU C 29 -0.46 5.24 41.82
CA GLU C 29 -1.07 6.56 41.97
C GLU C 29 0.02 7.63 42.14
N GLN C 30 1.02 7.35 42.99
CA GLN C 30 2.07 8.30 43.37
C GLN C 30 3.00 8.55 42.20
N VAL C 31 3.27 7.48 41.43
CA VAL C 31 4.27 7.58 40.37
C VAL C 31 3.66 8.38 39.22
N LEU C 32 2.39 8.05 38.93
CA LEU C 32 1.66 8.73 37.86
C LEU C 32 1.55 10.23 38.20
N PHE C 33 1.19 10.56 39.45
CA PHE C 33 1.09 11.95 39.88
C PHE C 33 2.39 12.72 39.59
N GLN C 34 3.57 12.21 39.99
CA GLN C 34 4.81 12.98 39.91
C GLN C 34 5.14 13.25 38.44
N SER C 35 4.75 12.28 37.62
CA SER C 35 4.99 12.39 36.19
C SER C 35 4.04 13.41 35.54
N VAL C 36 2.73 13.24 35.73
CA VAL C 36 1.74 14.15 35.11
C VAL C 36 2.08 15.58 35.54
N ALA C 37 2.47 15.75 36.81
CA ALA C 37 2.88 17.01 37.40
C ALA C 37 4.06 17.65 36.64
N ALA C 38 5.12 16.88 36.37
CA ALA C 38 6.28 17.38 35.64
C ALA C 38 5.98 17.76 34.17
N SER C 39 5.11 16.97 33.48
CA SER C 39 4.70 17.30 32.11
C SER C 39 3.93 18.63 32.05
N TRP C 40 3.09 18.86 33.09
CA TRP C 40 2.30 20.08 33.23
C TRP C 40 3.26 21.25 33.27
N ALA C 41 4.14 21.21 34.28
CA ALA C 41 5.17 22.24 34.49
C ALA C 41 5.91 22.56 33.20
N HIS C 42 6.16 21.56 32.33
CA HIS C 42 6.82 21.77 31.03
C HIS C 42 5.88 22.36 29.96
N ASP C 43 4.76 21.70 29.70
CA ASP C 43 3.90 22.11 28.56
C ASP C 43 3.36 23.56 28.69
N THR C 44 3.24 24.05 29.93
CA THR C 44 2.77 25.40 30.17
C THR C 44 3.95 26.35 30.35
N ASN C 45 5.15 25.94 29.95
CA ASN C 45 6.39 26.66 30.29
C ASN C 45 7.61 25.84 29.80
N ILE C 46 7.81 25.84 28.47
CA ILE C 46 8.87 25.12 27.79
C ILE C 46 10.24 25.75 28.05
N THR C 47 11.08 25.08 28.86
CA THR C 47 12.49 25.41 29.06
C THR C 47 13.34 24.14 29.16
N ALA C 48 14.67 24.32 29.07
CA ALA C 48 15.64 23.25 29.23
C ALA C 48 15.45 22.56 30.56
N GLU C 49 15.19 23.39 31.59
CA GLU C 49 15.12 22.94 32.96
C GLU C 49 13.87 22.07 33.15
N ASN C 50 12.73 22.53 32.62
CA ASN C 50 11.49 21.81 32.80
C ASN C 50 11.55 20.52 31.97
N ALA C 51 12.25 20.58 30.83
CA ALA C 51 12.56 19.37 30.04
C ALA C 51 13.39 18.33 30.82
N ARG C 52 14.40 18.81 31.56
CA ARG C 52 15.22 17.93 32.38
C ARG C 52 14.37 17.23 33.47
N ARG C 53 13.45 17.98 34.08
CA ARG C 53 12.61 17.51 35.18
C ARG C 53 11.58 16.49 34.69
N GLN C 54 11.02 16.72 33.51
CA GLN C 54 10.04 15.76 33.01
C GLN C 54 10.77 14.47 32.61
N GLU C 55 12.02 14.59 32.19
CA GLU C 55 12.85 13.42 31.86
C GLU C 55 13.18 12.52 33.08
N GLU C 56 13.53 13.18 34.19
CA GLU C 56 13.80 12.44 35.41
C GLU C 56 12.55 11.68 35.83
N ALA C 57 11.35 12.28 35.60
CA ALA C 57 10.12 11.67 36.08
C ALA C 57 9.79 10.46 35.20
N ALA C 58 10.16 10.57 33.92
CA ALA C 58 9.97 9.51 32.96
C ALA C 58 10.83 8.29 33.35
N LEU C 59 12.11 8.53 33.72
CA LEU C 59 13.00 7.48 34.23
C LEU C 59 12.43 6.68 35.42
N LEU C 60 11.95 7.38 36.45
CA LEU C 60 11.30 6.80 37.62
C LEU C 60 10.11 5.90 37.23
N SER C 61 9.27 6.43 36.34
N SER C 61 9.32 6.38 36.27
CA SER C 61 8.18 5.64 35.76
CA SER C 61 8.17 5.63 35.77
C SER C 61 8.73 4.34 35.18
C SER C 61 8.61 4.37 35.00
N GLN C 62 9.74 4.47 34.31
CA GLN C 62 10.30 3.28 33.64
C GLN C 62 10.84 2.27 34.68
N GLU C 63 11.43 2.77 35.77
CA GLU C 63 11.90 1.78 36.73
C GLU C 63 10.69 1.11 37.40
N PHE C 64 9.66 1.93 37.67
CA PHE C 64 8.45 1.47 38.30
C PHE C 64 7.80 0.37 37.43
N ALA C 65 7.64 0.63 36.12
CA ALA C 65 7.00 -0.33 35.23
C ALA C 65 7.88 -1.58 35.12
N GLU C 66 9.20 -1.39 35.16
CA GLU C 66 10.10 -2.54 35.05
C GLU C 66 10.01 -3.49 36.28
N ALA C 67 10.00 -2.96 37.51
CA ALA C 67 10.01 -3.87 38.67
C ALA C 67 8.65 -4.59 38.77
N TRP C 68 7.52 -3.86 38.54
CA TRP C 68 6.18 -4.42 38.63
C TRP C 68 5.87 -5.39 37.49
N GLY C 69 6.24 -4.97 36.27
CA GLY C 69 6.13 -5.79 35.07
C GLY C 69 6.94 -7.09 35.14
N GLN C 70 8.19 -7.03 35.60
CA GLN C 70 9.00 -8.24 35.79
C GLN C 70 8.50 -9.11 36.93
N LYS C 71 7.96 -8.49 37.99
CA LYS C 71 7.42 -9.32 39.05
C LYS C 71 6.18 -10.02 38.50
N ALA C 72 5.39 -9.30 37.67
CA ALA C 72 4.19 -9.94 37.15
C ALA C 72 4.53 -11.06 36.17
N LYS C 73 5.61 -10.86 35.40
CA LYS C 73 6.04 -11.90 34.48
C LYS C 73 6.28 -13.18 35.27
N GLU C 74 7.05 -13.00 36.35
CA GLU C 74 7.55 -14.02 37.25
C GLU C 74 6.44 -14.81 37.93
N LEU C 75 5.35 -14.14 38.36
CA LEU C 75 4.41 -14.89 39.18
C LEU C 75 3.27 -15.42 38.30
N TYR C 76 2.96 -14.71 37.22
CA TYR C 76 1.67 -14.91 36.57
C TYR C 76 1.76 -15.29 35.10
N GLU C 77 2.94 -15.14 34.45
CA GLU C 77 3.06 -15.27 32.99
C GLU C 77 2.52 -16.61 32.51
N PRO C 78 2.76 -17.73 33.23
CA PRO C 78 1.98 -18.95 33.00
C PRO C 78 0.46 -18.73 33.01
N ILE C 79 -0.13 -18.39 34.18
CA ILE C 79 -1.52 -18.75 34.46
C ILE C 79 -2.60 -17.66 34.26
N TRP C 80 -2.25 -16.41 33.89
CA TRP C 80 -3.18 -15.30 34.03
C TRP C 80 -4.29 -15.19 32.97
N GLN C 81 -4.08 -15.76 31.78
CA GLN C 81 -5.15 -15.71 30.78
C GLN C 81 -6.33 -16.58 31.21
N GLN C 82 -6.12 -17.47 32.18
CA GLN C 82 -7.09 -18.51 32.48
C GLN C 82 -7.79 -18.30 33.83
N PHE C 83 -7.53 -17.17 34.50
CA PHE C 83 -8.32 -16.70 35.63
C PHE C 83 -9.76 -16.44 35.18
N THR C 84 -10.75 -16.65 36.07
CA THR C 84 -12.15 -16.41 35.73
C THR C 84 -12.50 -14.91 35.73
N ASP C 85 -12.12 -14.15 36.79
CA ASP C 85 -12.28 -12.69 36.83
C ASP C 85 -11.83 -12.03 35.50
N PRO C 86 -12.77 -11.54 34.66
CA PRO C 86 -12.38 -10.83 33.43
C PRO C 86 -11.61 -9.54 33.69
N GLN C 87 -11.98 -8.80 34.77
CA GLN C 87 -11.41 -7.50 35.13
C GLN C 87 -9.92 -7.65 35.48
N LEU C 88 -9.62 -8.73 36.21
CA LEU C 88 -8.27 -9.02 36.71
C LEU C 88 -7.32 -9.40 35.56
N ARG C 89 -7.84 -10.23 34.65
CA ARG C 89 -7.16 -10.56 33.41
C ARG C 89 -6.66 -9.33 32.63
N ARG C 90 -7.48 -8.27 32.59
CA ARG C 90 -7.15 -7.00 31.93
C ARG C 90 -6.07 -6.20 32.69
N ILE C 91 -6.16 -6.13 34.04
CA ILE C 91 -5.18 -5.35 34.79
C ILE C 91 -3.81 -6.00 34.60
N ILE C 92 -3.75 -7.33 34.66
CA ILE C 92 -2.45 -7.98 34.69
C ILE C 92 -1.78 -7.99 33.32
N GLY C 93 -2.54 -8.33 32.26
CA GLY C 93 -2.13 -8.10 30.88
C GLY C 93 -1.47 -6.73 30.67
N ALA C 94 -2.05 -5.66 31.23
CA ALA C 94 -1.47 -4.34 31.05
C ALA C 94 -0.12 -4.22 31.75
N VAL C 95 0.01 -4.77 32.97
CA VAL C 95 1.16 -4.61 33.86
C VAL C 95 2.42 -5.27 33.27
N ARG C 96 2.18 -6.41 32.60
CA ARG C 96 3.14 -7.31 31.96
C ARG C 96 3.66 -6.75 30.62
N THR C 97 3.19 -5.56 30.19
CA THR C 97 3.71 -4.86 29.01
C THR C 97 4.71 -3.77 29.40
N LEU C 98 6.01 -3.97 29.18
CA LEU C 98 6.96 -2.98 29.69
C LEU C 98 7.09 -1.71 28.84
N GLY C 99 6.82 -1.75 27.53
CA GLY C 99 7.00 -0.56 26.69
C GLY C 99 8.45 -0.07 26.76
N SER C 100 8.62 1.26 26.90
N SER C 100 8.66 1.26 26.83
CA SER C 100 9.92 1.91 26.95
CA SER C 100 10.00 1.84 26.90
C SER C 100 10.75 1.44 28.15
C SER C 100 10.82 1.28 28.07
N ALA C 101 10.15 0.61 29.03
CA ALA C 101 10.85 0.06 30.18
C ALA C 101 11.66 -1.16 29.75
N ASN C 102 11.33 -1.71 28.59
CA ASN C 102 12.14 -2.80 28.04
C ASN C 102 13.49 -2.26 27.59
N LEU C 103 13.62 -0.93 27.42
CA LEU C 103 14.90 -0.41 26.92
C LEU C 103 15.94 -0.39 28.03
N PRO C 104 17.25 -0.59 27.69
CA PRO C 104 18.33 -0.35 28.67
C PRO C 104 18.32 1.14 29.02
N LEU C 105 19.05 1.52 30.08
CA LEU C 105 19.09 2.86 30.67
C LEU C 105 19.49 3.94 29.65
N ALA C 106 20.66 3.78 29.01
CA ALA C 106 21.08 4.77 28.02
C ALA C 106 19.98 4.96 26.99
N LYS C 107 19.30 3.86 26.58
CA LYS C 107 18.30 4.11 25.55
C LYS C 107 17.03 4.78 26.08
N ARG C 108 16.80 4.63 27.39
CA ARG C 108 15.67 5.27 28.05
C ARG C 108 15.86 6.79 28.06
N GLN C 109 17.11 7.21 28.31
CA GLN C 109 17.52 8.60 28.26
C GLN C 109 17.31 9.13 26.85
N GLN C 110 17.82 8.40 25.84
CA GLN C 110 17.73 8.85 24.46
C GLN C 110 16.25 8.95 24.01
N TYR C 111 15.38 8.03 24.42
CA TYR C 111 14.00 8.11 24.03
C TYR C 111 13.25 9.26 24.72
N ASN C 112 13.43 9.43 26.03
CA ASN C 112 12.89 10.54 26.83
C ASN C 112 13.29 11.90 26.20
N ALA C 113 14.57 12.11 25.88
CA ALA C 113 15.00 13.38 25.28
C ALA C 113 14.44 13.66 23.87
N LEU C 114 14.24 12.62 23.05
CA LEU C 114 13.63 12.89 21.75
C LEU C 114 12.18 13.42 21.88
N LEU C 115 11.41 12.99 22.89
CA LEU C 115 10.06 13.45 23.16
C LEU C 115 10.08 14.93 23.53
N SER C 116 11.01 15.34 24.42
CA SER C 116 11.21 16.73 24.81
C SER C 116 11.51 17.54 23.56
N GLN C 117 12.44 17.05 22.75
CA GLN C 117 12.95 17.88 21.66
C GLN C 117 11.96 18.01 20.50
N MET C 118 11.29 16.89 20.13
CA MET C 118 10.28 16.97 19.07
C MET C 118 9.11 17.87 19.53
N SER C 119 8.78 17.82 20.82
CA SER C 119 7.68 18.62 21.37
C SER C 119 8.04 20.10 21.33
N ARG C 120 9.26 20.43 21.77
CA ARG C 120 9.80 21.78 21.68
C ARG C 120 9.81 22.31 20.23
N ILE C 121 10.31 21.54 19.26
CA ILE C 121 10.44 22.10 17.92
C ILE C 121 9.05 22.41 17.33
N TYR C 122 8.04 21.55 17.58
CA TYR C 122 6.70 21.76 17.03
C TYR C 122 6.06 23.06 17.59
N SER C 123 6.04 23.21 18.91
N SER C 123 6.04 23.20 18.91
CA SER C 123 5.26 24.29 19.51
CA SER C 123 5.27 24.24 19.59
C SER C 123 6.13 25.49 19.87
C SER C 123 6.00 25.57 19.58
N THR C 124 7.30 25.61 19.23
CA THR C 124 8.05 26.86 19.27
C THR C 124 8.42 27.33 17.86
N ALA C 125 8.16 26.53 16.81
CA ALA C 125 8.50 26.94 15.45
C ALA C 125 7.75 28.22 15.01
N LYS C 126 8.39 29.11 14.23
CA LYS C 126 7.73 30.36 13.80
C LYS C 126 7.95 30.59 12.30
N VAL C 127 7.13 31.46 11.71
CA VAL C 127 7.27 31.88 10.31
C VAL C 127 7.55 33.38 10.29
N CYS C 128 8.72 33.78 9.77
CA CYS C 128 9.15 35.17 9.74
C CYS C 128 9.17 35.70 8.30
N LEU C 129 8.88 36.99 8.13
CA LEU C 129 8.80 37.58 6.81
C LEU C 129 10.19 37.99 6.33
N PRO C 130 10.38 38.28 5.03
CA PRO C 130 11.48 39.14 4.54
C PRO C 130 11.58 40.51 5.24
N GLN C 131 12.63 40.67 6.07
CA GLN C 131 12.60 41.59 7.21
C GLN C 131 11.84 40.92 8.35
N THR C 135 9.60 40.43 13.29
CA THR C 135 8.32 39.90 13.86
C THR C 135 7.91 38.58 13.19
N CYS C 136 7.67 37.54 14.00
CA CYS C 136 7.49 36.20 13.46
C CYS C 136 6.12 35.65 13.87
N TRP C 137 5.46 34.88 12.99
CA TRP C 137 4.13 34.34 13.23
C TRP C 137 4.20 32.97 13.87
N SER C 138 3.43 32.79 14.96
CA SER C 138 3.21 31.47 15.54
C SER C 138 2.05 30.80 14.81
N LEU C 139 2.02 29.46 14.86
CA LEU C 139 0.88 28.65 14.43
C LEU C 139 -0.40 29.16 15.10
N ASP C 140 -0.39 29.27 16.43
CA ASP C 140 -1.60 29.62 17.19
C ASP C 140 -1.31 30.88 17.99
N PRO C 141 -1.96 32.06 17.75
CA PRO C 141 -3.08 32.20 16.79
C PRO C 141 -2.81 32.60 15.34
N ASP C 142 -1.57 33.01 15.00
CA ASP C 142 -1.42 33.87 13.84
C ASP C 142 -1.66 33.14 12.54
N LEU C 143 -0.99 31.99 12.32
CA LEU C 143 -1.15 31.22 11.10
C LEU C 143 -2.53 30.57 11.03
N THR C 144 -3.03 30.04 12.16
CA THR C 144 -4.41 29.56 12.21
C THR C 144 -5.37 30.66 11.68
N ASN C 145 -5.23 31.92 12.13
CA ASN C 145 -6.13 32.99 11.73
C ASN C 145 -5.95 33.30 10.23
N ILE C 146 -4.71 33.25 9.72
CA ILE C 146 -4.50 33.53 8.31
C ILE C 146 -5.18 32.46 7.45
N LEU C 147 -4.92 31.15 7.69
CA LEU C 147 -5.53 30.05 6.94
C LEU C 147 -7.07 30.14 7.02
N ALA C 148 -7.63 30.62 8.15
CA ALA C 148 -9.10 30.64 8.35
C ALA C 148 -9.78 31.74 7.51
N SER C 149 -9.15 32.91 7.37
CA SER C 149 -9.91 34.02 6.84
C SER C 149 -9.18 34.79 5.72
N SER C 150 -7.94 34.41 5.39
CA SER C 150 -7.37 35.02 4.18
C SER C 150 -7.96 34.40 2.92
N ARG C 151 -8.24 35.21 1.88
CA ARG C 151 -8.72 34.79 0.56
C ARG C 151 -7.74 35.25 -0.52
N SER C 152 -6.51 35.56 -0.11
CA SER C 152 -5.42 35.83 -1.03
C SER C 152 -4.62 34.54 -1.24
N TYR C 153 -4.59 34.07 -2.50
CA TYR C 153 -3.88 32.86 -2.86
C TYR C 153 -2.43 32.90 -2.33
N ALA C 154 -1.70 33.99 -2.63
CA ALA C 154 -0.27 34.14 -2.39
C ALA C 154 0.00 34.19 -0.88
N MET C 155 -0.91 34.85 -0.13
CA MET C 155 -0.77 34.97 1.32
C MET C 155 -0.97 33.62 2.02
N LEU C 156 -2.00 32.88 1.59
CA LEU C 156 -2.28 31.51 2.07
C LEU C 156 -1.10 30.59 1.76
N LEU C 157 -0.45 30.81 0.58
CA LEU C 157 0.61 29.93 0.15
C LEU C 157 1.84 30.14 1.02
N PHE C 158 2.15 31.43 1.27
CA PHE C 158 3.26 31.83 2.11
C PHE C 158 3.12 31.23 3.52
N ALA C 159 1.91 31.28 4.10
CA ALA C 159 1.71 30.75 5.43
C ALA C 159 1.81 29.21 5.41
N TRP C 160 1.27 28.57 4.36
CA TRP C 160 1.27 27.11 4.25
C TRP C 160 2.70 26.59 4.10
N GLU C 161 3.47 27.17 3.15
CA GLU C 161 4.79 26.67 2.81
C GLU C 161 5.70 26.98 4.01
N GLY C 162 5.53 28.20 4.55
CA GLY C 162 6.30 28.64 5.68
C GLY C 162 6.14 27.67 6.85
N TRP C 163 4.89 27.21 7.12
CA TRP C 163 4.71 26.40 8.33
C TRP C 163 5.32 25.02 8.09
N HIS C 164 5.14 24.49 6.88
CA HIS C 164 5.49 23.09 6.64
C HIS C 164 7.01 22.91 6.69
N ASN C 165 7.73 23.85 6.08
CA ASN C 165 9.19 23.98 6.12
C ASN C 165 9.76 24.18 7.54
N ALA C 166 9.20 25.14 8.29
CA ALA C 166 9.69 25.51 9.61
C ALA C 166 9.52 24.37 10.61
N ALA C 167 8.39 23.64 10.61
CA ALA C 167 8.21 22.54 11.57
C ALA C 167 8.77 21.20 11.06
N GLY C 168 8.45 20.82 9.82
CA GLY C 168 8.77 19.49 9.26
C GLY C 168 10.26 19.18 9.14
N ILE C 169 10.99 20.07 8.46
CA ILE C 169 12.38 19.84 8.06
C ILE C 169 13.25 19.43 9.26
N PRO C 170 13.36 20.24 10.33
CA PRO C 170 14.20 19.88 11.48
C PRO C 170 13.73 18.67 12.28
N LEU C 171 12.45 18.24 12.15
CA LEU C 171 11.99 17.11 12.92
C LEU C 171 12.47 15.78 12.33
N LYS C 172 12.72 15.71 11.01
CA LYS C 172 12.89 14.42 10.36
C LYS C 172 14.01 13.58 11.02
N PRO C 173 15.26 14.06 11.21
CA PRO C 173 16.29 13.20 11.80
C PRO C 173 15.85 12.63 13.16
N LEU C 174 15.08 13.42 13.93
CA LEU C 174 14.66 13.03 15.28
C LEU C 174 13.59 11.93 15.22
N TYR C 175 12.65 12.07 14.27
CA TYR C 175 11.52 11.16 14.14
C TYR C 175 12.01 9.75 13.75
N GLU C 176 13.04 9.72 12.91
CA GLU C 176 13.62 8.41 12.57
C GLU C 176 14.21 7.68 13.80
N ASP C 177 14.97 8.40 14.65
CA ASP C 177 15.53 7.75 15.82
C ASP C 177 14.43 7.29 16.76
N PHE C 178 13.36 8.11 16.82
CA PHE C 178 12.29 7.83 17.77
C PHE C 178 11.65 6.51 17.37
N THR C 179 11.31 6.42 16.07
CA THR C 179 10.66 5.24 15.50
C THR C 179 11.45 3.94 15.79
N ALA C 180 12.77 4.00 15.58
CA ALA C 180 13.69 2.87 15.81
C ALA C 180 13.70 2.41 17.29
N LEU C 181 13.73 3.37 18.27
CA LEU C 181 13.74 3.03 19.71
C LEU C 181 12.37 2.52 20.17
N SER C 182 11.31 3.17 19.69
CA SER C 182 9.96 2.71 19.99
C SER C 182 9.75 1.25 19.56
N ASN C 183 10.14 0.89 18.32
CA ASN C 183 10.02 -0.48 17.81
C ASN C 183 10.81 -1.49 18.65
N GLU C 184 12.02 -1.11 19.05
CA GLU C 184 12.88 -2.00 19.84
C GLU C 184 12.22 -2.29 21.21
N ALA C 185 11.57 -1.25 21.78
CA ALA C 185 10.96 -1.36 23.09
C ALA C 185 9.80 -2.35 23.04
N TYR C 186 8.86 -2.13 22.08
CA TYR C 186 7.63 -2.90 21.96
C TYR C 186 7.92 -4.33 21.45
N LYS C 187 8.99 -4.51 20.66
CA LYS C 187 9.31 -5.88 20.24
C LYS C 187 9.54 -6.80 21.45
N GLN C 188 10.15 -6.28 22.52
CA GLN C 188 10.35 -7.14 23.67
C GLN C 188 9.07 -7.52 24.42
N ASP C 189 7.95 -6.86 24.13
CA ASP C 189 6.68 -7.25 24.71
C ASP C 189 5.95 -8.28 23.83
N GLY C 190 6.60 -8.69 22.71
CA GLY C 190 6.03 -9.69 21.81
C GLY C 190 5.28 -9.11 20.61
N PHE C 191 5.30 -7.77 20.45
CA PHE C 191 4.64 -7.13 19.32
C PHE C 191 5.54 -7.06 18.07
N THR C 192 4.93 -7.25 16.89
CA THR C 192 5.70 -7.10 15.65
C THR C 192 6.32 -5.69 15.51
N ASP C 193 5.60 -4.63 15.92
CA ASP C 193 6.11 -3.28 15.91
C ASP C 193 5.14 -2.40 16.74
N THR C 194 5.52 -1.16 17.00
CA THR C 194 4.70 -0.24 17.80
C THR C 194 3.28 -0.05 17.26
N GLY C 195 3.10 0.02 15.95
CA GLY C 195 1.77 0.12 15.36
C GLY C 195 0.87 -1.01 15.79
N ALA C 196 1.42 -2.24 15.92
CA ALA C 196 0.61 -3.41 16.26
C ALA C 196 0.16 -3.32 17.72
N TYR C 197 1.05 -2.74 18.54
CA TYR C 197 0.68 -2.48 19.92
C TYR C 197 -0.50 -1.48 19.99
N TRP C 198 -0.42 -0.41 19.18
CA TRP C 198 -1.47 0.62 19.21
C TRP C 198 -2.82 0.02 18.83
N ARG C 199 -2.84 -0.79 17.75
CA ARG C 199 -4.03 -1.46 17.25
C ARG C 199 -4.59 -2.42 18.30
N SER C 200 -3.72 -3.00 19.13
CA SER C 200 -4.22 -4.04 20.00
C SER C 200 -5.24 -3.46 21.00
N TRP C 201 -5.17 -2.15 21.28
CA TRP C 201 -6.09 -1.46 22.20
C TRP C 201 -7.55 -1.67 21.80
N TYR C 202 -7.84 -2.02 20.55
CA TYR C 202 -9.22 -2.15 20.12
C TYR C 202 -9.71 -3.57 20.38
N ASN C 203 -8.78 -4.49 20.64
CA ASN C 203 -9.06 -5.90 20.86
C ASN C 203 -10.07 -6.49 19.90
N SER C 204 -9.76 -6.38 18.61
CA SER C 204 -10.72 -6.77 17.63
C SER C 204 -9.91 -7.38 16.50
N PRO C 205 -10.03 -8.71 16.32
CA PRO C 205 -9.23 -9.45 15.33
C PRO C 205 -9.36 -8.93 13.91
N THR C 206 -10.48 -8.31 13.58
CA THR C 206 -10.61 -7.78 12.22
C THR C 206 -10.61 -6.24 12.17
N PHE C 207 -9.89 -5.57 13.09
CA PHE C 207 -9.92 -4.11 13.16
C PHE C 207 -9.81 -3.47 11.77
N GLU C 208 -8.80 -3.90 10.98
CA GLU C 208 -8.35 -3.24 9.77
C GLU C 208 -9.45 -3.28 8.71
N ASP C 209 -9.95 -4.51 8.46
CA ASP C 209 -11.12 -4.83 7.64
C ASP C 209 -12.36 -4.02 8.04
N ASP C 210 -12.71 -4.00 9.32
CA ASP C 210 -13.86 -3.25 9.78
C ASP C 210 -13.75 -1.76 9.45
N LEU C 211 -12.54 -1.15 9.61
CA LEU C 211 -12.40 0.27 9.35
C LEU C 211 -12.60 0.49 7.85
N GLU C 212 -12.01 -0.42 7.04
CA GLU C 212 -12.07 -0.29 5.58
C GLU C 212 -13.55 -0.36 5.14
N HIS C 213 -14.34 -1.28 5.74
CA HIS C 213 -15.76 -1.43 5.45
C HIS C 213 -16.50 -0.13 5.82
N LEU C 214 -16.15 0.49 6.95
CA LEU C 214 -16.83 1.72 7.34
C LEU C 214 -16.50 2.83 6.34
N TYR C 215 -15.22 2.95 5.95
CA TYR C 215 -14.82 3.97 4.98
C TYR C 215 -15.54 3.85 3.62
N GLN C 216 -15.75 2.63 3.10
CA GLN C 216 -16.43 2.47 1.83
C GLN C 216 -17.86 3.01 1.89
N GLN C 217 -18.53 2.91 3.05
CA GLN C 217 -19.88 3.45 3.10
C GLN C 217 -19.85 4.97 3.16
N LEU C 218 -18.84 5.55 3.82
CA LEU C 218 -18.78 7.00 4.00
C LEU C 218 -18.25 7.73 2.76
N GLU C 219 -17.45 7.03 1.91
CA GLU C 219 -16.72 7.69 0.80
C GLU C 219 -17.61 8.50 -0.18
N PRO C 220 -18.77 8.00 -0.65
CA PRO C 220 -19.61 8.79 -1.58
C PRO C 220 -20.02 10.17 -1.04
N LEU C 221 -20.20 10.27 0.28
CA LEU C 221 -20.59 11.54 0.89
C LEU C 221 -19.42 12.52 0.76
N TYR C 222 -18.20 12.02 1.06
CA TYR C 222 -17.01 12.83 0.95
C TYR C 222 -16.83 13.31 -0.49
N LEU C 223 -16.95 12.39 -1.48
CA LEU C 223 -16.70 12.75 -2.86
C LEU C 223 -17.65 13.84 -3.35
N ASN C 224 -18.90 13.76 -2.90
CA ASN C 224 -19.91 14.75 -3.29
C ASN C 224 -19.62 16.12 -2.65
N LEU C 225 -19.26 16.10 -1.36
CA LEU C 225 -18.98 17.35 -0.67
C LEU C 225 -17.79 18.02 -1.33
N HIS C 226 -16.71 17.24 -1.61
CA HIS C 226 -15.50 17.65 -2.30
C HIS C 226 -15.79 18.35 -3.63
N ALA C 227 -16.54 17.70 -4.53
CA ALA C 227 -16.79 18.23 -5.86
C ALA C 227 -17.58 19.55 -5.74
N PHE C 228 -18.52 19.62 -4.77
CA PHE C 228 -19.33 20.86 -4.61
C PHE C 228 -18.46 22.03 -4.13
N VAL C 229 -17.55 21.75 -3.20
CA VAL C 229 -16.64 22.76 -2.66
C VAL C 229 -15.58 23.15 -3.70
N ARG C 230 -15.04 22.17 -4.48
CA ARG C 230 -14.15 22.51 -5.57
C ARG C 230 -14.76 23.51 -6.57
N ARG C 231 -16.04 23.30 -6.92
CA ARG C 231 -16.73 24.25 -7.82
C ARG C 231 -16.69 25.69 -7.28
N ALA C 232 -16.93 25.86 -5.97
CA ALA C 232 -16.94 27.20 -5.38
C ALA C 232 -15.54 27.82 -5.42
N LEU C 233 -14.48 27.00 -5.23
CA LEU C 233 -13.11 27.51 -5.21
C LEU C 233 -12.72 27.90 -6.62
N HIS C 234 -13.28 27.17 -7.61
CA HIS C 234 -13.03 27.51 -8.99
C HIS C 234 -13.59 28.93 -9.28
N ARG C 235 -14.81 29.19 -8.81
CA ARG C 235 -15.44 30.48 -9.04
C ARG C 235 -14.53 31.60 -8.49
N ARG C 236 -13.86 31.31 -7.38
CA ARG C 236 -13.12 32.32 -6.62
C ARG C 236 -11.73 32.54 -7.21
N TYR C 237 -10.96 31.47 -7.48
CA TYR C 237 -9.55 31.63 -7.86
C TYR C 237 -9.37 31.37 -9.34
N GLY C 238 -10.38 30.84 -10.04
CA GLY C 238 -10.29 30.72 -11.50
C GLY C 238 -9.62 29.43 -11.97
N ASP C 239 -9.40 29.38 -13.30
CA ASP C 239 -9.02 28.16 -14.00
C ASP C 239 -7.55 27.86 -13.83
N ARG C 240 -6.75 28.89 -13.53
CA ARG C 240 -5.33 28.68 -13.39
C ARG C 240 -4.99 27.92 -12.08
N TYR C 241 -5.82 28.01 -11.04
CA TYR C 241 -5.43 27.55 -9.71
C TYR C 241 -6.28 26.38 -9.24
N ILE C 242 -7.40 26.16 -9.94
CA ILE C 242 -8.33 25.09 -9.60
C ILE C 242 -8.56 24.29 -10.87
N ASN C 243 -8.32 22.96 -10.78
CA ASN C 243 -8.63 22.00 -11.85
C ASN C 243 -9.90 21.23 -11.42
N LEU C 244 -11.00 21.35 -12.19
CA LEU C 244 -12.30 20.77 -11.91
C LEU C 244 -12.31 19.24 -12.03
N ARG C 245 -11.18 18.66 -12.43
CA ARG C 245 -11.09 17.20 -12.53
C ARG C 245 -9.82 16.69 -11.84
N GLY C 246 -9.19 17.58 -11.06
CA GLY C 246 -7.93 17.28 -10.35
C GLY C 246 -8.04 17.53 -8.84
N PRO C 247 -6.97 17.24 -8.03
CA PRO C 247 -6.97 17.54 -6.61
C PRO C 247 -7.02 19.04 -6.32
N ILE C 248 -7.63 19.36 -5.18
CA ILE C 248 -7.72 20.74 -4.69
C ILE C 248 -6.38 21.11 -4.01
N PRO C 249 -5.79 22.31 -4.33
CA PRO C 249 -4.57 22.77 -3.64
C PRO C 249 -4.73 22.83 -2.12
N ALA C 250 -3.74 22.29 -1.33
CA ALA C 250 -3.99 21.94 0.08
C ALA C 250 -4.17 23.14 1.01
N HIS C 251 -3.98 24.37 0.52
CA HIS C 251 -3.94 25.56 1.37
C HIS C 251 -5.26 26.35 1.29
N LEU C 252 -6.29 25.83 0.59
CA LEU C 252 -7.42 26.71 0.20
C LEU C 252 -8.69 26.36 0.97
N LEU C 253 -8.59 25.53 2.04
CA LEU C 253 -9.80 24.90 2.59
C LEU C 253 -10.09 25.38 4.03
N GLY C 254 -9.37 26.39 4.49
CA GLY C 254 -9.75 27.08 5.72
C GLY C 254 -8.89 26.61 6.91
N ASP C 255 -7.96 25.68 6.67
CA ASP C 255 -7.27 25.00 7.77
C ASP C 255 -5.90 24.56 7.26
N MET C 256 -4.89 24.65 8.13
CA MET C 256 -3.48 24.34 7.81
C MET C 256 -3.31 22.93 7.20
N TRP C 257 -4.18 21.94 7.59
CA TRP C 257 -4.08 20.52 7.19
C TRP C 257 -5.20 20.11 6.24
N ALA C 258 -6.03 21.09 5.87
CA ALA C 258 -7.20 20.81 5.03
C ALA C 258 -8.12 19.79 5.71
N GLN C 259 -8.16 19.78 7.04
CA GLN C 259 -8.79 18.60 7.68
C GLN C 259 -10.28 18.81 7.99
N SER C 260 -10.70 20.08 8.13
CA SER C 260 -12.11 20.42 8.28
C SER C 260 -12.30 21.79 7.62
N TRP C 261 -13.49 21.99 7.05
CA TRP C 261 -13.62 23.05 6.05
C TRP C 261 -14.62 24.12 6.51
N GLU C 262 -15.01 24.14 7.80
CA GLU C 262 -16.02 25.11 8.26
C GLU C 262 -15.63 26.58 8.00
N ASN C 263 -14.32 26.90 8.00
CA ASN C 263 -13.86 28.27 7.80
C ASN C 263 -14.16 28.87 6.42
N ILE C 264 -14.50 28.07 5.41
CA ILE C 264 -14.82 28.63 4.09
C ILE C 264 -16.31 28.48 3.84
N TYR C 265 -17.07 28.18 4.90
CA TYR C 265 -18.54 28.17 4.88
C TYR C 265 -19.11 29.42 4.18
N ASP C 266 -18.55 30.60 4.47
CA ASP C 266 -19.13 31.79 3.86
C ASP C 266 -19.02 31.76 2.34
N MET C 267 -18.10 30.95 1.78
CA MET C 267 -17.92 30.94 0.33
C MET C 267 -18.85 29.94 -0.34
N VAL C 268 -19.41 29.00 0.44
CA VAL C 268 -20.15 27.93 -0.21
C VAL C 268 -21.57 27.85 0.34
N VAL C 269 -21.90 28.71 1.32
CA VAL C 269 -23.25 28.67 1.84
C VAL C 269 -24.20 28.86 0.66
N PRO C 270 -25.18 27.95 0.39
CA PRO C 270 -26.14 28.15 -0.70
C PRO C 270 -26.98 29.44 -0.60
N PHE C 271 -27.59 29.67 0.56
CA PHE C 271 -28.62 30.68 0.70
C PHE C 271 -28.06 31.82 1.56
N PRO C 272 -27.15 32.70 1.05
CA PRO C 272 -26.34 33.57 1.92
C PRO C 272 -27.11 34.71 2.56
N ASP C 273 -28.38 34.84 2.17
CA ASP C 273 -29.24 35.92 2.61
C ASP C 273 -29.86 35.58 3.97
N LYS C 274 -29.90 34.27 4.34
CA LYS C 274 -30.53 33.81 5.58
C LYS C 274 -29.62 34.10 6.76
N PRO C 275 -30.03 33.85 8.02
CA PRO C 275 -29.16 34.17 9.17
C PRO C 275 -27.84 33.41 9.08
N ASN C 276 -26.76 34.11 9.45
CA ASN C 276 -25.43 33.58 9.60
C ASN C 276 -25.42 32.51 10.72
N LEU C 277 -25.22 31.22 10.37
CA LEU C 277 -25.12 30.16 11.38
C LEU C 277 -23.74 30.11 12.05
N ASP C 278 -22.77 30.93 11.59
CA ASP C 278 -21.52 31.12 12.31
C ASP C 278 -21.67 32.32 13.26
N VAL C 279 -21.76 32.02 14.56
CA VAL C 279 -22.18 33.00 15.55
C VAL C 279 -20.95 33.72 16.09
N THR C 280 -19.75 33.46 15.51
CA THR C 280 -18.52 34.07 16.01
C THR C 280 -18.71 35.58 16.20
N SER C 281 -19.13 36.24 15.12
CA SER C 281 -19.18 37.69 15.18
C SER C 281 -20.18 38.18 16.25
N THR C 282 -21.25 37.40 16.53
CA THR C 282 -22.12 37.74 17.67
C THR C 282 -21.40 37.52 19.01
N MET C 283 -20.60 36.43 19.15
CA MET C 283 -19.89 36.17 20.39
C MET C 283 -18.99 37.36 20.73
N LEU C 284 -18.25 37.89 19.73
CA LEU C 284 -17.42 39.08 19.90
C LEU C 284 -18.28 40.31 20.18
N GLN C 285 -19.38 40.49 19.44
CA GLN C 285 -20.22 41.68 19.66
C GLN C 285 -20.64 41.72 21.12
N GLN C 286 -20.90 40.54 21.73
CA GLN C 286 -21.42 40.44 23.09
C GLN C 286 -20.31 40.44 24.14
N GLY C 287 -19.04 40.34 23.75
CA GLY C 287 -18.04 40.40 24.82
C GLY C 287 -17.70 39.03 25.44
N TRP C 288 -17.98 37.92 24.73
CA TRP C 288 -17.62 36.60 25.25
C TRP C 288 -16.11 36.52 25.51
N GLN C 289 -15.70 35.89 26.62
CA GLN C 289 -14.30 35.59 26.91
C GLN C 289 -14.12 34.09 27.10
N ALA C 290 -12.85 33.64 27.16
CA ALA C 290 -12.58 32.26 27.50
C ALA C 290 -13.40 31.81 28.72
N THR C 291 -13.41 32.65 29.77
CA THR C 291 -13.99 32.16 31.02
C THR C 291 -15.47 31.81 30.79
N HIS C 292 -16.20 32.64 30.03
CA HIS C 292 -17.63 32.44 29.82
C HIS C 292 -17.91 31.18 29.00
N MET C 293 -17.00 30.91 28.05
CA MET C 293 -17.10 29.77 27.15
C MET C 293 -17.08 28.49 28.00
N PHE C 294 -16.11 28.38 28.91
CA PHE C 294 -15.97 27.29 29.88
C PHE C 294 -17.25 27.14 30.76
N ARG C 295 -17.81 28.27 31.30
CA ARG C 295 -18.96 28.19 32.19
C ARG C 295 -20.19 27.74 31.41
N VAL C 296 -20.27 28.13 30.14
CA VAL C 296 -21.44 27.72 29.38
C VAL C 296 -21.34 26.25 28.96
N ALA C 297 -20.12 25.76 28.65
CA ALA C 297 -19.92 24.33 28.48
C ALA C 297 -20.30 23.58 29.77
N GLU C 298 -19.72 24.01 30.92
CA GLU C 298 -20.04 23.36 32.19
C GLU C 298 -21.57 23.20 32.47
N GLU C 299 -22.34 24.26 32.23
CA GLU C 299 -23.74 24.27 32.58
C GLU C 299 -24.51 23.25 31.72
N PHE C 300 -24.04 23.00 30.50
CA PHE C 300 -24.65 21.95 29.69
C PHE C 300 -24.50 20.59 30.37
N PHE C 301 -23.28 20.27 30.84
CA PHE C 301 -23.05 19.05 31.59
C PHE C 301 -23.92 18.95 32.85
N THR C 302 -24.00 20.01 33.69
CA THR C 302 -24.84 19.92 34.89
C THR C 302 -26.31 19.90 34.52
N SER C 303 -26.71 20.42 33.34
CA SER C 303 -28.13 20.34 33.02
C SER C 303 -28.53 18.87 32.81
N LEU C 304 -27.54 18.02 32.44
CA LEU C 304 -27.73 16.58 32.32
C LEU C 304 -27.62 15.88 33.68
N GLU C 305 -27.41 16.61 34.80
CA GLU C 305 -27.02 16.02 36.09
C GLU C 305 -25.74 15.20 36.02
N LEU C 306 -24.78 15.60 35.19
CA LEU C 306 -23.38 15.22 35.33
C LEU C 306 -22.69 16.22 36.26
N SER C 307 -21.37 16.10 36.47
CA SER C 307 -20.70 16.88 37.50
C SER C 307 -20.32 18.25 36.97
N PRO C 308 -20.31 19.25 37.89
CA PRO C 308 -19.61 20.51 37.63
C PRO C 308 -18.08 20.32 37.68
N MET C 309 -17.32 21.29 37.17
CA MET C 309 -15.89 21.34 37.40
C MET C 309 -15.58 21.62 38.87
N PRO C 310 -14.63 20.90 39.53
CA PRO C 310 -14.29 21.20 40.93
C PRO C 310 -13.44 22.48 41.07
N PRO C 311 -13.30 23.06 42.29
CA PRO C 311 -12.42 24.21 42.53
C PRO C 311 -10.98 24.12 41.99
N GLU C 312 -10.35 22.95 42.20
CA GLU C 312 -9.01 22.70 41.69
C GLU C 312 -9.00 22.90 40.17
N PHE C 313 -10.09 22.60 39.44
CA PHE C 313 -10.11 22.85 38.00
C PHE C 313 -9.97 24.35 37.66
N TRP C 314 -10.69 25.23 38.40
CA TRP C 314 -10.72 26.65 38.02
C TRP C 314 -9.42 27.28 38.50
N GLU C 315 -8.97 26.89 39.69
CA GLU C 315 -7.74 27.43 40.24
C GLU C 315 -6.52 27.03 39.40
N GLY C 316 -6.56 25.86 38.75
CA GLY C 316 -5.34 25.26 38.22
C GLY C 316 -5.17 25.39 36.70
N SER C 317 -6.27 25.54 35.98
CA SER C 317 -6.24 25.39 34.54
C SER C 317 -5.48 26.53 33.85
N MET C 318 -5.03 26.37 32.60
CA MET C 318 -4.57 27.51 31.81
C MET C 318 -5.53 27.67 30.63
N LEU C 319 -6.41 28.70 30.70
CA LEU C 319 -7.50 28.89 29.74
C LEU C 319 -7.21 29.97 28.64
N GLU C 320 -6.08 30.69 28.73
CA GLU C 320 -5.67 31.61 27.67
C GLU C 320 -4.18 31.46 27.38
N LYS C 321 -3.74 31.81 26.16
CA LYS C 321 -2.31 31.83 25.94
C LYS C 321 -1.68 32.90 26.84
N PRO C 322 -0.63 32.57 27.64
CA PRO C 322 0.00 33.55 28.53
C PRO C 322 0.57 34.78 27.81
N ALA C 323 0.46 35.94 28.45
CA ALA C 323 0.91 37.18 27.82
C ALA C 323 2.30 37.65 28.28
N ASP C 324 2.93 36.96 29.27
CA ASP C 324 4.29 37.21 29.72
C ASP C 324 5.30 36.77 28.66
N GLY C 325 4.86 35.97 27.68
CA GLY C 325 5.69 35.42 26.62
C GLY C 325 6.56 34.23 27.06
N ARG C 326 6.10 33.42 28.01
CA ARG C 326 6.55 32.04 28.08
C ARG C 326 6.22 31.38 26.74
N GLU C 327 6.86 30.25 26.45
CA GLU C 327 6.44 29.41 25.36
C GLU C 327 5.53 28.34 25.97
N VAL C 328 4.43 28.00 25.28
CA VAL C 328 3.59 26.94 25.79
C VAL C 328 3.32 25.96 24.67
N VAL C 329 2.82 24.76 25.01
CA VAL C 329 2.19 23.92 24.00
C VAL C 329 0.76 24.46 23.83
N CYS C 330 0.45 25.03 22.66
CA CYS C 330 -0.87 25.64 22.46
C CYS C 330 -1.96 24.61 22.20
N HIS C 331 -1.66 23.51 21.48
CA HIS C 331 -2.63 22.47 21.20
C HIS C 331 -3.32 22.05 22.50
N ALA C 332 -4.67 22.10 22.49
CA ALA C 332 -5.51 21.92 23.71
C ALA C 332 -5.34 20.51 24.28
N SER C 333 -5.57 20.34 25.60
CA SER C 333 -5.46 19.05 26.26
C SER C 333 -6.03 19.12 27.67
N ALA C 334 -6.43 17.93 28.18
CA ALA C 334 -7.10 17.79 29.49
C ALA C 334 -6.30 16.78 30.33
N TRP C 335 -6.13 17.07 31.62
CA TRP C 335 -5.11 16.45 32.48
C TRP C 335 -5.75 15.85 33.73
N ASP C 336 -5.49 14.56 33.97
CA ASP C 336 -5.87 13.77 35.13
C ASP C 336 -4.59 13.46 35.90
N PHE C 337 -4.53 13.89 37.17
CA PHE C 337 -3.28 13.81 37.95
C PHE C 337 -3.24 12.54 38.79
N TYR C 338 -4.27 11.68 38.68
CA TYR C 338 -4.25 10.38 39.33
C TYR C 338 -4.27 10.54 40.87
N ASN C 339 -4.80 11.67 41.38
CA ASN C 339 -4.99 11.81 42.83
C ASN C 339 -6.48 11.91 43.21
N ARG C 340 -7.40 11.73 42.27
CA ARG C 340 -8.84 11.81 42.52
C ARG C 340 -9.29 13.22 42.93
N LYS C 341 -8.41 14.23 42.79
CA LYS C 341 -8.62 15.59 43.27
C LYS C 341 -8.34 16.63 42.16
N ASP C 342 -7.15 16.63 41.56
CA ASP C 342 -6.79 17.60 40.54
C ASP C 342 -7.08 17.16 39.11
N PHE C 343 -7.74 18.07 38.36
CA PHE C 343 -8.10 17.94 36.94
C PHE C 343 -8.00 19.32 36.30
N ARG C 344 -7.32 19.45 35.14
CA ARG C 344 -7.11 20.74 34.48
C ARG C 344 -7.22 20.66 32.95
N ILE C 345 -7.51 21.82 32.33
CA ILE C 345 -7.37 22.01 30.89
C ILE C 345 -6.28 23.07 30.62
N LYS C 346 -5.52 22.84 29.55
CA LYS C 346 -4.53 23.79 29.03
C LYS C 346 -4.91 24.06 27.57
N GLN C 347 -5.45 25.26 27.29
CA GLN C 347 -5.97 25.66 25.97
C GLN C 347 -5.63 27.13 25.71
N CYS C 348 -5.06 27.41 24.51
CA CYS C 348 -4.90 28.79 24.09
C CYS C 348 -6.21 29.32 23.46
N THR C 349 -7.24 29.54 24.29
CA THR C 349 -8.61 29.69 23.81
C THR C 349 -8.80 31.01 23.07
N ARG C 350 -9.40 30.95 21.89
CA ARG C 350 -9.82 32.13 21.16
C ARG C 350 -11.36 32.19 21.11
N VAL C 351 -11.95 33.40 21.06
CA VAL C 351 -13.39 33.55 21.01
C VAL C 351 -13.89 33.41 19.56
N THR C 352 -14.16 32.16 19.14
CA THR C 352 -14.81 31.81 17.88
C THR C 352 -15.81 30.66 18.12
N MET C 353 -16.73 30.45 17.16
CA MET C 353 -17.69 29.36 17.27
C MET C 353 -16.98 27.98 17.29
N ASP C 354 -15.90 27.79 16.52
CA ASP C 354 -15.34 26.44 16.47
C ASP C 354 -14.50 26.10 17.72
N GLN C 355 -13.88 27.12 18.31
CA GLN C 355 -13.26 27.06 19.63
C GLN C 355 -14.25 26.72 20.75
N LEU C 356 -15.52 27.19 20.68
CA LEU C 356 -16.56 26.79 21.62
C LEU C 356 -16.78 25.27 21.55
N SER C 357 -16.85 24.73 20.32
CA SER C 357 -16.84 23.26 20.20
C SER C 357 -15.60 22.57 20.80
N THR C 358 -14.39 23.13 20.61
CA THR C 358 -13.16 22.59 21.19
C THR C 358 -13.24 22.59 22.72
N VAL C 359 -13.79 23.68 23.34
CA VAL C 359 -14.05 23.76 24.76
C VAL C 359 -14.91 22.56 25.21
N HIS C 360 -16.02 22.24 24.50
CA HIS C 360 -16.88 21.09 24.82
C HIS C 360 -16.03 19.79 24.75
N HIS C 361 -15.20 19.68 23.71
CA HIS C 361 -14.31 18.54 23.45
C HIS C 361 -13.42 18.26 24.66
N GLU C 362 -12.72 19.30 25.18
CA GLU C 362 -11.80 19.08 26.29
C GLU C 362 -12.58 18.77 27.58
N MET C 363 -13.74 19.43 27.76
CA MET C 363 -14.49 19.23 29.00
C MET C 363 -15.12 17.83 29.05
N GLY C 364 -15.48 17.24 27.91
CA GLY C 364 -15.88 15.85 27.77
C GLY C 364 -14.81 14.89 28.36
N HIS C 365 -13.51 15.17 28.11
CA HIS C 365 -12.44 14.39 28.73
C HIS C 365 -12.45 14.57 30.27
N ILE C 366 -12.48 15.81 30.78
CA ILE C 366 -12.59 16.07 32.23
C ILE C 366 -13.78 15.31 32.85
N GLN C 367 -14.95 15.41 32.22
CA GLN C 367 -16.11 14.71 32.74
C GLN C 367 -15.79 13.22 32.95
N TYR C 368 -15.22 12.59 31.89
CA TYR C 368 -14.75 11.19 31.94
C TYR C 368 -13.93 10.97 33.22
N TYR C 369 -12.85 11.77 33.37
CA TYR C 369 -11.97 11.56 34.49
C TYR C 369 -12.75 11.65 35.79
N LEU C 370 -13.72 12.58 35.86
CA LEU C 370 -14.47 12.78 37.11
C LEU C 370 -15.31 11.54 37.43
N GLN C 371 -15.89 10.92 36.40
CA GLN C 371 -16.84 9.84 36.57
C GLN C 371 -16.20 8.49 36.95
N TYR C 372 -14.88 8.34 36.79
CA TYR C 372 -14.21 7.05 36.90
C TYR C 372 -13.02 7.12 37.86
N LYS C 373 -12.86 8.26 38.55
CA LYS C 373 -11.76 8.49 39.47
C LYS C 373 -11.78 7.51 40.67
N ASP C 374 -12.84 6.70 40.88
CA ASP C 374 -12.78 5.79 42.01
C ASP C 374 -12.43 4.37 41.57
N LEU C 375 -12.36 4.10 40.25
CA LEU C 375 -11.79 2.86 39.76
C LEU C 375 -10.30 2.80 40.16
N PRO C 376 -9.72 1.58 40.30
CA PRO C 376 -8.26 1.40 40.27
C PRO C 376 -7.59 1.87 38.97
N VAL C 377 -6.42 2.49 39.13
CA VAL C 377 -5.87 3.32 38.07
C VAL C 377 -5.93 2.71 36.66
N SER C 378 -5.72 1.39 36.49
CA SER C 378 -5.53 0.82 35.16
C SER C 378 -6.85 0.80 34.38
N LEU C 379 -7.93 1.06 35.08
CA LEU C 379 -9.24 1.07 34.45
C LEU C 379 -9.67 2.52 34.16
N ARG C 380 -8.85 3.50 34.62
CA ARG C 380 -9.09 4.93 34.41
C ARG C 380 -8.72 5.28 32.96
N ARG C 381 -9.49 4.71 32.02
CA ARG C 381 -9.29 5.19 30.67
C ARG C 381 -10.59 4.95 29.91
N GLY C 382 -10.69 5.39 28.65
CA GLY C 382 -12.00 5.22 28.03
C GLY C 382 -12.22 3.75 27.70
N ALA C 383 -13.48 3.34 27.44
CA ALA C 383 -13.67 1.95 27.04
C ALA C 383 -12.74 1.58 25.85
N ASN C 384 -12.39 2.55 25.01
CA ASN C 384 -11.35 2.53 23.99
C ASN C 384 -11.00 4.01 23.71
N PRO C 385 -9.83 4.34 23.11
CA PRO C 385 -9.49 5.76 22.95
C PRO C 385 -10.54 6.59 22.20
N GLY C 386 -11.22 5.98 21.24
CA GLY C 386 -12.30 6.59 20.48
C GLY C 386 -13.41 7.13 21.38
N PHE C 387 -13.75 6.37 22.46
CA PHE C 387 -14.82 6.73 23.36
C PHE C 387 -14.42 8.03 24.05
N HIS C 388 -13.15 8.13 24.44
CA HIS C 388 -12.78 9.33 25.15
C HIS C 388 -12.88 10.53 24.23
N GLU C 389 -12.44 10.41 22.95
CA GLU C 389 -12.46 11.59 22.08
C GLU C 389 -13.90 12.01 21.69
N ALA C 390 -14.88 11.11 21.92
CA ALA C 390 -16.20 11.34 21.37
C ALA C 390 -17.05 12.17 22.35
N ILE C 391 -16.80 12.10 23.66
CA ILE C 391 -17.78 12.48 24.67
C ILE C 391 -18.24 13.95 24.49
N GLY C 392 -17.29 14.90 24.47
CA GLY C 392 -17.62 16.32 24.40
C GLY C 392 -18.22 16.72 23.04
N ASP C 393 -17.79 16.00 21.99
CA ASP C 393 -18.27 16.14 20.62
C ASP C 393 -19.77 15.87 20.54
N VAL C 394 -20.26 14.90 21.33
CA VAL C 394 -21.68 14.58 21.40
C VAL C 394 -22.47 15.79 21.95
N LEU C 395 -22.06 16.40 23.07
CA LEU C 395 -22.76 17.58 23.58
C LEU C 395 -22.70 18.72 22.56
N ALA C 396 -21.51 18.95 21.96
CA ALA C 396 -21.36 19.95 20.90
C ALA C 396 -22.35 19.80 19.74
N LEU C 397 -22.70 18.57 19.33
CA LEU C 397 -23.72 18.39 18.31
C LEU C 397 -25.07 19.05 18.69
N SER C 398 -25.54 18.88 19.93
CA SER C 398 -26.73 19.55 20.48
C SER C 398 -26.56 21.07 20.57
N VAL C 399 -25.40 21.57 21.06
CA VAL C 399 -25.13 23.01 21.20
C VAL C 399 -25.24 23.74 19.86
N SER C 400 -24.81 23.10 18.76
CA SER C 400 -24.72 23.87 17.53
C SER C 400 -26.05 23.94 16.74
N THR C 401 -27.09 23.25 17.24
CA THR C 401 -28.36 23.32 16.52
C THR C 401 -28.84 24.78 16.57
N PRO C 402 -29.49 25.29 15.50
CA PRO C 402 -30.09 26.63 15.54
C PRO C 402 -31.00 26.92 16.75
N GLU C 403 -31.85 25.95 17.15
CA GLU C 403 -32.76 26.11 18.29
C GLU C 403 -31.95 26.33 19.57
N HIS C 404 -30.87 25.56 19.74
CA HIS C 404 -30.13 25.68 21.00
C HIS C 404 -29.40 27.02 21.03
N LEU C 405 -28.73 27.41 19.92
CA LEU C 405 -28.08 28.70 19.78
C LEU C 405 -29.08 29.81 20.11
N HIS C 406 -30.32 29.68 19.61
CA HIS C 406 -31.34 30.67 19.99
C HIS C 406 -31.53 30.72 21.50
N LYS C 407 -31.55 29.55 22.15
CA LYS C 407 -31.82 29.53 23.58
C LYS C 407 -30.71 30.22 24.35
N ILE C 408 -29.46 30.16 23.87
CA ILE C 408 -28.36 30.72 24.66
C ILE C 408 -28.02 32.14 24.17
N GLY C 409 -28.91 32.78 23.38
CA GLY C 409 -28.80 34.20 23.03
C GLY C 409 -27.82 34.55 21.90
N LEU C 410 -27.33 33.55 21.15
CA LEU C 410 -26.38 33.73 20.03
C LEU C 410 -27.05 33.74 18.65
N LEU C 411 -28.40 33.64 18.55
CA LEU C 411 -29.07 33.63 17.24
C LEU C 411 -30.54 34.04 17.42
N ASP C 412 -31.05 34.93 16.57
CA ASP C 412 -32.50 35.14 16.43
C ASP C 412 -33.17 33.85 15.94
N ARG C 413 -34.46 33.62 16.28
CA ARG C 413 -35.06 32.32 15.90
C ARG C 413 -35.07 32.17 14.37
N VAL C 414 -34.76 30.97 13.83
CA VAL C 414 -34.77 30.74 12.39
C VAL C 414 -36.16 30.27 11.98
N THR C 415 -36.42 30.17 10.67
CA THR C 415 -37.59 29.44 10.20
C THR C 415 -37.21 28.00 9.90
N ASN C 416 -37.92 27.06 10.54
CA ASN C 416 -37.88 25.64 10.26
C ASN C 416 -38.40 25.40 8.84
N ASP C 417 -37.68 25.91 7.82
CA ASP C 417 -37.93 25.63 6.41
C ASP C 417 -36.75 24.88 5.76
N THR C 418 -36.87 24.61 4.46
CA THR C 418 -35.99 23.69 3.80
C THR C 418 -34.60 24.29 3.66
N GLU C 419 -34.54 25.59 3.35
CA GLU C 419 -33.26 26.24 3.07
C GLU C 419 -32.36 26.26 4.30
N SER C 420 -32.98 26.52 5.47
CA SER C 420 -32.28 26.60 6.73
C SER C 420 -31.73 25.24 7.13
N ASP C 421 -32.47 24.17 6.78
CA ASP C 421 -32.07 22.81 7.12
C ASP C 421 -30.82 22.45 6.29
N ILE C 422 -30.86 22.77 4.99
CA ILE C 422 -29.77 22.53 4.06
C ILE C 422 -28.53 23.33 4.51
N ASN C 423 -28.74 24.63 4.81
CA ASN C 423 -27.70 25.53 5.26
C ASN C 423 -26.96 24.93 6.47
N TYR C 424 -27.71 24.45 7.46
CA TYR C 424 -27.15 23.88 8.68
C TYR C 424 -26.43 22.55 8.38
N LEU C 425 -27.11 21.67 7.64
CA LEU C 425 -26.51 20.37 7.39
C LEU C 425 -25.21 20.48 6.59
N LEU C 426 -25.07 21.50 5.74
CA LEU C 426 -23.87 21.72 4.95
C LEU C 426 -22.75 22.19 5.86
N LYS C 427 -23.04 23.16 6.75
CA LYS C 427 -22.04 23.67 7.68
C LYS C 427 -21.48 22.49 8.49
N MET C 428 -22.36 21.57 8.88
CA MET C 428 -21.98 20.46 9.75
C MET C 428 -21.18 19.44 8.92
N ALA C 429 -21.48 19.36 7.59
CA ALA C 429 -20.72 18.50 6.68
C ALA C 429 -19.28 19.01 6.51
N LEU C 430 -19.13 20.36 6.49
CA LEU C 430 -17.77 20.91 6.35
C LEU C 430 -16.87 20.50 7.52
N GLU C 431 -17.50 20.30 8.68
CA GLU C 431 -16.78 20.05 9.92
C GLU C 431 -16.56 18.53 10.15
N LYS C 432 -17.56 17.69 9.83
CA LYS C 432 -17.58 16.29 10.22
C LYS C 432 -17.23 15.38 9.03
N ILE C 433 -17.85 15.60 7.85
CA ILE C 433 -17.63 14.74 6.68
C ILE C 433 -16.25 15.01 6.03
N ALA C 434 -15.87 16.29 5.94
CA ALA C 434 -14.57 16.61 5.33
C ALA C 434 -13.39 15.97 6.09
N PHE C 435 -13.55 15.80 7.43
CA PHE C 435 -12.59 15.18 8.33
C PHE C 435 -12.32 13.70 8.01
N LEU C 436 -13.34 12.93 7.57
CA LEU C 436 -13.30 11.48 7.55
C LEU C 436 -12.04 10.91 6.86
N PRO C 437 -11.70 11.32 5.61
CA PRO C 437 -10.45 10.81 5.00
C PRO C 437 -9.18 11.10 5.81
N PHE C 438 -9.12 12.27 6.47
CA PHE C 438 -7.88 12.60 7.19
C PHE C 438 -7.79 11.77 8.47
N GLY C 439 -8.91 11.66 9.18
CA GLY C 439 -9.07 10.71 10.27
C GLY C 439 -8.57 9.31 9.92
N TYR C 440 -8.95 8.76 8.74
CA TYR C 440 -8.53 7.41 8.36
C TYR C 440 -7.04 7.33 7.98
N LEU C 441 -6.52 8.34 7.27
CA LEU C 441 -5.20 8.23 6.61
C LEU C 441 -3.96 8.39 7.52
N VAL C 442 -4.00 9.25 8.56
CA VAL C 442 -2.80 9.59 9.35
C VAL C 442 -2.15 8.31 9.94
N ASP C 443 -2.94 7.46 10.58
CA ASP C 443 -2.39 6.23 11.12
C ASP C 443 -2.05 5.21 10.03
N GLN C 444 -2.69 5.24 8.84
CA GLN C 444 -2.20 4.36 7.77
C GLN C 444 -0.78 4.77 7.38
N TRP C 445 -0.49 6.06 7.48
CA TRP C 445 0.89 6.49 7.24
C TRP C 445 1.86 5.95 8.31
N ARG C 446 1.50 6.22 9.58
CA ARG C 446 2.35 5.89 10.72
C ARG C 446 2.51 4.39 10.93
N TRP C 447 1.43 3.60 10.72
CA TRP C 447 1.54 2.14 10.76
C TRP C 447 2.58 1.64 9.75
N GLY C 448 2.63 2.22 8.54
CA GLY C 448 3.62 1.80 7.55
C GLY C 448 5.05 2.20 7.92
N VAL C 449 5.21 3.36 8.59
CA VAL C 449 6.52 3.78 9.08
C VAL C 449 6.96 2.79 10.17
N PHE C 450 6.10 2.49 11.17
CA PHE C 450 6.47 1.51 12.22
C PHE C 450 6.76 0.10 11.66
N SER C 451 5.99 -0.36 10.65
CA SER C 451 6.19 -1.71 10.09
C SER C 451 7.45 -1.79 9.24
N GLY C 452 7.96 -0.64 8.79
CA GLY C 452 9.11 -0.77 7.89
C GLY C 452 8.74 -0.58 6.42
N ARG C 453 7.45 -0.60 6.07
CA ARG C 453 7.11 -0.49 4.66
C ARG C 453 7.49 0.90 4.11
N THR C 454 7.48 1.92 4.96
CA THR C 454 7.82 3.29 4.60
C THR C 454 9.13 3.69 5.32
N PRO C 455 10.32 3.51 4.68
CA PRO C 455 11.58 3.90 5.31
C PRO C 455 11.67 5.42 5.26
N PRO C 456 12.67 6.06 5.96
CA PRO C 456 12.92 7.50 5.83
C PRO C 456 12.99 8.02 4.40
N SER C 457 13.50 7.22 3.45
CA SER C 457 13.66 7.68 2.06
C SER C 457 12.30 7.79 1.33
N ARG C 458 11.21 7.35 2.01
CA ARG C 458 9.88 7.48 1.41
C ARG C 458 8.88 8.17 2.33
N TYR C 459 9.33 8.88 3.37
CA TYR C 459 8.40 9.53 4.31
C TYR C 459 7.40 10.47 3.60
N ASN C 460 7.91 11.36 2.72
CA ASN C 460 7.12 12.42 2.09
C ASN C 460 6.34 11.85 0.92
N PHE C 461 6.96 10.94 0.15
CA PHE C 461 6.30 10.27 -0.96
C PHE C 461 5.05 9.54 -0.50
N ASP C 462 5.18 8.71 0.56
CA ASP C 462 4.04 7.95 1.06
C ASP C 462 2.95 8.83 1.72
N TRP C 463 3.38 9.87 2.44
CA TRP C 463 2.44 10.88 2.96
C TRP C 463 1.52 11.49 1.89
N TRP C 464 2.12 12.05 0.81
CA TRP C 464 1.36 12.71 -0.24
C TRP C 464 0.55 11.73 -1.09
N TYR C 465 1.01 10.46 -1.23
CA TYR C 465 0.24 9.42 -1.90
C TYR C 465 -1.08 9.28 -1.14
N LEU C 466 -1.03 9.25 0.22
CA LEU C 466 -2.22 8.98 1.02
C LEU C 466 -3.11 10.24 1.08
N ARG C 467 -2.48 11.40 1.17
CA ARG C 467 -3.21 12.68 1.12
C ARG C 467 -4.03 12.80 -0.18
N THR C 468 -3.38 12.45 -1.30
CA THR C 468 -4.10 12.48 -2.57
C THR C 468 -5.19 11.39 -2.64
N LYS C 469 -4.81 10.13 -2.34
CA LYS C 469 -5.71 8.97 -2.44
C LYS C 469 -7.06 9.21 -1.72
N TYR C 470 -6.99 9.75 -0.50
CA TYR C 470 -8.10 9.87 0.43
C TYR C 470 -8.77 11.26 0.34
N GLN C 471 -7.97 12.34 0.49
CA GLN C 471 -8.60 13.66 0.60
C GLN C 471 -8.72 14.32 -0.79
N GLY C 472 -8.01 13.83 -1.81
CA GLY C 472 -8.11 14.54 -3.10
C GLY C 472 -7.53 15.96 -3.10
N ILE C 473 -6.38 16.13 -2.40
CA ILE C 473 -5.62 17.39 -2.38
C ILE C 473 -4.21 17.18 -2.95
N CYS C 474 -3.56 18.29 -3.32
CA CYS C 474 -2.17 18.25 -3.78
C CYS C 474 -1.41 19.36 -3.09
N PRO C 475 -0.06 19.23 -2.91
CA PRO C 475 0.73 20.33 -2.35
C PRO C 475 0.84 21.50 -3.36
N PRO C 476 0.69 22.77 -2.89
CA PRO C 476 0.67 23.89 -3.82
C PRO C 476 2.07 24.31 -4.26
N VAL C 477 3.13 23.78 -3.59
CA VAL C 477 4.49 23.96 -4.11
C VAL C 477 5.10 22.55 -4.17
N THR C 478 6.10 22.37 -5.02
CA THR C 478 6.79 21.08 -5.20
C THR C 478 7.41 20.64 -3.87
N ARG C 479 7.29 19.34 -3.50
CA ARG C 479 7.94 18.88 -2.28
C ARG C 479 8.93 17.76 -2.63
N ASN C 480 9.94 17.49 -1.78
CA ASN C 480 10.84 16.36 -1.92
C ASN C 480 11.09 15.73 -0.56
N GLU C 481 12.08 14.84 -0.48
CA GLU C 481 12.27 14.09 0.75
C GLU C 481 13.12 14.84 1.80
N THR C 482 13.64 16.05 1.46
CA THR C 482 14.12 16.94 2.53
C THR C 482 12.95 17.45 3.36
N HIS C 483 11.78 17.65 2.75
CA HIS C 483 10.51 17.94 3.43
C HIS C 483 10.00 16.75 4.28
N PHE C 484 9.38 17.07 5.43
CA PHE C 484 8.74 16.08 6.28
C PHE C 484 7.38 16.63 6.72
N ASP C 485 6.41 16.56 5.79
CA ASP C 485 5.14 17.28 5.90
C ASP C 485 4.27 16.64 6.99
N ALA C 486 4.38 15.33 7.17
CA ALA C 486 3.72 14.69 8.33
C ALA C 486 4.17 15.29 9.67
N GLY C 487 5.44 15.72 9.79
CA GLY C 487 5.87 16.27 11.08
C GLY C 487 5.34 17.68 11.42
N ALA C 488 4.80 18.40 10.43
CA ALA C 488 4.08 19.67 10.58
C ALA C 488 2.64 19.50 11.14
N LYS C 489 2.24 18.30 11.53
CA LYS C 489 0.97 18.02 12.16
C LYS C 489 1.21 17.60 13.62
N PHE C 490 0.55 18.28 14.60
CA PHE C 490 0.78 18.11 16.05
C PHE C 490 1.04 16.66 16.49
N HIS C 491 0.11 15.75 16.16
CA HIS C 491 0.11 14.39 16.72
C HIS C 491 1.31 13.53 16.34
N VAL C 492 2.08 13.94 15.31
CA VAL C 492 3.24 13.14 14.85
C VAL C 492 4.43 13.37 15.81
N PRO C 493 5.05 14.58 15.88
CA PRO C 493 6.06 14.83 16.92
C PRO C 493 5.60 14.61 18.37
N ASN C 494 4.31 14.86 18.69
CA ASN C 494 3.84 14.68 20.08
C ASN C 494 3.34 13.27 20.30
N VAL C 495 3.60 12.37 19.34
CA VAL C 495 3.37 10.94 19.51
C VAL C 495 1.97 10.68 20.08
N THR C 496 0.91 11.22 19.43
CA THR C 496 -0.45 10.94 19.91
C THR C 496 -1.13 10.10 18.84
N PRO C 497 -1.59 8.85 19.08
CA PRO C 497 -2.21 8.06 18.03
C PRO C 497 -3.44 8.77 17.42
N TYR C 498 -3.82 8.39 16.17
CA TYR C 498 -4.79 9.17 15.38
C TYR C 498 -6.10 8.41 15.05
N ILE C 499 -6.06 7.08 14.88
CA ILE C 499 -7.26 6.34 14.45
C ILE C 499 -8.46 6.53 15.42
N ARG C 500 -8.19 6.87 16.71
CA ARG C 500 -9.21 7.28 17.69
C ARG C 500 -10.18 8.33 17.12
N TYR C 501 -9.69 9.14 16.16
CA TYR C 501 -10.46 10.30 15.68
C TYR C 501 -11.44 9.84 14.62
N PHE C 502 -11.03 8.95 13.70
CA PHE C 502 -11.96 8.30 12.78
C PHE C 502 -13.02 7.50 13.54
N VAL C 503 -12.58 6.74 14.56
CA VAL C 503 -13.52 5.97 15.40
C VAL C 503 -14.52 6.92 16.11
N SER C 504 -14.01 8.00 16.74
N SER C 504 -14.00 8.02 16.67
CA SER C 504 -14.90 8.93 17.43
CA SER C 504 -14.87 8.89 17.44
C SER C 504 -15.94 9.51 16.46
C SER C 504 -15.77 9.76 16.57
N PHE C 505 -15.49 9.86 15.25
CA PHE C 505 -16.37 10.66 14.41
C PHE C 505 -17.56 9.81 13.98
N VAL C 506 -17.36 8.49 13.93
CA VAL C 506 -18.44 7.58 13.60
C VAL C 506 -19.29 7.31 14.86
N LEU C 507 -18.63 7.11 16.00
CA LEU C 507 -19.22 6.73 17.29
C LEU C 507 -20.12 7.87 17.82
N GLN C 508 -19.68 9.14 17.69
CA GLN C 508 -20.49 10.31 18.14
C GLN C 508 -21.90 10.33 17.56
N PHE C 509 -22.08 9.83 16.32
CA PHE C 509 -23.42 9.82 15.74
C PHE C 509 -24.23 8.68 16.34
N GLN C 510 -23.57 7.55 16.62
CA GLN C 510 -24.26 6.42 17.24
C GLN C 510 -24.72 6.87 18.61
N PHE C 511 -23.82 7.56 19.35
CA PHE C 511 -24.17 7.99 20.70
C PHE C 511 -25.34 8.98 20.67
N HIS C 512 -25.23 10.01 19.81
CA HIS C 512 -26.29 11.01 19.59
C HIS C 512 -27.67 10.36 19.41
N GLU C 513 -27.76 9.42 18.45
CA GLU C 513 -29.00 8.72 18.17
C GLU C 513 -29.53 8.06 19.45
N ALA C 514 -28.65 7.41 20.20
CA ALA C 514 -29.11 6.76 21.42
C ALA C 514 -29.60 7.81 22.42
N LEU C 515 -28.92 8.95 22.54
CA LEU C 515 -29.26 9.87 23.63
C LEU C 515 -30.56 10.60 23.32
N CYS C 516 -30.76 10.93 22.05
CA CYS C 516 -31.95 11.56 21.52
C CYS C 516 -33.19 10.65 21.64
N LYS C 517 -33.00 9.35 21.42
CA LYS C 517 -34.08 8.40 21.66
C LYS C 517 -34.45 8.36 23.16
N GLU C 518 -33.44 8.27 24.03
CA GLU C 518 -33.61 8.23 25.47
C GLU C 518 -34.24 9.53 26.00
N ALA C 519 -33.95 10.68 25.38
CA ALA C 519 -34.58 11.94 25.76
C ALA C 519 -36.08 11.97 25.40
N GLY C 520 -36.50 11.05 24.52
CA GLY C 520 -37.87 11.00 24.05
C GLY C 520 -38.12 11.98 22.91
N TYR C 521 -37.04 12.59 22.37
CA TYR C 521 -37.11 13.50 21.21
C TYR C 521 -37.65 12.72 20.01
N GLU C 522 -38.50 13.36 19.18
CA GLU C 522 -39.22 12.64 18.12
C GLU C 522 -39.17 13.37 16.78
N GLY C 523 -38.40 14.44 16.66
CA GLY C 523 -38.20 15.05 15.35
C GLY C 523 -36.95 14.52 14.63
N PRO C 524 -36.53 15.16 13.53
CA PRO C 524 -35.37 14.70 12.79
C PRO C 524 -34.13 14.59 13.68
N LEU C 525 -33.29 13.56 13.44
CA LEU C 525 -32.10 13.36 14.25
C LEU C 525 -31.27 14.66 14.27
N HIS C 526 -31.25 15.41 13.15
CA HIS C 526 -30.26 16.47 13.10
C HIS C 526 -30.77 17.75 13.76
N GLN C 527 -32.01 17.73 14.24
CA GLN C 527 -32.56 18.88 14.95
C GLN C 527 -32.65 18.56 16.45
N CYS C 528 -32.15 17.40 16.88
CA CYS C 528 -32.22 17.03 18.28
C CYS C 528 -31.32 17.91 19.17
N ASP C 529 -31.85 18.26 20.36
CA ASP C 529 -31.07 18.86 21.44
C ASP C 529 -31.38 18.09 22.72
N ILE C 530 -30.35 17.49 23.36
CA ILE C 530 -30.45 16.72 24.61
C ILE C 530 -30.41 17.58 25.87
N TYR C 531 -30.16 18.90 25.74
CA TYR C 531 -30.03 19.80 26.90
C TYR C 531 -31.14 19.51 27.91
N ARG C 532 -30.79 19.50 29.21
CA ARG C 532 -31.70 19.35 30.32
C ARG C 532 -32.39 17.98 30.32
N SER C 533 -31.93 16.98 29.55
CA SER C 533 -32.51 15.64 29.66
C SER C 533 -31.76 14.78 30.68
N THR C 534 -32.36 14.57 31.87
CA THR C 534 -31.82 13.70 32.92
C THR C 534 -31.67 12.22 32.50
N LYS C 535 -32.59 11.66 31.68
CA LYS C 535 -32.53 10.29 31.16
C LYS C 535 -31.37 10.12 30.16
N ALA C 536 -31.21 11.06 29.22
CA ALA C 536 -30.02 10.97 28.38
C ALA C 536 -28.75 11.09 29.24
N GLY C 537 -28.74 12.05 30.17
CA GLY C 537 -27.70 12.17 31.20
C GLY C 537 -27.42 10.83 31.91
N ALA C 538 -28.47 10.09 32.30
CA ALA C 538 -28.27 8.91 33.13
C ALA C 538 -27.53 7.86 32.31
N LYS C 539 -27.99 7.69 31.07
CA LYS C 539 -27.43 6.73 30.15
C LYS C 539 -25.97 7.04 29.84
N LEU C 540 -25.61 8.33 29.70
CA LEU C 540 -24.22 8.65 29.41
C LEU C 540 -23.35 8.38 30.64
N ARG C 541 -23.88 8.65 31.83
CA ARG C 541 -23.14 8.47 33.07
C ARG C 541 -22.67 7.01 33.21
N LYS C 542 -23.54 6.06 32.83
CA LYS C 542 -23.17 4.66 32.97
C LYS C 542 -21.94 4.36 32.11
N VAL C 543 -21.88 4.91 30.88
CA VAL C 543 -20.69 4.75 30.06
C VAL C 543 -19.45 5.29 30.78
N LEU C 544 -19.52 6.52 31.30
CA LEU C 544 -18.29 7.15 31.80
C LEU C 544 -17.80 6.46 33.08
N ARG C 545 -18.72 5.91 33.88
CA ARG C 545 -18.35 5.24 35.13
C ARG C 545 -17.59 3.92 34.88
N ALA C 546 -18.02 3.15 33.87
CA ALA C 546 -17.41 1.87 33.50
C ALA C 546 -15.92 1.97 33.21
N GLY C 547 -15.41 3.16 32.82
CA GLY C 547 -14.00 3.28 32.41
C GLY C 547 -13.63 2.17 31.41
N SER C 548 -12.48 1.50 31.62
CA SER C 548 -12.16 0.32 30.81
C SER C 548 -12.31 -0.97 31.60
N SER C 549 -13.34 -1.06 32.45
CA SER C 549 -13.54 -2.29 33.21
C SER C 549 -14.14 -3.39 32.32
N ARG C 550 -15.06 -3.01 31.41
CA ARG C 550 -15.67 -3.94 30.47
C ARG C 550 -15.26 -3.68 29.03
N PRO C 551 -15.21 -4.76 28.20
CA PRO C 551 -15.01 -4.64 26.74
C PRO C 551 -15.90 -3.59 26.11
N TRP C 552 -15.29 -2.79 25.20
CA TRP C 552 -15.93 -1.61 24.64
C TRP C 552 -17.19 -2.07 23.88
N GLN C 553 -17.14 -3.31 23.36
CA GLN C 553 -18.19 -3.87 22.53
C GLN C 553 -19.44 -4.12 23.38
N GLU C 554 -19.22 -4.47 24.65
CA GLU C 554 -20.31 -4.72 25.57
C GLU C 554 -20.90 -3.41 26.10
N VAL C 555 -20.01 -2.47 26.45
CA VAL C 555 -20.43 -1.13 26.84
C VAL C 555 -21.27 -0.49 25.73
N LEU C 556 -20.83 -0.64 24.47
CA LEU C 556 -21.52 -0.06 23.34
C LEU C 556 -22.91 -0.69 23.18
N LYS C 557 -23.03 -2.03 23.22
CA LYS C 557 -24.35 -2.66 23.14
C LYS C 557 -25.31 -2.17 24.23
N ASP C 558 -24.81 -2.05 25.49
CA ASP C 558 -25.64 -1.56 26.58
C ASP C 558 -26.16 -0.15 26.29
N MET C 559 -25.33 0.68 25.63
CA MET C 559 -25.72 2.05 25.37
C MET C 559 -26.59 2.17 24.11
N VAL C 560 -26.23 1.50 22.99
CA VAL C 560 -26.89 1.82 21.73
C VAL C 560 -27.69 0.68 21.13
N GLY C 561 -27.58 -0.56 21.64
CA GLY C 561 -28.33 -1.67 21.07
C GLY C 561 -27.50 -2.59 20.15
N LEU C 562 -26.26 -2.20 19.85
CA LEU C 562 -25.45 -2.94 18.91
C LEU C 562 -24.03 -3.05 19.48
N ASP C 563 -23.23 -4.00 18.98
CA ASP C 563 -21.94 -4.22 19.62
C ASP C 563 -20.79 -3.89 18.67
N ALA C 564 -21.07 -3.08 17.64
CA ALA C 564 -20.01 -2.71 16.71
C ALA C 564 -20.22 -1.27 16.21
N LEU C 565 -19.11 -0.60 15.90
CA LEU C 565 -19.10 0.61 15.07
C LEU C 565 -20.04 0.41 13.90
N ASP C 566 -20.72 1.49 13.51
CA ASP C 566 -21.79 1.44 12.52
C ASP C 566 -21.97 2.83 11.92
N ALA C 567 -21.91 2.93 10.58
CA ALA C 567 -22.03 4.24 9.95
C ALA C 567 -23.50 4.70 9.75
N GLN C 568 -24.49 3.85 10.02
CA GLN C 568 -25.86 4.18 9.71
C GLN C 568 -26.29 5.47 10.41
N PRO C 569 -26.04 5.65 11.73
CA PRO C 569 -26.41 6.90 12.39
C PRO C 569 -25.89 8.16 11.71
N LEU C 570 -24.60 8.16 11.38
CA LEU C 570 -24.08 9.29 10.63
C LEU C 570 -24.83 9.49 9.30
N LEU C 571 -25.12 8.39 8.58
CA LEU C 571 -25.75 8.57 7.28
C LEU C 571 -27.16 9.17 7.45
N LYS C 572 -27.84 8.81 8.54
CA LYS C 572 -29.23 9.16 8.68
C LYS C 572 -29.27 10.65 9.07
N TYR C 573 -28.31 11.06 9.89
CA TYR C 573 -28.19 12.44 10.35
C TYR C 573 -28.02 13.35 9.13
N PHE C 574 -27.24 12.92 8.14
CA PHE C 574 -26.86 13.84 7.05
C PHE C 574 -27.72 13.71 5.80
N GLN C 575 -28.64 12.73 5.75
CA GLN C 575 -29.24 12.24 4.50
C GLN C 575 -29.87 13.34 3.61
N LEU C 576 -30.46 14.39 4.20
CA LEU C 576 -31.02 15.46 3.40
C LEU C 576 -29.93 16.20 2.60
N VAL C 577 -28.80 16.51 3.26
CA VAL C 577 -27.73 17.24 2.56
C VAL C 577 -26.99 16.27 1.61
N THR C 578 -26.92 14.97 1.95
CA THR C 578 -26.37 14.01 1.00
C THR C 578 -27.14 14.09 -0.35
N GLN C 579 -28.47 14.05 -0.30
CA GLN C 579 -29.31 14.07 -1.49
C GLN C 579 -29.15 15.40 -2.24
N TRP C 580 -29.24 16.50 -1.49
CA TRP C 580 -29.09 17.79 -2.13
C TRP C 580 -27.76 17.92 -2.89
N LEU C 581 -26.61 17.49 -2.30
CA LEU C 581 -25.30 17.70 -2.90
C LEU C 581 -25.15 16.94 -4.24
N GLN C 582 -25.71 15.72 -4.31
CA GLN C 582 -25.59 14.93 -5.53
C GLN C 582 -26.33 15.64 -6.66
N GLU C 583 -27.60 16.00 -6.34
CA GLU C 583 -28.46 16.71 -7.26
C GLU C 583 -27.71 17.93 -7.77
N GLN C 584 -27.12 18.77 -6.90
CA GLN C 584 -26.38 19.96 -7.33
C GLN C 584 -25.21 19.61 -8.27
N ASN C 585 -24.44 18.58 -7.90
CA ASN C 585 -23.31 18.15 -8.71
C ASN C 585 -23.74 17.65 -10.09
N GLN C 586 -24.81 16.83 -10.19
CA GLN C 586 -25.38 16.44 -11.46
C GLN C 586 -25.74 17.64 -12.32
N GLN C 587 -26.45 18.59 -11.76
CA GLN C 587 -26.84 19.74 -12.57
C GLN C 587 -25.64 20.51 -13.08
N ASN C 588 -24.55 20.56 -12.30
CA ASN C 588 -23.40 21.30 -12.79
C ASN C 588 -22.49 20.43 -13.66
N GLY C 589 -22.91 19.18 -13.90
CA GLY C 589 -22.09 18.21 -14.61
C GLY C 589 -20.68 18.01 -14.04
N GLU C 590 -20.52 17.96 -12.71
CA GLU C 590 -19.20 17.74 -12.12
C GLU C 590 -18.68 16.32 -12.44
N VAL C 591 -17.35 16.15 -12.39
CA VAL C 591 -16.77 14.81 -12.31
C VAL C 591 -16.52 14.50 -10.83
N LEU C 592 -17.08 13.41 -10.28
CA LEU C 592 -16.73 13.05 -8.91
C LEU C 592 -15.33 12.40 -8.84
N GLY C 593 -14.52 12.76 -7.86
CA GLY C 593 -13.15 12.27 -7.78
C GLY C 593 -12.19 13.24 -8.47
N TRP C 594 -10.99 12.73 -8.72
CA TRP C 594 -9.92 13.55 -9.26
C TRP C 594 -9.08 12.73 -10.24
N PRO C 595 -9.64 12.37 -11.42
CA PRO C 595 -8.88 11.53 -12.36
C PRO C 595 -7.57 12.17 -12.85
N GLU C 596 -7.46 13.52 -12.79
CA GLU C 596 -6.21 14.16 -13.14
C GLU C 596 -5.28 14.21 -11.91
N TYR C 597 -4.79 13.00 -11.50
CA TYR C 597 -4.13 12.80 -10.22
C TYR C 597 -2.74 13.45 -10.17
N GLN C 598 -2.10 13.67 -11.33
CA GLN C 598 -0.75 14.21 -11.38
C GLN C 598 -0.75 15.74 -11.29
N TRP C 599 -1.91 16.40 -11.42
CA TRP C 599 -1.94 17.86 -11.52
C TRP C 599 -1.52 18.58 -10.22
N HIS C 600 -0.69 19.64 -10.39
CA HIS C 600 -0.31 20.62 -9.36
C HIS C 600 -0.53 22.04 -9.88
N PRO C 601 -0.97 23.05 -9.06
CA PRO C 601 -1.19 24.43 -9.55
C PRO C 601 0.14 25.11 -9.89
N PRO C 602 0.21 26.21 -10.68
CA PRO C 602 1.48 26.93 -10.87
C PRO C 602 1.74 27.86 -9.68
N LEU C 603 2.97 28.38 -9.49
CA LEU C 603 3.24 29.45 -8.52
C LEU C 603 2.55 30.74 -8.97
N PRO C 604 2.06 31.62 -8.07
CA PRO C 604 1.79 33.02 -8.44
C PRO C 604 3.01 33.79 -8.97
N ASP C 605 2.79 34.79 -9.83
CA ASP C 605 3.87 35.62 -10.37
C ASP C 605 4.74 36.22 -9.26
N ASN C 606 6.07 36.14 -9.47
CA ASN C 606 7.08 36.66 -8.55
C ASN C 606 6.71 36.37 -7.08
N TYR C 607 6.53 35.07 -6.76
CA TYR C 607 6.42 34.59 -5.38
C TYR C 607 7.84 34.27 -4.87
N PRO C 608 8.21 34.57 -3.61
CA PRO C 608 7.31 35.00 -2.54
C PRO C 608 7.00 36.49 -2.33
N VAL D 1 -7.70 15.95 23.53
CA VAL D 1 -6.71 16.54 22.58
C VAL D 1 -7.48 16.59 21.27
N PRO D 2 -7.76 17.79 20.70
CA PRO D 2 -8.61 17.89 19.51
C PRO D 2 -7.92 17.15 18.34
N PRO D 3 -8.68 16.74 17.31
CA PRO D 3 -8.04 16.27 16.07
C PRO D 3 -7.19 17.36 15.42
C1 NAG E . -6.16 -17.44 -41.60
C2 NAG E . -5.76 -18.47 -42.67
C3 NAG E . -6.79 -18.47 -43.80
C4 NAG E . -8.21 -18.75 -43.27
C5 NAG E . -8.55 -17.74 -42.17
C6 NAG E . -9.84 -18.13 -41.48
C7 NAG E . -3.35 -19.14 -42.99
C8 NAG E . -3.59 -20.40 -42.22
N2 NAG E . -4.40 -18.30 -43.15
O3 NAG E . -6.46 -19.46 -44.77
O4 NAG E . -9.17 -18.62 -44.34
O5 NAG E . -7.51 -17.65 -41.16
O6 NAG E . -10.30 -17.09 -40.60
O7 NAG E . -2.24 -18.87 -43.45
C1 NAG E . -9.80 -19.74 -44.86
C2 NAG E . -11.10 -19.29 -45.56
C3 NAG E . -11.80 -20.51 -46.19
C4 NAG E . -10.87 -21.32 -47.12
C5 NAG E . -9.51 -21.56 -46.44
C6 NAG E . -8.48 -22.05 -47.44
C7 NAG E . -12.34 -17.26 -44.72
C8 NAG E . -11.62 -16.36 -45.68
N2 NAG E . -12.00 -18.56 -44.69
O3 NAG E . -12.90 -20.05 -46.95
O4 NAG E . -11.49 -22.55 -47.48
O5 NAG E . -8.99 -20.35 -45.85
O6 NAG E . -7.82 -20.94 -48.08
O7 NAG E . -13.21 -16.82 -43.97
C1 NAG F . 8.93 28.58 34.19
C2 NAG F . 8.55 29.33 35.46
C3 NAG F . 9.81 29.93 36.14
C4 NAG F . 10.99 28.97 36.26
C5 NAG F . 11.20 28.18 34.97
C6 NAG F . 12.10 26.96 35.14
C7 NAG F . 7.46 31.46 34.85
C8 NAG F . 6.51 32.39 35.57
N2 NAG F . 7.39 30.18 35.23
O3 NAG F . 9.45 30.36 37.44
O4 NAG F . 12.18 29.71 36.59
O5 NAG F . 9.93 27.63 34.53
O6 NAG F . 12.80 26.65 33.92
O7 NAG F . 8.27 31.87 34.02
C1 NAG F . 12.98 29.38 37.70
C2 NAG F . 14.42 29.88 37.47
C3 NAG F . 15.16 30.24 38.75
C4 NAG F . 14.25 30.80 39.85
C5 NAG F . 13.13 29.78 40.08
C6 NAG F . 12.24 30.12 41.25
C7 NAG F . 15.78 29.16 35.50
C8 NAG F . 16.10 27.95 34.67
N2 NAG F . 15.23 28.95 36.72
O3 NAG F . 16.21 31.15 38.47
O4 NAG F . 14.97 31.06 41.07
O5 NAG F . 12.30 29.78 38.89
O6 NAG F . 11.28 31.09 40.85
O7 NAG F . 15.97 30.30 35.08
C1 NAG G . 40.48 -16.68 -15.56
C2 NAG G . 40.05 -18.14 -15.61
C3 NAG G . 39.59 -18.62 -14.23
C4 NAG G . 40.64 -18.33 -13.18
C5 NAG G . 40.85 -16.83 -13.15
C6 NAG G . 41.88 -16.36 -12.15
C7 NAG G . 38.93 -18.78 -17.65
C8 NAG G . 37.67 -18.69 -18.46
N2 NAG G . 38.88 -18.19 -16.47
O3 NAG G . 39.19 -19.97 -14.24
O4 NAG G . 40.20 -18.76 -11.90
O5 NAG G . 41.34 -16.44 -14.45
O6 NAG G . 43.01 -17.30 -12.16
O7 NAG G . 39.96 -19.32 -18.03
C1 NAG G . 40.96 -19.68 -11.17
C2 NAG G . 40.44 -19.63 -9.74
C3 NAG G . 41.18 -20.64 -8.88
C4 NAG G . 41.02 -22.06 -9.45
C5 NAG G . 41.43 -22.08 -10.93
C6 NAG G . 41.00 -23.36 -11.62
C7 NAG G . 39.34 -17.76 -8.59
C8 NAG G . 38.21 -18.64 -8.11
N2 NAG G . 40.45 -18.36 -9.04
O3 NAG G . 40.60 -20.50 -7.58
O4 NAG G . 41.84 -23.01 -8.74
O5 NAG G . 40.82 -20.99 -11.68
O6 NAG G . 41.26 -23.29 -13.03
O7 NAG G . 39.24 -16.55 -8.61
C1 BMA G . 41.33 -24.23 -8.25
C2 BMA G . 42.20 -25.47 -8.59
C3 BMA G . 41.78 -26.75 -7.82
C4 BMA G . 41.31 -26.48 -6.38
C5 BMA G . 40.38 -25.25 -6.32
C6 BMA G . 39.89 -24.83 -4.95
O2 BMA G . 43.60 -25.19 -8.44
O3 BMA G . 42.82 -27.73 -7.85
O4 BMA G . 40.61 -27.65 -5.90
O5 BMA G . 41.11 -24.13 -6.84
O6 BMA G . 39.21 -23.55 -5.04
C1 FUC G . 44.36 -17.30 -10.99
C2 FUC G . 45.39 -18.32 -11.46
C3 FUC G . 46.13 -17.82 -12.73
C4 FUC G . 46.71 -16.45 -12.43
C5 FUC G . 45.53 -15.51 -12.26
C6 FUC G . 45.98 -14.11 -11.91
O2 FUC G . 44.73 -19.58 -11.63
O3 FUC G . 47.16 -18.69 -13.18
O4 FUC G . 47.43 -16.56 -11.20
O5 FUC G . 44.73 -15.92 -11.12
C1 NAG H . -39.43 21.12 11.78
C2 NAG H . -39.84 20.54 13.13
C3 NAG H . -39.84 19.02 13.05
C4 NAG H . -40.86 18.57 12.02
C5 NAG H . -40.41 19.15 10.66
C6 NAG H . -41.35 18.81 9.51
C7 NAG H . -39.54 22.16 14.97
C8 NAG H . -40.73 22.11 15.90
N2 NAG H . -39.20 21.02 14.35
O3 NAG H . -40.09 18.45 14.32
O4 NAG H . -40.99 17.14 11.97
O5 NAG H . -40.31 20.59 10.76
O6 NAG H . -40.85 19.31 8.26
O7 NAG H . -38.91 23.20 14.77
C1 NAG H . -41.94 16.37 12.64
C2 NAG H . -41.86 14.89 12.27
C3 NAG H . -42.99 14.12 12.97
C4 NAG H . -43.04 14.39 14.47
C5 NAG H . -42.98 15.89 14.75
C6 NAG H . -42.85 16.22 16.23
C7 NAG H . -40.73 15.06 10.07
C8 NAG H . -41.01 15.65 8.72
N2 NAG H . -41.78 14.69 10.84
O3 NAG H . -42.86 12.73 12.74
O4 NAG H . -44.26 13.82 15.05
O5 NAG H . -41.87 16.50 14.06
O6 NAG H . -41.67 16.98 16.49
O7 NAG H . -39.57 14.90 10.44
C1 BMA H . -44.19 12.84 16.04
C2 BMA H . -45.48 12.63 16.88
C3 BMA H . -45.36 11.48 17.89
C4 BMA H . -44.85 10.22 17.19
C5 BMA H . -43.52 10.56 16.45
C6 BMA H . -42.84 9.39 15.74
O2 BMA H . -46.58 12.37 16.00
O3 BMA H . -46.58 11.19 18.56
O4 BMA H . -44.66 9.17 18.15
O5 BMA H . -43.79 11.59 15.46
O6 BMA H . -42.90 9.59 14.33
C1 NAG I . -6.16 13.25 -19.75
C2 NAG I . -7.21 14.35 -19.80
C3 NAG I . -7.85 14.43 -21.19
C4 NAG I . -6.74 14.74 -22.20
C5 NAG I . -5.75 13.59 -22.09
C6 NAG I . -4.64 13.69 -23.12
C7 NAG I . -9.06 13.34 -18.65
C8 NAG I . -10.06 13.43 -17.53
N2 NAG I . -8.13 14.27 -18.68
O3 NAG I . -8.86 15.43 -21.26
O4 NAG I . -7.19 14.88 -23.55
O5 NAG I . -5.18 13.56 -20.74
O6 NAG I . -4.00 14.92 -22.96
O7 NAG I . -9.08 12.45 -19.48
C1 FUC I . -2.79 14.73 -22.28
C2 FUC I . -1.63 15.27 -23.16
C3 FUC I . -0.57 15.93 -22.29
C4 FUC I . -1.20 17.10 -21.44
C5 FUC I . -2.67 16.85 -21.09
C6 FUC I . -3.10 17.48 -19.78
O2 FUC I . -2.07 16.10 -24.25
O3 FUC I . 0.00 14.82 -21.58
O4 FUC I . -0.49 17.55 -20.27
O5 FUC I . -2.90 15.42 -21.01
C1 NAG J . 14.21 19.93 -2.32
C2 NAG J . 15.50 19.99 -3.14
C3 NAG J . 16.32 21.20 -2.71
C4 NAG J . 15.49 22.48 -2.83
C5 NAG J . 14.26 22.33 -1.94
C6 NAG J . 13.29 23.50 -1.98
C7 NAG J . 16.73 18.07 -2.11
C8 NAG J . 17.49 16.79 -2.38
N2 NAG J . 16.26 18.74 -3.17
O3 NAG J . 17.50 21.26 -3.50
O4 NAG J . 16.31 23.57 -2.41
O5 NAG J . 13.50 21.17 -2.39
O6 NAG J . 13.26 23.98 -3.29
O7 NAG J . 16.54 18.48 -0.98
C1 FUC J . 12.10 24.38 -3.98
C2 FUC J . 12.65 25.01 -5.27
C3 FUC J . 13.31 23.95 -6.19
C4 FUC J . 12.33 22.84 -6.47
C5 FUC J . 12.06 22.24 -5.10
C6 FUC J . 11.39 20.90 -5.06
O2 FUC J . 13.70 25.90 -4.90
O3 FUC J . 13.90 24.46 -7.38
O4 FUC J . 11.15 23.45 -7.01
O5 FUC J . 11.32 23.22 -4.31
ZN ZN K . 8.58 -18.14 -20.61
CL CL L . 3.09 -17.33 -11.18
C1 PEG M . -9.10 -26.04 -1.18
O1 PEG M . -7.91 -25.87 -1.86
C2 PEG M . -9.88 -24.81 -1.30
O2 PEG M . -8.97 -23.74 -1.57
C3 PEG M . -9.55 -22.46 -1.35
C4 PEG M . -9.45 -22.07 0.08
O4 PEG M . -8.33 -21.28 0.29
C1 EDO N . -3.75 -24.53 -22.22
O1 EDO N . -3.52 -25.18 -20.98
C2 EDO N . -5.15 -24.68 -22.73
O2 EDO N . -5.39 -23.90 -23.91
C1 EDO O . 0.11 -23.97 -13.36
O1 EDO O . -1.10 -23.30 -13.75
C2 EDO O . 0.52 -23.73 -11.96
O2 EDO O . 0.02 -24.61 -10.96
C1 PEG P . 31.67 5.95 -18.87
O1 PEG P . 32.94 5.49 -19.37
C2 PEG P . 30.74 4.84 -18.35
O2 PEG P . 29.61 5.43 -17.67
C3 PEG P . 30.02 6.00 -16.42
C4 PEG P . 28.98 6.85 -15.70
O4 PEG P . 29.64 8.00 -15.15
O1 PG4 Q . -2.11 -32.52 -35.93
C1 PG4 Q . -1.93 -31.48 -34.99
C2 PG4 Q . -1.87 -30.16 -35.64
O2 PG4 Q . -1.60 -29.16 -34.65
C3 PG4 Q . -2.65 -28.21 -34.52
C4 PG4 Q . -3.27 -27.89 -35.86
O3 PG4 Q . -2.34 -27.10 -36.59
C5 PG4 Q . -2.21 -27.46 -37.96
C6 PG4 Q . -1.02 -26.73 -38.55
O4 PG4 Q . -0.03 -27.69 -38.91
C7 PG4 Q . 0.53 -27.50 -40.21
C8 PG4 Q . 2.03 -27.29 -40.13
O5 PG4 Q . 2.73 -28.51 -39.94
C1 PEG R . -3.56 -21.78 -24.71
O1 PEG R . -4.45 -20.93 -23.98
C2 PEG R . -2.12 -21.39 -24.55
O2 PEG R . -1.28 -22.55 -24.46
C3 PEG R . 0.02 -22.36 -25.03
C4 PEG R . 0.91 -21.41 -24.22
O4 PEG R . 0.81 -20.07 -24.70
C1 PGE S . 2.26 -20.21 -20.93
O1 PGE S . 2.13 -19.34 -19.78
C2 PGE S . 2.76 -21.61 -20.60
O2 PGE S . 3.80 -21.56 -19.62
C3 PGE S . 4.64 -22.70 -19.61
C4 PGE S . 4.14 -23.72 -18.63
O4 PGE S . 0.82 -25.29 -16.57
C6 PGE S . 1.09 -25.36 -17.96
C5 PGE S . 2.56 -25.43 -18.23
O3 PGE S . 2.98 -24.40 -19.13
ZN ZN T . -9.28 14.99 22.72
CL CL U . -6.00 5.11 19.25
C1 PEG V . -0.06 -10.33 20.55
O1 PEG V . 0.20 -11.48 19.77
C2 PEG V . 1.20 -9.65 21.02
O2 PEG V . 1.56 -10.09 22.31
C3 PEG V . 1.29 -9.16 23.35
C4 PEG V . 0.19 -9.68 24.18
O4 PEG V . 0.69 -10.42 25.26
N1 BCN W . 0.35 21.23 40.69
C1 BCN W . 0.80 22.61 41.12
C2 BCN W . 0.37 23.88 40.34
O21 BCN W . 1.09 24.29 39.40
O22 BCN W . -0.65 24.46 40.73
C3 BCN W . 0.25 20.27 41.80
C4 BCN W . -1.03 20.20 42.60
O4 BCN W . -0.75 19.98 43.98
C5 BCN W . 1.19 20.64 39.63
C6 BCN W . 1.97 21.64 38.84
O6 BCN W . 3.20 21.11 38.40
C1 PEG X . -1.16 15.57 27.73
O1 PEG X . -0.64 15.35 26.43
C2 PEG X . -2.55 15.01 27.85
O2 PEG X . -2.59 14.16 28.99
C3 PEG X . -1.50 14.37 29.88
C4 PEG X . -0.99 13.09 30.48
O4 PEG X . 0.42 13.00 30.40
MG MG Y . -11.64 25.27 12.26
O1 PG4 Z . 2.12 0.82 4.32
C1 PG4 Z . 1.15 1.87 3.98
C2 PG4 Z . 1.75 3.27 3.73
O2 PG4 Z . 1.13 3.97 2.64
C3 PG4 Z . 1.55 3.58 1.33
C4 PG4 Z . 0.43 2.92 0.49
O3 PG4 Z . 0.94 2.50 -0.78
C5 PG4 Z . 0.23 1.41 -1.33
C6 PG4 Z . -0.29 1.78 -2.68
O4 PG4 Z . -0.01 0.71 -3.59
C7 PG4 Z . -1.16 0.09 -4.16
C8 PG4 Z . -0.77 -1.21 -4.85
O5 PG4 Z . -1.25 -2.37 -4.15
OH2 1PE AA . -20.09 39.50 29.56
C12 1PE AA . -20.37 38.66 30.70
C22 1PE AA . -19.89 39.22 32.04
OH3 1PE AA . -20.14 38.29 33.10
C13 1PE AA . -19.29 36.69 34.67
C23 1PE AA . -18.95 37.66 33.59
OH4 1PE AA . -18.18 35.81 34.91
C14 1PE AA . -16.78 35.24 36.87
C24 1PE AA . -17.16 36.28 35.82
OH5 1PE AA . -17.96 34.63 37.44
C15 1PE AA . -18.54 32.41 38.36
C25 1PE AA . -17.70 33.69 38.47
OH6 1PE AA . -19.57 32.52 37.37
C16 1PE AA . -21.38 31.47 36.17
C26 1PE AA . -20.45 31.40 37.37
OH7 1PE AA . -21.09 32.54 35.29
OH2 1PE BA . -23.18 31.96 32.07
C12 1PE BA . -23.16 30.76 32.88
C22 1PE BA . -24.15 29.68 32.43
OH3 1PE BA . -24.82 30.09 31.23
C13 1PE BA . -26.50 29.87 29.53
C23 1PE BA . -26.00 29.39 30.89
OH4 1PE BA . -26.23 31.27 29.41
C14 1PE BA . -25.29 32.67 27.64
C24 1PE BA . -26.51 31.85 28.13
OH5 1PE BA . -24.98 33.80 28.46
C15 1PE BA . -22.54 33.63 28.64
C25 1PE BA . -23.87 33.63 29.36
OH6 1PE BA . -22.12 34.95 28.35
C16 1PE BA . -22.44 37.03 27.14
C26 1PE BA . -23.01 35.67 27.49
OH7 1PE BA . -21.31 37.39 27.96
C1 PEG CA . -6.07 11.38 25.93
O1 PEG CA . -4.96 12.18 25.63
C2 PEG CA . -6.04 10.95 27.35
O2 PEG CA . -7.29 10.39 27.73
C3 PEG CA . -7.18 9.08 28.28
C4 PEG CA . -6.46 9.10 29.58
O4 PEG CA . -5.82 7.86 29.83
#